data_4Y42
#
_entry.id   4Y42
#
_cell.length_a   82.549
_cell.length_b   82.456
_cell.length_c   87.985
_cell.angle_alpha   98.56
_cell.angle_beta   117.38
_cell.angle_gamma   110.46
#
_symmetry.space_group_name_H-M   'P 1'
#
loop_
_entity.id
_entity.type
_entity.pdbx_description
1 polymer 'Cyanate hydratase'
2 non-polymer GLYCEROL
3 water water
#
_entity_poly.entity_id   1
_entity_poly.type   'polypeptide(L)'
_entity_poly.pdbx_seq_one_letter_code
;MTQSLHYSSPRETLTDTIMMAKIRKNLTFEAINQGTGLSLAFVTAALLGQHPLPEQAARVVAEKLDLDEDAIRLLQTIPL
RGSIPGGVPTDPTIYRFYEMVQIYGSTLKALVHEQFGDGIISAINFKLDIKKVPDPDGGERAVITLDGKYLPTKPF
;
_entity_poly.pdbx_strand_id   A,B,C,D,E,F,G,H,I,J
#
loop_
_chem_comp.id
_chem_comp.type
_chem_comp.name
_chem_comp.formula
GOL non-polymer GLYCEROL 'C3 H8 O3'
#
# COMPACT_ATOMS: atom_id res chain seq x y z
N THR A 2 -15.11 14.01 -30.93
CA THR A 2 -13.79 13.95 -30.29
C THR A 2 -13.54 12.57 -29.66
N GLN A 3 -12.37 12.02 -29.94
CA GLN A 3 -11.99 10.67 -29.52
C GLN A 3 -11.40 10.68 -28.12
N SER A 4 -11.42 9.52 -27.46
CA SER A 4 -10.82 9.40 -26.14
C SER A 4 -10.20 8.02 -25.89
N LEU A 5 -9.26 7.97 -24.94
CA LEU A 5 -8.59 6.74 -24.53
C LEU A 5 -8.76 6.49 -23.04
N HIS A 6 -8.92 5.23 -22.65
CA HIS A 6 -9.10 4.85 -21.25
C HIS A 6 -7.84 4.24 -20.63
N TYR A 7 -6.74 4.27 -21.36
CA TYR A 7 -5.47 3.76 -20.89
C TYR A 7 -4.38 4.71 -21.42
N SER A 8 -3.24 4.78 -20.75
CA SER A 8 -2.29 5.85 -21.01
C SER A 8 -1.13 5.52 -21.96
N SER A 9 -0.79 4.24 -22.12
CA SER A 9 0.42 3.88 -22.89
C SER A 9 0.57 4.53 -24.29
N PRO A 10 -0.49 4.56 -25.12
CA PRO A 10 -0.22 5.18 -26.44
C PRO A 10 0.11 6.66 -26.34
N ARG A 11 -0.49 7.32 -25.36
CA ARG A 11 -0.24 8.73 -25.14
C ARG A 11 1.12 8.94 -24.48
N GLU A 12 1.56 7.98 -23.68
CA GLU A 12 2.89 8.05 -23.09
C GLU A 12 3.94 7.86 -24.17
N THR A 13 3.64 7.01 -25.15
CA THR A 13 4.53 6.84 -26.29
C THR A 13 4.63 8.13 -27.14
N LEU A 14 3.49 8.76 -27.38
CA LEU A 14 3.51 10.03 -28.09
C LEU A 14 4.32 11.07 -27.34
N THR A 15 4.08 11.15 -26.03
CA THR A 15 4.78 12.10 -25.17
C THR A 15 6.30 11.87 -25.25
N ASP A 16 6.72 10.62 -25.26
CA ASP A 16 8.15 10.34 -25.39
C ASP A 16 8.69 10.79 -26.75
N THR A 17 7.92 10.55 -27.80
CA THR A 17 8.30 11.01 -29.13
C THR A 17 8.44 12.53 -29.18
N ILE A 18 7.47 13.21 -28.61
CA ILE A 18 7.49 14.67 -28.54
C ILE A 18 8.71 15.22 -27.77
N MET A 19 9.00 14.61 -26.62
CA MET A 19 10.11 15.06 -25.79
C MET A 19 11.45 14.82 -26.47
N MET A 20 11.58 13.68 -27.16
CA MET A 20 12.83 13.35 -27.83
C MET A 20 13.11 14.34 -28.97
N ALA A 21 12.05 14.79 -29.63
CA ALA A 21 12.19 15.78 -30.70
C ALA A 21 12.48 17.16 -30.11
N LYS A 22 11.81 17.48 -29.01
CA LYS A 22 12.04 18.75 -28.35
C LYS A 22 13.50 18.83 -27.87
N ILE A 23 14.01 17.75 -27.31
CA ILE A 23 15.37 17.75 -26.80
C ILE A 23 16.36 17.80 -27.97
N ARG A 24 16.04 17.07 -29.04
CA ARG A 24 16.89 16.99 -30.22
C ARG A 24 17.07 18.36 -30.88
N LYS A 25 15.97 19.09 -31.02
CA LYS A 25 15.96 20.41 -31.64
C LYS A 25 16.24 21.52 -30.62
N ASN A 26 16.40 21.13 -29.36
CA ASN A 26 16.61 22.09 -28.28
C ASN A 26 15.57 23.20 -28.28
N LEU A 27 14.30 22.82 -28.40
CA LEU A 27 13.19 23.77 -28.37
C LEU A 27 12.72 24.04 -26.94
N THR A 28 12.01 25.14 -26.75
CA THR A 28 11.32 25.38 -25.49
C THR A 28 9.82 25.18 -25.69
N PHE A 29 9.09 24.98 -24.61
CA PHE A 29 7.64 24.88 -24.71
C PHE A 29 7.06 26.20 -25.20
N GLU A 30 7.60 27.31 -24.73
CA GLU A 30 7.17 28.61 -25.20
C GLU A 30 7.31 28.72 -26.73
N ALA A 31 8.43 28.27 -27.27
CA ALA A 31 8.62 28.32 -28.73
C ALA A 31 7.62 27.40 -29.42
N ILE A 32 7.40 26.22 -28.83
CA ILE A 32 6.52 25.23 -29.41
C ILE A 32 5.08 25.76 -29.42
N ASN A 33 4.77 26.54 -28.39
CA ASN A 33 3.42 27.11 -28.21
C ASN A 33 3.07 28.33 -29.08
N GLN A 34 4.08 28.96 -29.67
N GLN A 34 4.08 28.95 -29.70
CA GLN A 34 3.85 30.11 -30.55
CA GLN A 34 3.85 30.12 -30.55
C GLN A 34 2.83 29.80 -31.65
C GLN A 34 2.84 29.82 -31.66
N GLY A 35 1.73 30.55 -31.67
CA GLY A 35 0.74 30.42 -32.74
C GLY A 35 -0.31 29.33 -32.59
N THR A 36 -0.38 28.71 -31.42
CA THR A 36 -1.41 27.71 -31.15
C THR A 36 -2.73 28.34 -30.80
N GLY A 37 -2.70 29.61 -30.43
CA GLY A 37 -3.88 30.31 -29.95
C GLY A 37 -4.32 29.85 -28.57
N LEU A 38 -3.42 29.21 -27.85
CA LEU A 38 -3.70 28.68 -26.52
C LEU A 38 -2.62 29.05 -25.50
N SER A 39 -2.96 29.00 -24.22
CA SER A 39 -2.01 29.36 -23.17
C SER A 39 -0.92 28.29 -22.98
N LEU A 40 0.23 28.72 -22.48
CA LEU A 40 1.40 27.86 -22.33
C LEU A 40 1.15 26.64 -21.43
N ALA A 41 0.44 26.83 -20.33
CA ALA A 41 0.22 25.74 -19.38
C ALA A 41 -0.71 24.68 -19.96
N PHE A 42 -1.68 25.10 -20.76
CA PHE A 42 -2.61 24.14 -21.32
C PHE A 42 -1.93 23.29 -22.38
N VAL A 43 -1.18 23.94 -23.26
CA VAL A 43 -0.54 23.22 -24.35
C VAL A 43 0.60 22.33 -23.85
N THR A 44 1.32 22.80 -22.83
CA THR A 44 2.40 21.99 -22.25
C THR A 44 1.77 20.73 -21.65
N ALA A 45 0.70 20.90 -20.88
CA ALA A 45 -0.06 19.77 -20.31
C ALA A 45 -0.48 18.76 -21.39
N ALA A 46 -0.97 19.25 -22.51
CA ALA A 46 -1.38 18.39 -23.61
C ALA A 46 -0.20 17.66 -24.22
N LEU A 47 0.89 18.39 -24.48
CA LEU A 47 2.09 17.74 -24.98
C LEU A 47 2.56 16.65 -24.02
N LEU A 48 2.32 16.84 -22.74
CA LEU A 48 2.78 15.87 -21.75
C LEU A 48 1.70 14.82 -21.46
N GLY A 49 0.65 14.80 -22.28
CA GLY A 49 -0.30 13.71 -22.25
C GLY A 49 -1.53 13.90 -21.38
N GLN A 50 -1.78 15.13 -20.94
CA GLN A 50 -2.87 15.37 -19.98
C GLN A 50 -4.10 16.06 -20.56
N HIS A 51 -4.03 16.44 -21.84
CA HIS A 51 -5.13 17.15 -22.49
C HIS A 51 -5.18 16.87 -23.99
N PRO A 52 -6.38 16.96 -24.58
CA PRO A 52 -6.41 16.95 -26.04
C PRO A 52 -6.11 18.34 -26.58
N LEU A 53 -5.55 18.41 -27.77
CA LEU A 53 -5.49 19.68 -28.49
C LEU A 53 -6.56 19.71 -29.59
N PRO A 54 -7.18 20.88 -29.80
CA PRO A 54 -7.98 21.08 -31.01
C PRO A 54 -7.10 20.87 -32.23
N GLU A 55 -7.70 20.47 -33.35
CA GLU A 55 -6.94 20.05 -34.51
C GLU A 55 -5.87 21.05 -34.97
N GLN A 56 -6.23 22.33 -35.13
CA GLN A 56 -5.25 23.27 -35.69
C GLN A 56 -4.06 23.49 -34.76
N ALA A 57 -4.31 23.65 -33.46
CA ALA A 57 -3.21 23.72 -32.51
C ALA A 57 -2.33 22.46 -32.63
N ALA A 58 -2.96 21.29 -32.73
CA ALA A 58 -2.23 20.04 -32.89
C ALA A 58 -1.28 20.09 -34.11
N ARG A 59 -1.77 20.61 -35.21
CA ARG A 59 -0.97 20.70 -36.42
C ARG A 59 0.18 21.70 -36.27
N VAL A 60 -0.07 22.81 -35.57
CA VAL A 60 0.97 23.82 -35.35
C VAL A 60 2.14 23.21 -34.57
N VAL A 61 1.86 22.44 -33.51
CA VAL A 61 2.95 21.91 -32.70
C VAL A 61 3.62 20.77 -33.46
N ALA A 62 2.83 20.02 -34.23
CA ALA A 62 3.34 18.89 -35.00
C ALA A 62 4.32 19.33 -36.09
N GLU A 63 4.07 20.47 -36.72
CA GLU A 63 4.98 21.02 -37.71
C GLU A 63 6.34 21.29 -37.07
N LYS A 64 6.33 21.79 -35.84
CA LYS A 64 7.57 22.17 -35.17
C LYS A 64 8.33 20.95 -34.66
N LEU A 65 7.64 19.85 -34.44
CA LEU A 65 8.25 18.67 -33.85
C LEU A 65 8.34 17.49 -34.82
N ASP A 66 7.97 17.73 -36.07
CA ASP A 66 7.98 16.68 -37.11
C ASP A 66 7.13 15.47 -36.77
N LEU A 67 5.92 15.67 -36.26
CA LEU A 67 5.03 14.55 -35.98
C LEU A 67 4.18 14.24 -37.20
N ASP A 68 3.94 12.96 -37.47
CA ASP A 68 3.07 12.58 -38.59
C ASP A 68 1.59 12.63 -38.24
N GLU A 69 0.76 12.17 -39.16
CA GLU A 69 -0.69 12.32 -39.01
C GLU A 69 -1.26 11.42 -37.93
N ASP A 70 -0.67 10.25 -37.72
CA ASP A 70 -1.13 9.38 -36.63
C ASP A 70 -0.88 10.07 -35.28
N ALA A 71 0.24 10.78 -35.18
CA ALA A 71 0.53 11.56 -33.98
C ALA A 71 -0.45 12.70 -33.82
N ILE A 72 -0.75 13.38 -34.92
CA ILE A 72 -1.68 14.51 -34.91
C ILE A 72 -3.09 14.07 -34.50
N ARG A 73 -3.54 12.92 -35.01
CA ARG A 73 -4.80 12.33 -34.56
C ARG A 73 -4.78 12.02 -33.06
N LEU A 74 -3.69 11.41 -32.60
CA LEU A 74 -3.56 11.02 -31.21
C LEU A 74 -3.48 12.24 -30.26
N LEU A 75 -2.83 13.30 -30.73
CA LEU A 75 -2.77 14.55 -29.97
C LEU A 75 -4.14 15.16 -29.72
N GLN A 76 -5.12 14.79 -30.54
CA GLN A 76 -6.47 15.30 -30.43
C GLN A 76 -7.38 14.42 -29.58
N THR A 77 -6.85 13.34 -29.03
CA THR A 77 -7.70 12.46 -28.25
C THR A 77 -7.70 12.87 -26.78
N ILE A 78 -8.84 12.72 -26.14
CA ILE A 78 -8.93 12.93 -24.70
C ILE A 78 -8.16 11.80 -24.04
N PRO A 79 -7.15 12.14 -23.23
CA PRO A 79 -6.38 11.08 -22.58
C PRO A 79 -6.95 10.57 -21.26
N LEU A 80 -6.39 9.47 -20.78
CA LEU A 80 -6.54 9.04 -19.40
C LEU A 80 -5.59 9.91 -18.57
N ARG A 81 -6.15 10.81 -17.79
CA ARG A 81 -5.33 11.82 -17.11
C ARG A 81 -4.69 11.32 -15.82
N GLY A 82 -3.59 11.96 -15.44
CA GLY A 82 -2.79 11.58 -14.29
C GLY A 82 -1.32 11.68 -14.69
N SER A 83 -0.56 12.56 -14.05
CA SER A 83 0.82 12.73 -14.51
C SER A 83 1.83 12.17 -13.50
N ILE A 84 1.35 11.63 -12.38
CA ILE A 84 2.25 11.10 -11.37
C ILE A 84 1.92 9.63 -11.13
N PRO A 85 2.68 8.74 -11.79
CA PRO A 85 2.45 7.30 -11.60
C PRO A 85 2.53 6.95 -10.14
N GLY A 86 1.52 6.24 -9.64
CA GLY A 86 1.49 5.86 -8.23
C GLY A 86 0.90 6.95 -7.35
N GLY A 87 0.71 8.14 -7.92
CA GLY A 87 0.12 9.24 -7.16
C GLY A 87 1.08 10.02 -6.26
N VAL A 88 2.13 9.36 -5.77
CA VAL A 88 3.10 9.98 -4.87
C VAL A 88 4.43 10.24 -5.59
N PRO A 89 4.80 11.51 -5.81
CA PRO A 89 6.02 11.82 -6.57
C PRO A 89 7.26 11.70 -5.68
N THR A 90 8.41 11.35 -6.26
CA THR A 90 9.65 11.43 -5.51
C THR A 90 10.52 12.57 -6.03
N ASP A 91 10.26 12.99 -7.26
CA ASP A 91 10.98 14.14 -7.81
C ASP A 91 10.70 15.37 -6.97
N PRO A 92 11.77 16.02 -6.46
CA PRO A 92 11.65 17.15 -5.54
C PRO A 92 10.81 18.30 -6.12
N THR A 93 10.94 18.60 -7.40
CA THR A 93 10.22 19.71 -8.01
C THR A 93 8.70 19.47 -7.89
N ILE A 94 8.28 18.29 -8.32
CA ILE A 94 6.86 17.93 -8.24
C ILE A 94 6.44 17.73 -6.79
N TYR A 95 7.28 17.08 -5.98
CA TYR A 95 6.93 16.84 -4.58
C TYR A 95 6.61 18.13 -3.82
N ARG A 96 7.29 19.23 -4.13
CA ARG A 96 7.04 20.48 -3.39
C ARG A 96 5.58 20.90 -3.54
N PHE A 97 5.02 20.73 -4.75
CA PHE A 97 3.62 21.09 -4.98
C PHE A 97 2.71 20.06 -4.27
N TYR A 98 3.06 18.80 -4.37
CA TYR A 98 2.41 17.77 -3.56
C TYR A 98 2.37 18.16 -2.07
N GLU A 99 3.51 18.64 -1.57
CA GLU A 99 3.64 18.98 -0.15
C GLU A 99 2.74 20.14 0.28
N MET A 100 2.61 21.17 -0.58
CA MET A 100 1.76 22.31 -0.28
C MET A 100 0.31 21.83 0.01
N VAL A 101 -0.16 20.86 -0.76
CA VAL A 101 -1.49 20.30 -0.54
C VAL A 101 -1.54 19.44 0.74
N GLN A 102 -0.50 18.65 0.98
CA GLN A 102 -0.44 17.86 2.23
C GLN A 102 -0.55 18.77 3.46
N ILE A 103 0.14 19.91 3.43
CA ILE A 103 0.16 20.79 4.59
C ILE A 103 -1.00 21.76 4.62
N TYR A 104 -1.41 22.31 3.49
CA TYR A 104 -2.47 23.32 3.53
C TYR A 104 -3.85 22.76 3.17
N GLY A 105 -3.93 21.44 3.00
CA GLY A 105 -5.18 20.80 2.62
C GLY A 105 -6.35 21.18 3.52
N SER A 106 -6.20 20.99 4.82
CA SER A 106 -7.30 21.28 5.74
C SER A 106 -7.62 22.78 5.79
N THR A 107 -6.59 23.60 5.66
CA THR A 107 -6.77 25.06 5.61
C THR A 107 -7.57 25.48 4.40
N LEU A 108 -7.28 24.86 3.26
CA LEU A 108 -7.99 25.20 2.04
C LEU A 108 -9.45 24.82 2.19
N LYS A 109 -9.70 23.65 2.74
CA LYS A 109 -11.07 23.18 2.98
C LYS A 109 -11.80 24.17 3.90
N ALA A 110 -11.19 24.46 5.05
CA ALA A 110 -11.79 25.33 6.04
C ALA A 110 -12.11 26.71 5.45
N LEU A 111 -11.20 27.30 4.69
CA LEU A 111 -11.44 28.64 4.16
C LEU A 111 -12.38 28.61 2.94
N VAL A 112 -12.40 27.51 2.20
CA VAL A 112 -13.40 27.41 1.13
C VAL A 112 -14.81 27.42 1.73
N HIS A 113 -15.01 26.66 2.80
CA HIS A 113 -16.34 26.57 3.42
C HIS A 113 -16.73 27.86 4.12
N GLU A 114 -15.76 28.55 4.70
CA GLU A 114 -16.04 29.85 5.31
C GLU A 114 -16.41 30.93 4.28
N GLN A 115 -15.65 31.01 3.19
CA GLN A 115 -15.82 32.13 2.25
C GLN A 115 -16.79 31.85 1.11
N PHE A 116 -17.04 30.57 0.83
CA PHE A 116 -17.93 30.20 -0.28
C PHE A 116 -19.14 29.42 0.23
N GLY A 117 -18.89 28.45 1.12
CA GLY A 117 -19.94 27.61 1.64
C GLY A 117 -19.64 26.13 1.41
N ASP A 118 -20.64 25.28 1.65
CA ASP A 118 -20.47 23.86 1.43
C ASP A 118 -20.33 23.61 -0.08
N GLY A 119 -19.39 22.74 -0.43
CA GLY A 119 -19.13 22.42 -1.82
C GLY A 119 -17.65 22.29 -2.14
N ILE A 120 -17.28 22.55 -3.39
CA ILE A 120 -15.88 22.42 -3.79
C ILE A 120 -15.44 23.59 -4.67
N ILE A 121 -14.13 23.78 -4.73
CA ILE A 121 -13.52 24.52 -5.81
C ILE A 121 -13.13 23.55 -6.92
N SER A 122 -13.70 23.73 -8.11
CA SER A 122 -13.56 22.78 -9.20
C SER A 122 -12.13 22.68 -9.73
N ALA A 123 -11.72 21.47 -10.11
CA ALA A 123 -10.45 21.27 -10.76
C ALA A 123 -10.67 21.13 -12.28
N ILE A 124 -11.90 21.32 -12.72
CA ILE A 124 -12.25 21.16 -14.14
C ILE A 124 -12.65 22.50 -14.80
N ASN A 125 -13.62 23.18 -14.20
CA ASN A 125 -13.87 24.58 -14.53
C ASN A 125 -12.75 25.33 -13.81
N PHE A 126 -11.62 25.45 -14.51
CA PHE A 126 -10.37 25.66 -13.81
C PHE A 126 -9.27 26.09 -14.76
N LYS A 127 -8.44 27.00 -14.28
CA LYS A 127 -7.31 27.50 -15.04
C LYS A 127 -6.12 27.54 -14.13
N LEU A 128 -4.96 27.20 -14.69
CA LEU A 128 -3.71 27.26 -13.96
C LEU A 128 -2.76 28.17 -14.75
N ASP A 129 -1.91 28.91 -14.05
CA ASP A 129 -0.79 29.55 -14.72
C ASP A 129 0.33 29.81 -13.74
N ILE A 130 1.55 29.81 -14.26
CA ILE A 130 2.71 30.10 -13.44
C ILE A 130 3.38 31.38 -13.94
N LYS A 131 3.75 32.21 -12.98
CA LYS A 131 4.40 33.48 -13.26
C LYS A 131 5.71 33.59 -12.49
N LYS A 132 6.73 34.12 -13.17
CA LYS A 132 7.98 34.42 -12.51
C LYS A 132 8.06 35.89 -12.07
N VAL A 133 8.35 36.12 -10.79
CA VAL A 133 8.47 37.49 -10.28
C VAL A 133 9.74 37.60 -9.44
N PRO A 134 10.37 38.79 -9.44
CA PRO A 134 11.58 38.98 -8.63
C PRO A 134 11.27 38.91 -7.14
N ASP A 135 12.23 38.44 -6.35
CA ASP A 135 12.11 38.48 -4.90
C ASP A 135 12.82 39.74 -4.37
N PRO A 136 12.13 40.56 -3.57
CA PRO A 136 12.71 41.81 -3.04
C PRO A 136 14.07 41.58 -2.38
N ASP A 137 14.20 40.48 -1.65
CA ASP A 137 15.46 40.15 -0.99
C ASP A 137 16.47 39.49 -1.95
N GLY A 138 16.18 39.53 -3.24
CA GLY A 138 17.06 38.90 -4.21
C GLY A 138 16.60 37.51 -4.62
N GLY A 139 16.98 37.12 -5.82
CA GLY A 139 16.54 35.85 -6.38
C GLY A 139 15.19 35.98 -7.05
N GLU A 140 14.49 34.86 -7.21
CA GLU A 140 13.25 34.83 -7.97
C GLU A 140 12.18 33.95 -7.31
N ARG A 141 10.93 34.27 -7.60
CA ARG A 141 9.81 33.55 -7.03
C ARG A 141 8.90 33.07 -8.15
N ALA A 142 8.26 31.94 -7.93
CA ALA A 142 7.21 31.50 -8.82
C ALA A 142 5.89 31.78 -8.15
N VAL A 143 4.97 32.39 -8.90
CA VAL A 143 3.61 32.59 -8.42
C VAL A 143 2.70 31.72 -9.28
N ILE A 144 2.16 30.68 -8.66
CA ILE A 144 1.26 29.76 -9.35
C ILE A 144 -0.17 30.10 -8.95
N THR A 145 -1.00 30.31 -9.95
CA THR A 145 -2.39 30.68 -9.73
C THR A 145 -3.33 29.52 -10.04
N LEU A 146 -4.11 29.12 -9.05
CA LEU A 146 -5.11 28.08 -9.21
C LEU A 146 -6.48 28.75 -9.19
N ASP A 147 -7.16 28.74 -10.33
CA ASP A 147 -8.37 29.52 -10.51
C ASP A 147 -9.54 28.59 -10.86
N GLY A 148 -10.32 28.23 -9.85
CA GLY A 148 -11.44 27.30 -10.03
C GLY A 148 -12.80 27.82 -9.61
N LYS A 149 -13.82 27.30 -10.28
CA LYS A 149 -15.21 27.66 -10.02
C LYS A 149 -15.69 27.05 -8.72
N TYR A 150 -16.39 27.83 -7.91
CA TYR A 150 -17.04 27.26 -6.73
C TYR A 150 -18.32 26.52 -7.13
N LEU A 151 -18.40 25.26 -6.74
CA LEU A 151 -19.57 24.43 -7.00
C LEU A 151 -20.19 24.06 -5.68
N PRO A 152 -21.38 24.59 -5.40
CA PRO A 152 -21.99 24.37 -4.08
C PRO A 152 -22.59 22.97 -3.89
N THR A 153 -22.53 22.48 -2.66
CA THR A 153 -23.31 21.32 -2.24
C THR A 153 -24.60 21.81 -1.58
N LYS A 154 -25.74 21.39 -2.13
CA LYS A 154 -27.04 21.83 -1.63
C LYS A 154 -27.91 20.62 -1.36
N PRO A 155 -28.76 20.70 -0.33
CA PRO A 155 -29.72 19.63 -0.04
C PRO A 155 -30.56 19.30 -1.27
N PHE A 156 -30.78 18.01 -1.53
CA PHE A 156 -31.68 17.60 -2.61
C PHE A 156 -32.73 16.61 -2.08
N THR B 2 18.04 24.86 -20.42
CA THR B 2 18.25 23.46 -20.04
C THR B 2 16.96 22.63 -20.11
N GLN B 3 17.04 21.54 -20.86
CA GLN B 3 15.93 20.62 -21.06
C GLN B 3 15.65 19.81 -19.79
N SER B 4 14.40 19.37 -19.63
CA SER B 4 14.05 18.45 -18.54
C SER B 4 13.11 17.33 -19.00
N LEU B 5 13.05 16.25 -18.22
CA LEU B 5 12.15 15.12 -18.49
C LEU B 5 11.29 14.85 -17.26
N HIS B 6 10.03 14.47 -17.49
CA HIS B 6 9.07 14.25 -16.40
C HIS B 6 8.81 12.76 -16.16
N TYR B 7 9.62 11.92 -16.79
CA TYR B 7 9.53 10.47 -16.65
C TYR B 7 10.93 9.90 -16.79
N SER B 8 11.16 8.73 -16.22
CA SER B 8 12.52 8.27 -16.00
C SER B 8 13.10 7.27 -17.02
N SER B 9 12.28 6.69 -17.89
CA SER B 9 12.76 5.56 -18.72
C SER B 9 13.91 5.86 -19.70
N PRO B 10 13.90 7.02 -20.41
CA PRO B 10 15.05 7.33 -21.27
C PRO B 10 16.35 7.49 -20.48
N ARG B 11 16.28 8.11 -19.31
CA ARG B 11 17.47 8.31 -18.50
C ARG B 11 17.95 6.99 -17.89
N GLU B 12 16.99 6.12 -17.56
CA GLU B 12 17.32 4.79 -17.07
C GLU B 12 18.04 3.95 -18.13
N THR B 13 17.54 4.03 -19.37
CA THR B 13 18.22 3.44 -20.53
C THR B 13 19.65 3.95 -20.68
N LEU B 14 19.82 5.26 -20.59
CA LEU B 14 21.15 5.85 -20.64
C LEU B 14 22.05 5.33 -19.51
N THR B 15 21.52 5.35 -18.29
CA THR B 15 22.27 4.92 -17.13
C THR B 15 22.74 3.47 -17.32
N ASP B 16 21.89 2.66 -17.94
CA ASP B 16 22.24 1.26 -18.17
C ASP B 16 23.36 1.18 -19.21
N THR B 17 23.23 1.93 -20.29
CA THR B 17 24.30 2.05 -21.28
C THR B 17 25.61 2.49 -20.62
N ILE B 18 25.53 3.50 -19.75
CA ILE B 18 26.70 3.95 -19.03
C ILE B 18 27.32 2.86 -18.13
N MET B 19 26.50 2.16 -17.37
CA MET B 19 27.03 1.15 -16.45
C MET B 19 27.62 -0.07 -17.19
N MET B 20 27.03 -0.45 -18.32
CA MET B 20 27.57 -1.57 -19.09
C MET B 20 28.94 -1.21 -19.66
N ALA B 21 29.08 0.04 -20.10
CA ALA B 21 30.36 0.52 -20.59
C ALA B 21 31.38 0.59 -19.46
N LYS B 22 30.95 1.09 -18.31
CA LYS B 22 31.85 1.19 -17.16
C LYS B 22 32.33 -0.21 -16.75
N ILE B 23 31.41 -1.15 -16.68
CA ILE B 23 31.76 -2.52 -16.32
C ILE B 23 32.65 -3.18 -17.36
N ARG B 24 32.31 -3.03 -18.64
CA ARG B 24 33.09 -3.60 -19.73
C ARG B 24 34.53 -3.06 -19.74
N LYS B 25 34.68 -1.76 -19.50
CA LYS B 25 35.99 -1.11 -19.50
C LYS B 25 36.68 -1.22 -18.16
N ASN B 26 35.97 -1.78 -17.20
CA ASN B 26 36.43 -1.89 -15.83
C ASN B 26 36.88 -0.54 -15.24
N LEU B 27 36.06 0.49 -15.39
CA LEU B 27 36.41 1.80 -14.86
C LEU B 27 35.85 2.05 -13.45
N THR B 28 36.44 3.01 -12.76
CA THR B 28 35.87 3.51 -11.52
C THR B 28 35.21 4.86 -11.80
N PHE B 29 34.33 5.26 -10.89
CA PHE B 29 33.69 6.56 -10.94
C PHE B 29 34.74 7.66 -10.75
N GLU B 30 35.73 7.43 -9.90
CA GLU B 30 36.78 8.41 -9.67
C GLU B 30 37.56 8.70 -10.96
N ALA B 31 37.89 7.64 -11.70
CA ALA B 31 38.58 7.80 -12.98
C ALA B 31 37.68 8.45 -14.03
N ILE B 32 36.40 8.09 -14.05
CA ILE B 32 35.47 8.68 -15.00
C ILE B 32 35.30 10.18 -14.70
N ASN B 33 35.39 10.57 -13.43
CA ASN B 33 35.22 11.97 -13.02
C ASN B 33 36.46 12.86 -13.23
N GLN B 34 37.60 12.28 -13.63
CA GLN B 34 38.81 13.06 -13.83
C GLN B 34 38.61 14.10 -14.93
N GLY B 35 38.84 15.37 -14.61
CA GLY B 35 38.79 16.43 -15.59
C GLY B 35 37.41 17.01 -15.88
N THR B 36 36.42 16.66 -15.06
CA THR B 36 35.06 17.18 -15.21
C THR B 36 34.88 18.52 -14.55
N GLY B 37 35.77 18.85 -13.62
CA GLY B 37 35.66 20.08 -12.84
C GLY B 37 34.56 20.05 -11.77
N LEU B 38 34.07 18.85 -11.47
CA LEU B 38 32.96 18.67 -10.55
C LEU B 38 33.27 17.61 -9.52
N SER B 39 32.54 17.60 -8.42
CA SER B 39 32.81 16.66 -7.31
C SER B 39 32.35 15.24 -7.63
N LEU B 40 33.04 14.24 -7.08
CA LEU B 40 32.69 12.85 -7.36
C LEU B 40 31.22 12.50 -7.06
N ALA B 41 30.69 12.99 -5.95
CA ALA B 41 29.33 12.66 -5.57
C ALA B 41 28.33 13.19 -6.59
N PHE B 42 28.55 14.41 -7.06
CA PHE B 42 27.59 15.01 -7.97
C PHE B 42 27.60 14.29 -9.30
N VAL B 43 28.79 14.02 -9.85
CA VAL B 43 28.88 13.40 -11.15
C VAL B 43 28.39 11.96 -11.13
N THR B 44 28.75 11.23 -10.08
CA THR B 44 28.25 9.85 -9.94
C THR B 44 26.73 9.84 -9.97
N ALA B 45 26.13 10.71 -9.17
CA ALA B 45 24.68 10.85 -9.13
C ALA B 45 24.11 11.15 -10.51
N ALA B 46 24.80 12.00 -11.28
CA ALA B 46 24.33 12.33 -12.61
C ALA B 46 24.45 11.14 -13.55
N LEU B 47 25.57 10.42 -13.50
CA LEU B 47 25.73 9.21 -14.30
C LEU B 47 24.63 8.20 -13.93
N LEU B 48 24.21 8.21 -12.66
CA LEU B 48 23.19 7.25 -12.20
C LEU B 48 21.77 7.79 -12.44
N GLY B 49 21.68 8.90 -13.17
CA GLY B 49 20.40 9.40 -13.61
C GLY B 49 19.70 10.39 -12.68
N GLN B 50 20.44 11.06 -11.79
CA GLN B 50 19.78 11.89 -10.78
C GLN B 50 20.05 13.39 -10.95
N HIS B 51 20.95 13.74 -11.88
CA HIS B 51 21.29 15.14 -12.16
C HIS B 51 21.65 15.34 -13.63
N PRO B 52 21.46 16.57 -14.13
CA PRO B 52 22.03 16.92 -15.43
C PRO B 52 23.52 17.24 -15.26
N LEU B 53 24.32 17.02 -16.29
CA LEU B 53 25.69 17.55 -16.29
C LEU B 53 25.73 18.77 -17.21
N PRO B 54 26.55 19.77 -16.85
CA PRO B 54 26.83 20.83 -17.83
C PRO B 54 27.48 20.22 -19.06
N GLU B 55 27.42 20.92 -20.19
CA GLU B 55 27.81 20.35 -21.47
C GLU B 55 29.25 19.83 -21.47
N GLN B 56 30.21 20.63 -21.02
CA GLN B 56 31.61 20.20 -21.10
C GLN B 56 31.87 18.98 -20.20
N ALA B 57 31.32 18.94 -18.99
CA ALA B 57 31.44 17.75 -18.14
C ALA B 57 30.84 16.51 -18.82
N ALA B 58 29.69 16.70 -19.46
CA ALA B 58 29.01 15.62 -20.15
C ALA B 58 29.90 15.03 -21.25
N ARG B 59 30.59 15.89 -21.99
CA ARG B 59 31.49 15.44 -23.05
C ARG B 59 32.72 14.72 -22.51
N VAL B 60 33.25 15.19 -21.38
CA VAL B 60 34.39 14.52 -20.78
C VAL B 60 34.05 13.08 -20.42
N VAL B 61 32.92 12.86 -19.76
CA VAL B 61 32.56 11.49 -19.37
C VAL B 61 32.16 10.69 -20.61
N ALA B 62 31.59 11.35 -21.61
CA ALA B 62 31.17 10.65 -22.83
C ALA B 62 32.37 10.11 -23.60
N GLU B 63 33.48 10.84 -23.53
CA GLU B 63 34.71 10.41 -24.17
C GLU B 63 35.20 9.09 -23.56
N LYS B 64 35.14 9.01 -22.23
CA LYS B 64 35.62 7.83 -21.51
C LYS B 64 34.70 6.61 -21.65
N LEU B 65 33.43 6.83 -21.99
CA LEU B 65 32.47 5.73 -22.03
C LEU B 65 31.92 5.49 -23.43
N ASP B 66 32.47 6.19 -24.41
CA ASP B 66 32.06 6.09 -25.82
C ASP B 66 30.58 6.34 -26.04
N LEU B 67 30.07 7.41 -25.44
CA LEU B 67 28.67 7.76 -25.64
C LEU B 67 28.51 8.67 -26.87
N ASP B 68 27.45 8.46 -27.64
CA ASP B 68 27.22 9.31 -28.81
C ASP B 68 26.54 10.64 -28.43
N GLU B 69 26.29 11.48 -29.44
CA GLU B 69 25.76 12.82 -29.22
C GLU B 69 24.33 12.81 -28.67
N ASP B 70 23.56 11.78 -28.97
CA ASP B 70 22.22 11.66 -28.40
C ASP B 70 22.29 11.45 -26.87
N ALA B 71 23.26 10.65 -26.45
CA ALA B 71 23.52 10.40 -25.03
C ALA B 71 24.06 11.66 -24.34
N ILE B 72 24.91 12.41 -25.05
CA ILE B 72 25.50 13.62 -24.49
C ILE B 72 24.41 14.66 -24.22
N ARG B 73 23.42 14.73 -25.12
CA ARG B 73 22.28 15.62 -24.94
C ARG B 73 21.41 15.18 -23.77
N LEU B 74 21.13 13.88 -23.73
CA LEU B 74 20.32 13.31 -22.66
C LEU B 74 20.99 13.53 -21.30
N LEU B 75 22.31 13.40 -21.25
CA LEU B 75 23.07 13.58 -20.03
C LEU B 75 22.95 15.01 -19.49
N GLN B 76 22.55 15.92 -20.37
CA GLN B 76 22.40 17.34 -20.02
C GLN B 76 20.99 17.71 -19.56
N THR B 77 20.07 16.76 -19.69
CA THR B 77 18.68 17.05 -19.32
C THR B 77 18.46 16.90 -17.83
N ILE B 78 17.56 17.71 -17.29
CA ILE B 78 17.13 17.57 -15.91
C ILE B 78 16.20 16.36 -15.79
N PRO B 79 16.58 15.41 -14.92
CA PRO B 79 15.79 14.18 -14.87
C PRO B 79 14.60 14.26 -13.93
N LEU B 80 13.70 13.29 -14.06
CA LEU B 80 12.74 12.97 -13.00
C LEU B 80 13.52 12.17 -11.96
N ARG B 81 13.71 12.76 -10.79
CA ARG B 81 14.61 12.22 -9.76
C ARG B 81 13.95 11.22 -8.83
N GLY B 82 14.79 10.40 -8.19
CA GLY B 82 14.38 9.33 -7.31
C GLY B 82 15.16 8.08 -7.71
N SER B 83 15.98 7.55 -6.82
CA SER B 83 16.87 6.46 -7.20
C SER B 83 16.45 5.14 -6.55
N ILE B 84 15.36 5.17 -5.78
CA ILE B 84 14.81 3.96 -5.15
C ILE B 84 13.36 3.69 -5.61
N PRO B 85 13.19 2.79 -6.58
CA PRO B 85 11.83 2.54 -7.12
C PRO B 85 10.92 2.03 -6.01
N GLY B 86 9.73 2.61 -5.90
CA GLY B 86 8.81 2.26 -4.84
C GLY B 86 9.12 2.97 -3.51
N GLY B 87 10.31 3.57 -3.40
CA GLY B 87 10.65 4.33 -2.20
C GLY B 87 11.28 3.51 -1.08
N VAL B 88 10.93 2.23 -0.98
CA VAL B 88 11.47 1.37 0.09
C VAL B 88 12.53 0.42 -0.47
N PRO B 89 13.80 0.66 -0.12
CA PRO B 89 14.89 -0.17 -0.64
C PRO B 89 14.94 -1.55 0.05
N THR B 90 15.37 -2.57 -0.68
CA THR B 90 15.63 -3.87 -0.08
CA THR B 90 15.63 -3.87 -0.06
C THR B 90 17.14 -4.12 0.00
N ASP B 91 17.88 -3.49 -0.92
CA ASP B 91 19.32 -3.67 -0.91
C ASP B 91 19.88 -3.20 0.41
N PRO B 92 20.57 -4.10 1.15
CA PRO B 92 21.13 -3.78 2.46
C PRO B 92 21.96 -2.51 2.47
N THR B 93 22.77 -2.30 1.43
CA THR B 93 23.69 -1.15 1.43
C THR B 93 22.88 0.15 1.44
N ILE B 94 21.87 0.24 0.57
CA ILE B 94 21.00 1.40 0.55
C ILE B 94 20.10 1.44 1.79
N TYR B 95 19.61 0.27 2.20
CA TYR B 95 18.67 0.25 3.32
C TYR B 95 19.28 0.83 4.60
N ARG B 96 20.57 0.61 4.84
CA ARG B 96 21.18 1.12 6.07
C ARG B 96 21.02 2.64 6.18
N PHE B 97 21.21 3.34 5.06
CA PHE B 97 21.01 4.78 5.07
C PHE B 97 19.54 5.15 5.26
N TYR B 98 18.65 4.39 4.64
CA TYR B 98 17.22 4.49 4.88
C TYR B 98 16.90 4.30 6.36
N GLU B 99 17.53 3.29 6.96
CA GLU B 99 17.30 3.00 8.36
C GLU B 99 17.76 4.14 9.27
N MET B 100 18.87 4.80 8.93
CA MET B 100 19.37 5.90 9.77
C MET B 100 18.28 7.00 9.91
N VAL B 101 17.61 7.29 8.80
CA VAL B 101 16.53 8.27 8.81
C VAL B 101 15.30 7.74 9.55
N GLN B 102 14.98 6.46 9.37
CA GLN B 102 13.89 5.86 10.14
C GLN B 102 14.14 6.02 11.63
N ILE B 103 15.34 5.71 12.09
CA ILE B 103 15.60 5.76 13.53
C ILE B 103 15.79 7.19 14.06
N TYR B 104 16.55 8.01 13.35
CA TYR B 104 16.93 9.33 13.87
C TYR B 104 16.12 10.49 13.33
N GLY B 105 15.08 10.17 12.56
CA GLY B 105 14.26 11.20 11.92
C GLY B 105 13.67 12.21 12.89
N SER B 106 13.02 11.74 13.95
CA SER B 106 12.41 12.63 14.94
C SER B 106 13.50 13.39 15.75
N THR B 107 14.65 12.77 15.94
CA THR B 107 15.78 13.43 16.61
C THR B 107 16.31 14.57 15.74
N LEU B 108 16.35 14.33 14.44
CA LEU B 108 16.79 15.36 13.50
C LEU B 108 15.82 16.54 13.52
N LYS B 109 14.52 16.25 13.53
CA LYS B 109 13.54 17.32 13.55
C LYS B 109 13.71 18.14 14.81
N ALA B 110 13.82 17.47 15.96
CA ALA B 110 13.88 18.13 17.25
C ALA B 110 15.10 19.05 17.40
N LEU B 111 16.25 18.56 16.94
CA LEU B 111 17.50 19.31 17.07
C LEU B 111 17.63 20.40 16.00
N VAL B 112 16.98 20.21 14.86
CA VAL B 112 16.91 21.29 13.88
C VAL B 112 16.09 22.45 14.45
N HIS B 113 14.93 22.14 15.04
CA HIS B 113 14.09 23.20 15.57
C HIS B 113 14.72 23.89 16.78
N GLU B 114 15.44 23.12 17.59
CA GLU B 114 16.15 23.68 18.74
C GLU B 114 17.34 24.58 18.36
N GLN B 115 18.14 24.14 17.39
CA GLN B 115 19.38 24.85 17.07
C GLN B 115 19.20 25.88 15.95
N PHE B 116 18.17 25.70 15.12
CA PHE B 116 17.97 26.65 14.03
C PHE B 116 16.66 27.42 14.19
N GLY B 117 15.58 26.69 14.47
CA GLY B 117 14.26 27.30 14.56
C GLY B 117 13.26 26.53 13.71
N ASP B 118 12.09 27.11 13.55
CA ASP B 118 11.07 26.49 12.71
C ASP B 118 11.50 26.51 11.24
N GLY B 119 11.22 25.44 10.52
CA GLY B 119 11.63 25.34 9.12
C GLY B 119 12.28 24.01 8.78
N ILE B 120 13.16 24.02 7.78
CA ILE B 120 13.77 22.80 7.27
C ILE B 120 15.27 22.96 7.04
N ILE B 121 15.96 21.83 7.01
CA ILE B 121 17.27 21.79 6.36
C ILE B 121 17.04 21.34 4.94
N SER B 122 17.51 22.12 3.98
CA SER B 122 17.18 21.89 2.59
C SER B 122 17.93 20.71 1.98
N ALA B 123 17.26 19.99 1.08
CA ALA B 123 17.89 18.94 0.28
C ALA B 123 18.23 19.43 -1.14
N ILE B 124 18.06 20.73 -1.38
CA ILE B 124 18.36 21.31 -2.69
C ILE B 124 19.58 22.25 -2.63
N ASN B 125 19.54 23.20 -1.71
CA ASN B 125 20.73 23.95 -1.34
C ASN B 125 21.50 23.03 -0.41
N PHE B 126 22.28 22.15 -1.01
CA PHE B 126 22.69 20.92 -0.34
C PHE B 126 23.87 20.27 -1.04
N LYS B 127 24.81 19.78 -0.26
CA LYS B 127 25.95 19.05 -0.79
C LYS B 127 26.14 17.80 0.04
N LEU B 128 26.51 16.74 -0.65
CA LEU B 128 26.79 15.48 0.00
C LEU B 128 28.21 15.05 -0.32
N ASP B 129 28.95 14.55 0.67
CA ASP B 129 30.17 13.84 0.32
C ASP B 129 30.37 12.63 1.24
N ILE B 130 31.09 11.64 0.74
CA ILE B 130 31.47 10.47 1.52
C ILE B 130 32.98 10.41 1.62
N LYS B 131 33.48 10.12 2.82
CA LYS B 131 34.92 9.98 3.07
C LYS B 131 35.22 8.66 3.78
N LYS B 132 36.31 7.99 3.38
CA LYS B 132 36.80 6.81 4.09
C LYS B 132 37.85 7.21 5.12
N VAL B 133 37.64 6.78 6.37
CA VAL B 133 38.60 7.04 7.46
C VAL B 133 38.90 5.75 8.21
N PRO B 134 40.08 5.67 8.84
CA PRO B 134 40.39 4.48 9.64
C PRO B 134 39.56 4.39 10.91
N ASP B 135 39.19 3.17 11.29
CA ASP B 135 38.63 2.95 12.61
C ASP B 135 39.79 2.60 13.53
N PRO B 136 39.85 3.26 14.70
CA PRO B 136 40.95 3.03 15.65
C PRO B 136 41.00 1.58 16.11
N ASP B 137 39.83 0.94 16.23
CA ASP B 137 39.74 -0.44 16.66
C ASP B 137 39.91 -1.39 15.49
N GLY B 138 40.52 -0.90 14.42
CA GLY B 138 40.74 -1.71 13.23
C GLY B 138 39.58 -1.61 12.26
N GLY B 139 39.87 -1.83 10.98
CA GLY B 139 38.87 -1.73 9.94
C GLY B 139 38.69 -0.29 9.51
N GLU B 140 37.67 -0.03 8.70
CA GLU B 140 37.42 1.33 8.22
C GLU B 140 35.97 1.77 8.42
N ARG B 141 35.79 3.09 8.41
CA ARG B 141 34.48 3.72 8.57
C ARG B 141 34.19 4.63 7.38
N ALA B 142 32.91 4.83 7.08
CA ALA B 142 32.50 5.87 6.15
C ALA B 142 31.93 7.02 6.95
N VAL B 143 32.37 8.22 6.62
CA VAL B 143 31.80 9.42 7.18
C VAL B 143 31.08 10.12 6.05
N ILE B 144 29.76 10.09 6.11
CA ILE B 144 28.92 10.77 5.13
C ILE B 144 28.46 12.09 5.73
N THR B 145 28.72 13.18 5.02
CA THR B 145 28.38 14.53 5.43
C THR B 145 27.20 15.06 4.62
N LEU B 146 26.13 15.46 5.30
CA LEU B 146 24.98 16.07 4.64
C LEU B 146 24.99 17.55 5.04
N ASP B 147 25.10 18.44 4.05
CA ASP B 147 25.30 19.86 4.31
C ASP B 147 24.21 20.68 3.62
N GLY B 148 23.16 21.04 4.36
CA GLY B 148 22.02 21.73 3.79
C GLY B 148 21.78 23.07 4.45
N LYS B 149 21.29 24.01 3.66
CA LYS B 149 20.98 25.34 4.13
C LYS B 149 19.71 25.32 4.96
N TYR B 150 19.71 26.04 6.07
CA TYR B 150 18.50 26.15 6.87
C TYR B 150 17.55 27.17 6.24
N LEU B 151 16.32 26.75 5.96
CA LEU B 151 15.30 27.65 5.47
C LEU B 151 14.22 27.80 6.54
N PRO B 152 14.05 29.03 7.06
CA PRO B 152 13.08 29.19 8.15
C PRO B 152 11.61 29.26 7.71
N THR B 153 10.73 28.80 8.59
CA THR B 153 9.30 29.04 8.46
C THR B 153 8.93 30.23 9.34
N LYS B 154 8.54 31.32 8.69
CA LYS B 154 8.11 32.52 9.41
C LYS B 154 6.62 32.74 9.18
N PRO B 155 5.95 33.37 10.16
CA PRO B 155 4.56 33.77 9.98
C PRO B 155 4.41 34.76 8.82
N PHE B 156 3.40 34.59 7.98
CA PHE B 156 3.13 35.54 6.90
C PHE B 156 1.70 36.08 6.95
N THR C 2 -35.32 -5.04 9.72
CA THR C 2 -34.06 -5.29 10.42
C THR C 2 -33.08 -4.12 10.25
N GLN C 3 -32.44 -3.76 11.36
CA GLN C 3 -31.51 -2.65 11.43
C GLN C 3 -30.15 -3.03 10.82
N SER C 4 -29.37 -2.03 10.41
CA SER C 4 -28.02 -2.29 9.91
C SER C 4 -27.00 -1.23 10.36
N LEU C 5 -25.72 -1.62 10.36
CA LEU C 5 -24.64 -0.71 10.71
C LEU C 5 -23.64 -0.60 9.55
N HIS C 6 -23.09 0.59 9.33
CA HIS C 6 -22.17 0.82 8.23
C HIS C 6 -20.73 0.96 8.73
N TYR C 7 -20.52 0.66 10.01
CA TYR C 7 -19.20 0.73 10.61
C TYR C 7 -19.13 -0.41 11.64
N SER C 8 -17.92 -0.85 11.95
CA SER C 8 -17.77 -2.11 12.67
C SER C 8 -17.54 -2.01 14.19
N SER C 9 -17.18 -0.85 14.71
CA SER C 9 -16.79 -0.79 16.13
C SER C 9 -17.87 -1.27 17.12
N PRO C 10 -19.18 -1.03 16.85
CA PRO C 10 -20.10 -1.56 17.87
C PRO C 10 -20.19 -3.08 17.87
N ARG C 11 -20.07 -3.71 16.70
CA ARG C 11 -20.12 -5.16 16.63
C ARG C 11 -18.83 -5.76 17.16
N GLU C 12 -17.70 -5.10 16.92
CA GLU C 12 -16.43 -5.56 17.45
C GLU C 12 -16.44 -5.57 18.97
N THR C 13 -17.01 -4.52 19.55
CA THR C 13 -17.18 -4.48 21.01
C THR C 13 -18.09 -5.61 21.49
N LEU C 14 -19.20 -5.84 20.80
CA LEU C 14 -20.09 -6.94 21.18
C LEU C 14 -19.36 -8.28 21.04
N THR C 15 -18.71 -8.49 19.90
CA THR C 15 -17.93 -9.71 19.68
C THR C 15 -16.93 -9.94 20.83
N ASP C 16 -16.26 -8.88 21.29
CA ASP C 16 -15.32 -9.02 22.42
C ASP C 16 -16.02 -9.47 23.70
N THR C 17 -17.16 -8.85 23.99
CA THR C 17 -17.98 -9.24 25.12
C THR C 17 -18.39 -10.70 25.04
N ILE C 18 -18.82 -11.10 23.85
CA ILE C 18 -19.19 -12.49 23.63
C ILE C 18 -18.02 -13.44 23.87
N MET C 19 -16.86 -13.10 23.33
CA MET C 19 -15.70 -13.98 23.47
C MET C 19 -15.23 -14.07 24.93
N MET C 20 -15.26 -12.95 25.65
CA MET C 20 -14.80 -12.95 27.05
C MET C 20 -15.72 -13.81 27.90
N ALA C 21 -17.01 -13.83 27.56
CA ALA C 21 -17.96 -14.66 28.28
C ALA C 21 -17.73 -16.13 27.93
N LYS C 22 -17.51 -16.40 26.67
CA LYS C 22 -17.24 -17.76 26.21
C LYS C 22 -15.98 -18.35 26.86
N ILE C 23 -14.93 -17.55 26.96
CA ILE C 23 -13.69 -18.02 27.55
C ILE C 23 -13.85 -18.21 29.05
N ARG C 24 -14.58 -17.29 29.68
CA ARG C 24 -14.82 -17.33 31.12
C ARG C 24 -15.62 -18.58 31.50
N LYS C 25 -16.65 -18.89 30.72
CA LYS C 25 -17.51 -20.04 30.98
C LYS C 25 -16.98 -21.33 30.33
N ASN C 26 -15.87 -21.21 29.61
CA ASN C 26 -15.27 -22.33 28.90
C ASN C 26 -16.27 -23.04 28.00
N LEU C 27 -17.03 -22.27 27.23
CA LEU C 27 -17.99 -22.84 26.30
C LEU C 27 -17.38 -23.10 24.94
N THR C 28 -18.01 -24.00 24.18
CA THR C 28 -17.67 -24.20 22.78
C THR C 28 -18.73 -23.51 21.94
N PHE C 29 -18.45 -23.30 20.66
CA PHE C 29 -19.46 -22.72 19.75
C PHE C 29 -20.58 -23.73 19.54
N GLU C 30 -20.23 -25.01 19.53
CA GLU C 30 -21.24 -26.05 19.36
C GLU C 30 -22.29 -25.97 20.48
N ALA C 31 -21.83 -25.85 21.72
CA ALA C 31 -22.75 -25.76 22.86
C ALA C 31 -23.58 -24.47 22.79
N ILE C 32 -22.92 -23.37 22.43
CA ILE C 32 -23.62 -22.10 22.31
C ILE C 32 -24.73 -22.19 21.25
N ASN C 33 -24.48 -22.92 20.16
CA ASN C 33 -25.44 -23.06 19.06
C ASN C 33 -26.64 -23.99 19.31
N GLN C 34 -26.60 -24.80 20.38
N GLN C 34 -26.60 -24.78 20.37
CA GLN C 34 -27.72 -25.70 20.68
CA GLN C 34 -27.71 -25.68 20.70
C GLN C 34 -29.03 -24.94 20.80
C GLN C 34 -29.03 -24.93 20.81
N GLY C 35 -30.00 -25.33 19.98
CA GLY C 35 -31.33 -24.77 20.07
C GLY C 35 -31.55 -23.45 19.35
N THR C 36 -30.61 -23.04 18.51
CA THR C 36 -30.76 -21.80 17.72
C THR C 36 -31.59 -22.05 16.48
N GLY C 37 -31.73 -23.31 16.11
CA GLY C 37 -32.37 -23.68 14.86
C GLY C 37 -31.54 -23.33 13.62
N LEU C 38 -30.27 -23.02 13.84
CA LEU C 38 -29.38 -22.61 12.73
C LEU C 38 -28.09 -23.42 12.69
N SER C 39 -27.40 -23.37 11.57
CA SER C 39 -26.17 -24.14 11.42
C SER C 39 -24.99 -23.48 12.18
N LEU C 40 -24.05 -24.30 12.62
CA LEU C 40 -22.91 -23.86 13.41
C LEU C 40 -22.08 -22.78 12.70
N ALA C 41 -21.88 -22.92 11.40
CA ALA C 41 -21.02 -21.97 10.69
C ALA C 41 -21.67 -20.61 10.61
N PHE C 42 -22.99 -20.59 10.43
CA PHE C 42 -23.69 -19.31 10.32
C PHE C 42 -23.72 -18.60 11.66
N VAL C 43 -24.03 -19.32 12.73
CA VAL C 43 -24.15 -18.69 14.04
C VAL C 43 -22.77 -18.29 14.58
N THR C 44 -21.76 -19.10 14.31
CA THR C 44 -20.40 -18.74 14.74
C THR C 44 -19.98 -17.43 14.05
N ALA C 45 -20.25 -17.35 12.75
CA ALA C 45 -20.00 -16.12 11.99
C ALA C 45 -20.73 -14.92 12.60
N ALA C 46 -21.98 -15.13 13.01
CA ALA C 46 -22.78 -14.08 13.62
C ALA C 46 -22.21 -13.64 14.97
N LEU C 47 -21.84 -14.61 15.80
CA LEU C 47 -21.20 -14.30 17.07
C LEU C 47 -19.93 -13.49 16.83
N LEU C 48 -19.21 -13.84 15.77
CA LEU C 48 -17.96 -13.14 15.44
C LEU C 48 -18.24 -11.87 14.62
N GLY C 49 -19.51 -11.49 14.54
CA GLY C 49 -19.88 -10.17 14.04
C GLY C 49 -20.05 -10.06 12.53
N GLN C 50 -20.30 -11.18 11.86
CA GLN C 50 -20.35 -11.20 10.40
C GLN C 50 -21.76 -11.37 9.83
N HIS C 51 -22.75 -11.55 10.71
CA HIS C 51 -24.14 -11.81 10.32
C HIS C 51 -25.08 -11.30 11.40
N PRO C 52 -26.33 -10.96 11.03
CA PRO C 52 -27.34 -10.75 12.06
C PRO C 52 -27.92 -12.11 12.48
N LEU C 53 -28.45 -12.20 13.68
CA LEU C 53 -29.27 -13.36 14.07
C LEU C 53 -30.74 -12.98 14.13
N PRO C 54 -31.63 -13.90 13.72
CA PRO C 54 -33.05 -13.69 13.99
C PRO C 54 -33.28 -13.57 15.50
N GLU C 55 -34.36 -12.92 15.90
CA GLU C 55 -34.56 -12.55 17.28
C GLU C 55 -34.42 -13.73 18.25
N GLN C 56 -35.05 -14.86 17.95
CA GLN C 56 -35.06 -15.96 18.92
C GLN C 56 -33.72 -16.67 19.00
N ALA C 57 -33.03 -16.88 17.89
CA ALA C 57 -31.67 -17.41 17.96
C ALA C 57 -30.81 -16.48 18.81
N ALA C 58 -30.97 -15.18 18.59
CA ALA C 58 -30.23 -14.18 19.36
C ALA C 58 -30.46 -14.33 20.86
N ARG C 59 -31.72 -14.57 21.25
CA ARG C 59 -32.05 -14.72 22.67
C ARG C 59 -31.51 -16.03 23.23
N VAL C 60 -31.53 -17.09 22.43
CA VAL C 60 -30.98 -18.37 22.86
C VAL C 60 -29.49 -18.26 23.18
N VAL C 61 -28.74 -17.55 22.35
CA VAL C 61 -27.31 -17.47 22.59
C VAL C 61 -27.05 -16.44 23.70
N ALA C 62 -27.92 -15.44 23.80
CA ALA C 62 -27.73 -14.42 24.84
C ALA C 62 -27.96 -14.98 26.24
N GLU C 63 -28.90 -15.92 26.37
CA GLU C 63 -29.14 -16.56 27.66
C GLU C 63 -27.90 -17.32 28.12
N LYS C 64 -27.19 -17.92 27.18
CA LYS C 64 -26.02 -18.73 27.52
C LYS C 64 -24.80 -17.90 27.84
N LEU C 65 -24.74 -16.68 27.31
CA LEU C 65 -23.57 -15.84 27.48
C LEU C 65 -23.82 -14.64 28.40
N ASP C 66 -25.03 -14.58 28.95
CA ASP C 66 -25.43 -13.47 29.83
C ASP C 66 -25.40 -12.11 29.16
N LEU C 67 -25.97 -11.99 27.97
CA LEU C 67 -26.02 -10.68 27.31
C LEU C 67 -27.34 -9.98 27.63
N ASP C 68 -27.29 -8.66 27.78
CA ASP C 68 -28.50 -7.87 28.05
C ASP C 68 -29.26 -7.56 26.77
N GLU C 69 -30.27 -6.72 26.89
CA GLU C 69 -31.15 -6.43 25.76
C GLU C 69 -30.52 -5.50 24.73
N ASP C 70 -29.49 -4.74 25.10
CA ASP C 70 -28.79 -3.93 24.11
C ASP C 70 -27.95 -4.83 23.20
N ALA C 71 -27.31 -5.83 23.79
CA ALA C 71 -26.53 -6.79 23.01
C ALA C 71 -27.46 -7.64 22.11
N ILE C 72 -28.59 -8.06 22.65
CA ILE C 72 -29.58 -8.82 21.90
C ILE C 72 -30.10 -8.03 20.70
N ARG C 73 -30.40 -6.76 20.91
CA ARG C 73 -30.76 -5.87 19.80
C ARG C 73 -29.62 -5.74 18.78
N LEU C 74 -28.40 -5.57 19.28
CA LEU C 74 -27.24 -5.40 18.41
C LEU C 74 -26.91 -6.68 17.64
N LEU C 75 -27.16 -7.83 18.27
CA LEU C 75 -26.95 -9.13 17.63
C LEU C 75 -27.86 -9.32 16.43
N GLN C 76 -29.00 -8.63 16.43
CA GLN C 76 -29.96 -8.73 15.33
C GLN C 76 -29.68 -7.73 14.21
N THR C 77 -28.62 -6.95 14.35
CA THR C 77 -28.35 -5.93 13.33
C THR C 77 -27.47 -6.50 12.22
N ILE C 78 -27.71 -6.05 10.99
CA ILE C 78 -26.84 -6.39 9.88
C ILE C 78 -25.55 -5.61 10.05
N PRO C 79 -24.42 -6.32 10.05
CA PRO C 79 -23.17 -5.58 10.27
C PRO C 79 -22.47 -5.10 9.00
N LEU C 80 -21.43 -4.30 9.19
CA LEU C 80 -20.44 -4.03 8.16
C LEU C 80 -19.50 -5.23 8.14
N ARG C 81 -19.59 -6.05 7.10
CA ARG C 81 -18.89 -7.36 7.11
C ARG C 81 -17.45 -7.27 6.63
N GLY C 82 -16.63 -8.22 7.10
CA GLY C 82 -15.22 -8.29 6.81
C GLY C 82 -14.53 -8.75 8.09
N SER C 83 -13.82 -9.88 8.06
CA SER C 83 -13.28 -10.42 9.30
C SER C 83 -11.75 -10.40 9.34
N ILE C 84 -11.14 -9.88 8.28
CA ILE C 84 -9.68 -9.73 8.23
C ILE C 84 -9.31 -8.25 8.05
N PRO C 85 -9.00 -7.56 9.16
CA PRO C 85 -8.59 -6.16 9.10
C PRO C 85 -7.45 -5.98 8.12
N GLY C 86 -7.62 -5.04 7.18
CA GLY C 86 -6.65 -4.81 6.14
C GLY C 86 -6.65 -5.85 5.01
N GLY C 87 -7.48 -6.88 5.12
CA GLY C 87 -7.58 -7.86 4.05
C GLY C 87 -6.52 -8.95 3.94
N VAL C 88 -5.30 -8.68 4.40
CA VAL C 88 -4.24 -9.69 4.33
C VAL C 88 -3.94 -10.24 5.74
N PRO C 89 -4.30 -11.51 5.98
CA PRO C 89 -4.07 -12.08 7.32
C PRO C 89 -2.61 -12.45 7.56
N THR C 90 -2.18 -12.40 8.81
N THR C 90 -2.18 -12.43 8.81
CA THR C 90 -0.86 -12.92 9.20
CA THR C 90 -0.86 -12.93 9.16
C THR C 90 -1.00 -14.25 9.92
C THR C 90 -0.99 -14.23 9.96
N ASP C 91 -2.14 -14.41 10.62
CA ASP C 91 -2.39 -15.62 11.37
C ASP C 91 -2.33 -16.84 10.46
N PRO C 92 -1.46 -17.80 10.79
CA PRO C 92 -1.23 -18.93 9.86
C PRO C 92 -2.50 -19.71 9.56
N THR C 93 -3.44 -19.79 10.50
CA THR C 93 -4.65 -20.59 10.31
C THR C 93 -5.52 -19.96 9.22
N ILE C 94 -5.79 -18.68 9.38
CA ILE C 94 -6.54 -17.92 8.37
C ILE C 94 -5.75 -17.81 7.08
N TYR C 95 -4.44 -17.61 7.16
CA TYR C 95 -3.64 -17.43 5.95
C TYR C 95 -3.74 -18.62 4.98
N ARG C 96 -3.79 -19.85 5.49
CA ARG C 96 -3.84 -21.02 4.59
C ARG C 96 -5.07 -20.98 3.67
N PHE C 97 -6.20 -20.51 4.18
CA PHE C 97 -7.39 -20.37 3.33
C PHE C 97 -7.21 -19.21 2.37
N TYR C 98 -6.57 -18.13 2.83
CA TYR C 98 -6.20 -17.03 1.95
C TYR C 98 -5.31 -17.56 0.82
N GLU C 99 -4.35 -18.41 1.17
CA GLU C 99 -3.38 -18.96 0.22
C GLU C 99 -4.02 -19.91 -0.82
N MET C 100 -4.98 -20.73 -0.39
CA MET C 100 -5.75 -21.55 -1.31
C MET C 100 -6.30 -20.67 -2.47
N VAL C 101 -6.84 -19.51 -2.13
CA VAL C 101 -7.44 -18.66 -3.15
C VAL C 101 -6.36 -17.98 -3.99
N GLN C 102 -5.25 -17.57 -3.37
CA GLN C 102 -4.11 -17.06 -4.13
C GLN C 102 -3.58 -18.06 -5.17
N ILE C 103 -3.47 -19.32 -4.79
CA ILE C 103 -2.92 -20.33 -5.69
C ILE C 103 -3.95 -20.78 -6.72
N TYR C 104 -5.16 -21.07 -6.27
CA TYR C 104 -6.15 -21.72 -7.14
C TYR C 104 -7.16 -20.75 -7.75
N GLY C 105 -7.00 -19.46 -7.48
CA GLY C 105 -7.90 -18.44 -8.00
C GLY C 105 -8.13 -18.51 -9.51
N SER C 106 -7.06 -18.59 -10.29
CA SER C 106 -7.20 -18.63 -11.75
C SER C 106 -7.83 -19.94 -12.21
N THR C 107 -7.54 -21.01 -11.48
CA THR C 107 -8.11 -22.32 -11.78
C THR C 107 -9.60 -22.31 -11.56
N LEU C 108 -10.02 -21.74 -10.44
CA LEU C 108 -11.44 -21.63 -10.12
C LEU C 108 -12.16 -20.82 -11.18
N LYS C 109 -11.57 -19.69 -11.59
CA LYS C 109 -12.18 -18.89 -12.62
C LYS C 109 -12.33 -19.72 -13.91
N ALA C 110 -11.23 -20.34 -14.32
CA ALA C 110 -11.19 -21.11 -15.56
C ALA C 110 -12.18 -22.27 -15.56
N LEU C 111 -12.27 -23.02 -14.46
CA LEU C 111 -13.20 -24.13 -14.41
C LEU C 111 -14.65 -23.65 -14.26
N VAL C 112 -14.87 -22.56 -13.52
CA VAL C 112 -16.22 -22.01 -13.45
C VAL C 112 -16.73 -21.64 -14.85
N HIS C 113 -15.89 -20.98 -15.65
CA HIS C 113 -16.36 -20.59 -16.98
C HIS C 113 -16.51 -21.81 -17.90
N GLU C 114 -15.70 -22.84 -17.67
CA GLU C 114 -15.82 -24.04 -18.50
C GLU C 114 -17.10 -24.82 -18.19
N GLN C 115 -17.41 -24.97 -16.91
CA GLN C 115 -18.48 -25.86 -16.49
C GLN C 115 -19.82 -25.17 -16.33
N PHE C 116 -19.81 -23.85 -16.12
CA PHE C 116 -21.04 -23.11 -15.95
C PHE C 116 -21.22 -22.07 -17.08
N GLY C 117 -20.16 -21.35 -17.40
CA GLY C 117 -20.23 -20.26 -18.37
C GLY C 117 -19.75 -18.94 -17.79
N ASP C 118 -20.00 -17.87 -18.51
CA ASP C 118 -19.66 -16.53 -18.05
C ASP C 118 -20.51 -16.15 -16.84
N GLY C 119 -19.88 -15.50 -15.87
CA GLY C 119 -20.56 -15.11 -14.65
C GLY C 119 -19.72 -15.43 -13.41
N ILE C 120 -20.40 -15.68 -12.30
CA ILE C 120 -19.72 -15.88 -11.02
C ILE C 120 -20.40 -17.01 -10.27
N ILE C 121 -19.67 -17.56 -9.30
CA ILE C 121 -20.28 -18.34 -8.23
C ILE C 121 -20.53 -17.39 -7.05
N SER C 122 -21.78 -17.29 -6.61
CA SER C 122 -22.18 -16.31 -5.60
C SER C 122 -21.57 -16.56 -4.21
N ALA C 123 -21.16 -15.48 -3.55
CA ALA C 123 -20.68 -15.56 -2.17
C ALA C 123 -21.82 -15.14 -1.23
N ILE C 124 -23.00 -14.92 -1.79
CA ILE C 124 -24.17 -14.46 -1.04
C ILE C 124 -25.27 -15.53 -1.00
N ASN C 125 -25.71 -15.97 -2.17
CA ASN C 125 -26.52 -17.18 -2.28
C ASN C 125 -25.52 -18.32 -2.13
N PHE C 126 -25.26 -18.67 -0.88
CA PHE C 126 -24.01 -19.34 -0.55
C PHE C 126 -24.11 -19.98 0.82
N LYS C 127 -23.56 -21.18 0.92
CA LYS C 127 -23.44 -21.84 2.20
C LYS C 127 -22.03 -22.40 2.34
N LEU C 128 -21.53 -22.35 3.58
CA LEU C 128 -20.23 -22.88 3.93
C LEU C 128 -20.42 -23.94 5.01
N ASP C 129 -19.60 -24.99 4.99
CA ASP C 129 -19.54 -25.85 6.17
C ASP C 129 -18.17 -26.55 6.25
N ILE C 130 -17.80 -26.96 7.45
CA ILE C 130 -16.54 -27.64 7.66
C ILE C 130 -16.81 -28.98 8.33
N LYS C 131 -16.13 -30.00 7.85
CA LYS C 131 -16.30 -31.33 8.38
C LYS C 131 -14.94 -31.94 8.69
N LYS C 132 -14.89 -32.71 9.77
CA LYS C 132 -13.68 -33.39 10.17
C LYS C 132 -13.75 -34.85 9.74
N VAL C 133 -12.82 -35.28 8.90
CA VAL C 133 -12.79 -36.66 8.42
C VAL C 133 -11.43 -37.26 8.67
N PRO C 134 -11.38 -38.58 8.94
CA PRO C 134 -10.08 -39.19 9.20
C PRO C 134 -9.21 -39.24 7.95
N ASP C 135 -7.90 -39.16 8.14
CA ASP C 135 -6.95 -39.37 7.06
C ASP C 135 -6.51 -40.84 7.08
N PRO C 136 -6.72 -41.57 5.97
CA PRO C 136 -6.35 -42.99 5.90
C PRO C 136 -4.87 -43.24 6.18
N ASP C 137 -4.02 -42.26 5.89
CA ASP C 137 -2.60 -42.38 6.20
C ASP C 137 -2.30 -41.91 7.62
N GLY C 138 -3.33 -41.85 8.46
CA GLY C 138 -3.17 -41.41 9.83
C GLY C 138 -3.41 -39.92 9.99
N GLY C 139 -4.02 -39.53 11.11
CA GLY C 139 -4.29 -38.13 11.37
C GLY C 139 -5.69 -37.73 10.94
N GLU C 140 -5.91 -36.42 10.77
CA GLU C 140 -7.25 -35.91 10.46
C GLU C 140 -7.20 -34.83 9.38
N ARG C 141 -8.31 -34.65 8.68
CA ARG C 141 -8.40 -33.68 7.62
C ARG C 141 -9.63 -32.84 7.82
N ALA C 142 -9.60 -31.62 7.28
CA ALA C 142 -10.78 -30.78 7.27
C ALA C 142 -11.30 -30.73 5.86
N VAL C 143 -12.61 -30.93 5.71
CA VAL C 143 -13.25 -30.76 4.43
C VAL C 143 -14.15 -29.57 4.56
N ILE C 144 -13.78 -28.50 3.84
CA ILE C 144 -14.56 -27.26 3.81
C ILE C 144 -15.32 -27.22 2.52
N THR C 145 -16.62 -27.06 2.62
CA THR C 145 -17.49 -27.03 1.46
C THR C 145 -17.98 -25.62 1.16
N LEU C 146 -17.68 -25.15 -0.04
CA LEU C 146 -18.19 -23.87 -0.52
C LEU C 146 -19.27 -24.14 -1.56
N ASP C 147 -20.49 -23.72 -1.24
CA ASP C 147 -21.67 -24.06 -2.02
C ASP C 147 -22.34 -22.77 -2.46
N GLY C 148 -22.02 -22.32 -3.67
CA GLY C 148 -22.54 -21.06 -4.18
C GLY C 148 -23.36 -21.22 -5.45
N LYS C 149 -24.38 -20.38 -5.58
CA LYS C 149 -25.22 -20.36 -6.75
C LYS C 149 -24.48 -19.74 -7.93
N TYR C 150 -24.62 -20.35 -9.10
CA TYR C 150 -24.04 -19.78 -10.32
C TYR C 150 -24.92 -18.63 -10.83
N LEU C 151 -24.31 -17.46 -11.03
CA LEU C 151 -25.02 -16.32 -11.59
C LEU C 151 -24.43 -15.91 -12.93
N PRO C 152 -25.17 -16.13 -14.03
CA PRO C 152 -24.58 -15.87 -15.35
C PRO C 152 -24.41 -14.38 -15.68
N THR C 153 -23.38 -14.09 -16.45
CA THR C 153 -23.24 -12.82 -17.13
C THR C 153 -23.78 -12.99 -18.56
N LYS C 154 -24.88 -12.32 -18.86
CA LYS C 154 -25.43 -12.39 -20.22
C LYS C 154 -25.47 -11.00 -20.88
N PRO C 155 -25.28 -10.96 -22.21
CA PRO C 155 -25.40 -9.71 -22.97
C PRO C 155 -26.71 -8.99 -22.70
N PHE C 156 -26.69 -7.68 -22.60
CA PHE C 156 -27.93 -6.91 -22.46
C PHE C 156 -27.99 -5.72 -23.42
N THR D 2 12.01 28.15 20.49
CA THR D 2 10.66 27.60 20.33
C THR D 2 10.67 26.05 20.38
N GLN D 3 9.73 25.52 21.16
CA GLN D 3 9.54 24.07 21.31
C GLN D 3 8.99 23.43 20.04
N SER D 4 9.22 22.14 19.88
CA SER D 4 8.60 21.36 18.80
C SER D 4 8.20 19.95 19.24
N LEU D 5 7.23 19.37 18.53
CA LEU D 5 6.78 18.01 18.77
C LEU D 5 7.04 17.16 17.54
N HIS D 6 7.40 15.89 17.73
CA HIS D 6 7.69 15.00 16.62
C HIS D 6 6.55 14.03 16.34
N TYR D 7 5.39 14.30 16.94
CA TYR D 7 4.23 13.42 16.80
C TYR D 7 2.99 14.29 16.98
N SER D 8 1.89 13.87 16.37
CA SER D 8 0.75 14.76 16.18
C SER D 8 -0.32 14.76 17.28
N SER D 9 -0.39 13.71 18.10
CA SER D 9 -1.53 13.53 19.01
C SER D 9 -1.83 14.71 19.96
N PRO D 10 -0.81 15.33 20.59
CA PRO D 10 -1.21 16.43 21.48
C PRO D 10 -1.78 17.62 20.71
N ARG D 11 -1.20 17.90 19.56
CA ARG D 11 -1.65 19.01 18.76
C ARG D 11 -3.01 18.73 18.14
N GLU D 12 -3.27 17.46 17.82
CA GLU D 12 -4.58 17.08 17.31
C GLU D 12 -5.66 17.34 18.36
N THR D 13 -5.33 17.06 19.62
CA THR D 13 -6.25 17.32 20.73
C THR D 13 -6.54 18.81 20.88
N LEU D 14 -5.50 19.64 20.80
CA LEU D 14 -5.69 21.09 20.86
C LEU D 14 -6.56 21.57 19.69
N THR D 15 -6.29 21.06 18.50
CA THR D 15 -7.06 21.42 17.33
C THR D 15 -8.53 21.07 17.52
N ASP D 16 -8.79 19.92 18.14
CA ASP D 16 -10.17 19.52 18.40
C ASP D 16 -10.83 20.49 19.39
N THR D 17 -10.12 20.79 20.48
CA THR D 17 -10.59 21.78 21.44
C THR D 17 -10.94 23.10 20.77
N ILE D 18 -10.04 23.55 19.90
CA ILE D 18 -10.20 24.80 19.17
C ILE D 18 -11.43 24.77 18.24
N MET D 19 -11.57 23.69 17.48
CA MET D 19 -12.70 23.57 16.57
C MET D 19 -14.03 23.44 17.30
N MET D 20 -14.03 22.79 18.47
CA MET D 20 -15.29 22.67 19.22
C MET D 20 -15.70 24.03 19.80
N ALA D 21 -14.72 24.80 20.27
CA ALA D 21 -14.97 26.16 20.73
C ALA D 21 -15.52 27.04 19.61
N LYS D 22 -14.84 27.02 18.47
CA LYS D 22 -15.22 27.84 17.32
C LYS D 22 -16.64 27.52 16.85
N ILE D 23 -16.97 26.23 16.75
CA ILE D 23 -18.31 25.81 16.37
C ILE D 23 -19.36 26.21 17.43
N ARG D 24 -19.05 25.99 18.71
CA ARG D 24 -19.93 26.34 19.81
C ARG D 24 -20.27 27.85 19.87
N LYS D 25 -19.25 28.68 19.61
CA LYS D 25 -19.40 30.13 19.60
C LYS D 25 -19.81 30.66 18.23
N ASN D 26 -19.87 29.78 17.24
CA ASN D 26 -20.24 30.13 15.88
C ASN D 26 -19.34 31.24 15.30
N LEU D 27 -18.04 31.12 15.53
CA LEU D 27 -17.08 32.10 15.04
C LEU D 27 -16.55 31.74 13.66
N THR D 28 -16.02 32.73 12.94
CA THR D 28 -15.27 32.49 11.71
C THR D 28 -13.78 32.58 11.99
N PHE D 29 -12.98 31.98 11.12
CA PHE D 29 -11.53 32.14 11.18
C PHE D 29 -11.15 33.61 10.99
N GLU D 30 -11.90 34.32 10.17
CA GLU D 30 -11.66 35.75 9.97
C GLU D 30 -11.85 36.52 11.29
N ALA D 31 -12.92 36.21 12.02
CA ALA D 31 -13.18 36.89 13.29
C ALA D 31 -12.15 36.52 14.35
N ILE D 32 -11.73 35.25 14.37
CA ILE D 32 -10.71 34.82 15.33
C ILE D 32 -9.35 35.50 15.03
N ASN D 33 -9.04 35.71 13.77
CA ASN D 33 -7.78 36.30 13.37
C ASN D 33 -7.64 37.80 13.66
N GLN D 34 -8.73 38.46 14.04
CA GLN D 34 -8.65 39.90 14.32
C GLN D 34 -7.59 40.28 15.37
N GLY D 35 -6.67 41.14 14.98
CA GLY D 35 -5.71 41.69 15.92
C GLY D 35 -4.43 40.88 16.08
N THR D 36 -4.25 39.86 15.24
CA THR D 36 -3.03 39.05 15.30
C THR D 36 -1.93 39.73 14.51
N GLY D 37 -2.35 40.51 13.51
CA GLY D 37 -1.42 41.11 12.57
C GLY D 37 -0.87 40.12 11.53
N LEU D 38 -1.43 38.92 11.50
CA LEU D 38 -0.92 37.89 10.60
C LEU D 38 -1.97 37.56 9.55
N SER D 39 -1.54 36.91 8.46
N SER D 39 -1.54 36.91 8.46
CA SER D 39 -2.47 36.55 7.39
CA SER D 39 -2.48 36.57 7.39
C SER D 39 -3.46 35.47 7.84
C SER D 39 -3.45 35.48 7.83
N LEU D 40 -4.66 35.52 7.27
CA LEU D 40 -5.70 34.55 7.57
C LEU D 40 -5.25 33.11 7.30
N ALA D 41 -4.65 32.86 6.13
CA ALA D 41 -4.20 31.50 5.79
C ALA D 41 -3.15 30.98 6.78
N PHE D 42 -2.22 31.83 7.21
CA PHE D 42 -1.21 31.32 8.13
C PHE D 42 -1.82 30.94 9.49
N VAL D 43 -2.66 31.83 10.02
CA VAL D 43 -3.24 31.63 11.35
C VAL D 43 -4.26 30.49 11.35
N THR D 44 -5.05 30.40 10.29
CA THR D 44 -5.95 29.27 10.12
C THR D 44 -5.17 27.96 10.13
N ALA D 45 -4.11 27.89 9.32
CA ALA D 45 -3.30 26.67 9.32
C ALA D 45 -2.71 26.35 10.70
N ALA D 46 -2.26 27.38 11.42
CA ALA D 46 -1.78 27.19 12.79
C ALA D 46 -2.88 26.67 13.73
N LEU D 47 -4.08 27.23 13.64
CA LEU D 47 -5.18 26.76 14.48
C LEU D 47 -5.51 25.30 14.16
N LEU D 48 -5.35 24.93 12.89
CA LEU D 48 -5.62 23.54 12.46
C LEU D 48 -4.40 22.62 12.65
N GLY D 49 -3.39 23.12 13.36
CA GLY D 49 -2.29 22.28 13.82
C GLY D 49 -1.11 22.18 12.88
N GLN D 50 -0.96 23.13 11.97
CA GLN D 50 0.08 23.00 10.95
C GLN D 50 1.23 24.00 11.11
N HIS D 51 1.05 24.98 12.00
CA HIS D 51 2.09 25.98 12.29
C HIS D 51 2.10 26.38 13.76
N PRO D 52 3.24 26.85 14.27
CA PRO D 52 3.20 27.55 15.55
C PRO D 52 2.72 29.01 15.39
N LEU D 53 2.11 29.55 16.44
CA LEU D 53 1.85 30.97 16.50
C LEU D 53 2.88 31.64 17.41
N PRO D 54 3.34 32.84 17.03
CA PRO D 54 4.08 33.67 18.00
C PRO D 54 3.16 33.99 19.20
N GLU D 55 3.75 34.21 20.36
CA GLU D 55 2.99 34.28 21.62
C GLU D 55 1.83 35.26 21.59
N GLN D 56 2.08 36.47 21.09
CA GLN D 56 1.03 37.51 21.04
C GLN D 56 -0.19 37.06 20.25
N ALA D 57 0.04 36.55 19.04
CA ALA D 57 -1.03 36.00 18.22
C ALA D 57 -1.73 34.85 18.95
N ALA D 58 -0.95 34.01 19.62
CA ALA D 58 -1.53 32.90 20.38
C ALA D 58 -2.49 33.41 21.45
N ARG D 59 -2.09 34.45 22.18
CA ARG D 59 -2.92 34.98 23.24
C ARG D 59 -4.16 35.66 22.69
N VAL D 60 -4.01 36.34 21.56
CA VAL D 60 -5.15 36.97 20.90
C VAL D 60 -6.23 35.94 20.51
N VAL D 61 -5.84 34.85 19.86
CA VAL D 61 -6.83 33.84 19.44
C VAL D 61 -7.36 33.03 20.64
N ALA D 62 -6.52 32.84 21.65
CA ALA D 62 -6.94 32.10 22.83
C ALA D 62 -8.03 32.84 23.58
N GLU D 63 -7.91 34.17 23.63
CA GLU D 63 -8.89 34.99 24.31
C GLU D 63 -10.25 34.75 23.69
N LYS D 64 -10.28 34.67 22.37
CA LYS D 64 -11.54 34.47 21.65
C LYS D 64 -12.09 33.05 21.76
N LEU D 65 -11.22 32.08 22.06
CA LEU D 65 -11.63 30.68 22.12
C LEU D 65 -11.71 30.13 23.53
N ASP D 66 -11.43 30.97 24.52
CA ASP D 66 -11.37 30.54 25.93
C ASP D 66 -10.34 29.44 26.19
N LEU D 67 -9.17 29.58 25.59
CA LEU D 67 -8.08 28.62 25.81
C LEU D 67 -7.26 29.01 27.04
N ASP D 68 -6.86 28.02 27.83
CA ASP D 68 -6.00 28.29 28.98
C ASP D 68 -4.52 28.34 28.61
N GLU D 69 -3.66 28.34 29.63
CA GLU D 69 -2.23 28.53 29.42
C GLU D 69 -1.54 27.30 28.86
N ASP D 70 -2.01 26.12 29.23
CA ASP D 70 -1.45 24.89 28.66
C ASP D 70 -1.62 24.92 27.13
N ALA D 71 -2.78 25.38 26.69
CA ALA D 71 -3.10 25.47 25.26
C ALA D 71 -2.32 26.59 24.58
N ILE D 72 -2.21 27.74 25.23
CA ILE D 72 -1.45 28.85 24.66
C ILE D 72 0.00 28.45 24.45
N ARG D 73 0.54 27.66 25.37
CA ARG D 73 1.90 27.16 25.25
C ARG D 73 2.04 26.15 24.10
N LEU D 74 1.05 25.27 23.97
CA LEU D 74 1.09 24.25 22.93
C LEU D 74 0.91 24.86 21.54
N LEU D 75 0.10 25.91 21.45
CA LEU D 75 -0.16 26.63 20.21
C LEU D 75 1.11 27.32 19.67
N GLN D 76 2.09 27.51 20.57
CA GLN D 76 3.37 28.12 20.22
C GLN D 76 4.43 27.10 19.80
N THR D 77 4.12 25.82 19.96
CA THR D 77 5.08 24.79 19.58
C THR D 77 4.99 24.45 18.09
N ILE D 78 6.14 24.10 17.53
CA ILE D 78 6.25 23.62 16.16
C ILE D 78 5.68 22.21 16.07
N PRO D 79 4.68 22.02 15.20
CA PRO D 79 4.05 20.69 15.16
C PRO D 79 4.73 19.70 14.21
N LEU D 80 4.39 18.43 14.34
CA LEU D 80 4.65 17.47 13.26
C LEU D 80 3.62 17.76 12.17
N ARG D 81 4.06 18.29 11.03
CA ARG D 81 3.12 18.78 10.01
C ARG D 81 2.57 17.70 9.08
N GLY D 82 1.39 17.96 8.52
CA GLY D 82 0.74 17.06 7.59
C GLY D 82 -0.74 17.07 7.94
N SER D 83 -1.59 17.50 7.01
CA SER D 83 -3.01 17.66 7.36
C SER D 83 -3.94 16.64 6.71
N ILE D 84 -3.37 15.71 5.94
CA ILE D 84 -4.18 14.65 5.32
C ILE D 84 -3.68 13.27 5.77
N PRO D 85 -4.35 12.67 6.76
CA PRO D 85 -3.92 11.35 7.23
C PRO D 85 -3.86 10.33 6.08
N GLY D 86 -2.74 9.62 5.99
CA GLY D 86 -2.53 8.66 4.92
C GLY D 86 -2.09 9.28 3.60
N GLY D 87 -2.12 10.60 3.51
CA GLY D 87 -1.66 11.29 2.32
C GLY D 87 -2.69 11.48 1.20
N VAL D 88 -3.61 10.52 1.08
CA VAL D 88 -4.60 10.57 0.01
C VAL D 88 -5.98 10.96 0.54
N PRO D 89 -6.49 12.13 0.16
CA PRO D 89 -7.75 12.59 0.74
C PRO D 89 -8.96 11.94 0.06
N THR D 90 -10.07 11.81 0.78
N THR D 90 -10.08 11.81 0.76
CA THR D 90 -11.31 11.31 0.19
CA THR D 90 -11.31 11.33 0.15
C THR D 90 -12.35 12.42 0.14
C THR D 90 -12.31 12.47 0.08
N ASP D 91 -12.19 13.40 1.02
CA ASP D 91 -13.09 14.54 1.06
C ASP D 91 -13.01 15.31 -0.25
N PRO D 92 -14.14 15.52 -0.92
CA PRO D 92 -14.10 16.12 -2.25
C PRO D 92 -13.39 17.48 -2.31
N THR D 93 -13.59 18.32 -1.30
CA THR D 93 -13.05 19.68 -1.33
C THR D 93 -11.52 19.65 -1.34
N ILE D 94 -10.95 18.85 -0.43
CA ILE D 94 -9.51 18.67 -0.41
C ILE D 94 -9.04 17.94 -1.67
N TYR D 95 -9.78 16.89 -2.08
CA TYR D 95 -9.31 16.07 -3.19
C TYR D 95 -9.11 16.90 -4.48
N ARG D 96 -9.96 17.90 -4.71
CA ARG D 96 -9.83 18.67 -5.95
C ARG D 96 -8.44 19.34 -5.99
N PHE D 97 -7.94 19.78 -4.84
CA PHE D 97 -6.61 20.39 -4.81
C PHE D 97 -5.52 19.35 -5.01
N TYR D 98 -5.71 18.20 -4.39
CA TYR D 98 -4.88 17.03 -4.65
C TYR D 98 -4.86 16.69 -6.15
N GLU D 99 -6.05 16.71 -6.76
CA GLU D 99 -6.20 16.39 -8.20
C GLU D 99 -5.43 17.38 -9.11
N MET D 100 -5.46 18.67 -8.77
CA MET D 100 -4.74 19.67 -9.58
C MET D 100 -3.28 19.27 -9.73
N VAL D 101 -2.69 18.79 -8.63
CA VAL D 101 -1.28 18.41 -8.67
C VAL D 101 -1.07 17.09 -9.43
N GLN D 102 -1.99 16.14 -9.28
CA GLN D 102 -1.87 14.90 -10.04
C GLN D 102 -1.91 15.17 -11.54
N ILE D 103 -2.77 16.08 -11.95
CA ILE D 103 -2.92 16.35 -13.37
C ILE D 103 -1.79 17.24 -13.90
N TYR D 104 -1.49 18.31 -13.16
CA TYR D 104 -0.60 19.33 -13.68
C TYR D 104 0.83 19.23 -13.15
N GLY D 105 1.07 18.23 -12.32
CA GLY D 105 2.38 18.05 -11.72
C GLY D 105 3.53 18.02 -12.71
N SER D 106 3.40 17.23 -13.77
CA SER D 106 4.45 17.17 -14.77
C SER D 106 4.59 18.49 -15.53
N THR D 107 3.48 19.21 -15.71
CA THR D 107 3.54 20.51 -16.37
C THR D 107 4.26 21.53 -15.50
N LEU D 108 4.00 21.50 -14.20
CA LEU D 108 4.65 22.44 -13.29
C LEU D 108 6.15 22.21 -13.29
N LYS D 109 6.56 20.95 -13.24
CA LYS D 109 7.97 20.60 -13.32
C LYS D 109 8.59 21.16 -14.59
N ALA D 110 8.01 20.82 -15.73
CA ALA D 110 8.50 21.24 -17.01
C ALA D 110 8.65 22.77 -17.12
N LEU D 111 7.65 23.52 -16.67
CA LEU D 111 7.69 24.97 -16.80
C LEU D 111 8.59 25.62 -15.74
N VAL D 112 8.69 25.01 -14.56
CA VAL D 112 9.69 25.49 -13.59
C VAL D 112 11.08 25.38 -14.20
N HIS D 113 11.41 24.23 -14.77
CA HIS D 113 12.76 24.05 -15.30
C HIS D 113 13.03 24.93 -16.51
N GLU D 114 12.01 25.21 -17.32
CA GLU D 114 12.16 26.11 -18.47
C GLU D 114 12.30 27.58 -18.06
N GLN D 115 11.49 28.01 -17.10
CA GLN D 115 11.44 29.43 -16.77
C GLN D 115 12.41 29.81 -15.68
N PHE D 116 12.83 28.85 -14.87
CA PHE D 116 13.72 29.15 -13.75
C PHE D 116 15.03 28.38 -13.88
N GLY D 117 14.93 27.10 -14.16
CA GLY D 117 16.11 26.26 -14.25
C GLY D 117 16.00 25.04 -13.36
N ASP D 118 17.12 24.37 -13.16
CA ASP D 118 17.11 23.18 -12.32
C ASP D 118 16.89 23.57 -10.85
N GLY D 119 16.22 22.72 -10.09
CA GLY D 119 15.85 23.06 -8.73
C GLY D 119 14.37 22.97 -8.43
N ILE D 120 13.90 23.76 -7.48
CA ILE D 120 12.51 23.69 -7.01
C ILE D 120 11.91 25.06 -6.77
N ILE D 121 10.59 25.09 -6.74
CA ILE D 121 9.83 26.14 -6.07
C ILE D 121 9.60 25.67 -4.65
N SER D 122 10.02 26.48 -3.67
CA SER D 122 9.99 26.07 -2.27
C SER D 122 8.59 26.01 -1.66
N ALA D 123 8.37 25.03 -0.79
CA ALA D 123 7.12 24.93 -0.04
C ALA D 123 7.31 25.51 1.36
N ILE D 124 8.50 26.05 1.63
CA ILE D 124 8.83 26.63 2.93
C ILE D 124 9.01 28.16 2.87
N ASN D 125 9.91 28.62 2.01
CA ASN D 125 9.95 30.05 1.72
C ASN D 125 8.76 30.27 0.79
N PHE D 126 7.61 30.50 1.38
CA PHE D 126 6.37 30.22 0.69
C PHE D 126 5.18 30.88 1.36
N LYS D 127 4.29 31.44 0.54
CA LYS D 127 3.05 32.02 1.02
C LYS D 127 1.89 31.47 0.21
N LEU D 128 0.77 31.29 0.89
CA LEU D 128 -0.47 30.86 0.25
C LEU D 128 -1.56 31.87 0.59
N ASP D 129 -2.44 32.17 -0.36
CA ASP D 129 -3.66 32.87 0.02
C ASP D 129 -4.79 32.49 -0.92
N ILE D 130 -6.01 32.71 -0.49
CA ILE D 130 -7.14 32.39 -1.33
C ILE D 130 -8.02 33.63 -1.43
N LYS D 131 -8.47 33.93 -2.64
CA LYS D 131 -9.36 35.06 -2.89
C LYS D 131 -10.66 34.61 -3.56
N LYS D 132 -11.77 35.18 -3.13
CA LYS D 132 -13.04 34.94 -3.78
C LYS D 132 -13.26 36.04 -4.82
N VAL D 133 -13.61 35.66 -6.05
CA VAL D 133 -13.93 36.66 -7.07
C VAL D 133 -15.16 36.23 -7.85
N PRO D 134 -15.97 37.21 -8.29
CA PRO D 134 -17.17 36.90 -9.09
C PRO D 134 -16.81 36.21 -10.38
N ASP D 135 -17.57 35.19 -10.76
CA ASP D 135 -17.51 34.65 -12.11
C ASP D 135 -18.46 35.49 -12.97
N PRO D 136 -18.00 35.93 -14.15
CA PRO D 136 -18.87 36.74 -15.02
C PRO D 136 -20.15 36.01 -15.40
N ASP D 137 -20.08 34.70 -15.60
CA ASP D 137 -21.26 33.90 -15.91
C ASP D 137 -22.20 33.75 -14.71
N GLY D 138 -21.96 34.53 -13.66
CA GLY D 138 -22.67 34.37 -12.41
C GLY D 138 -21.97 33.29 -11.62
N GLY D 139 -22.11 33.34 -10.30
CA GLY D 139 -21.41 32.40 -9.44
C GLY D 139 -20.07 32.97 -8.99
N GLU D 140 -19.28 32.16 -8.28
CA GLU D 140 -18.03 32.60 -7.67
C GLU D 140 -16.86 31.70 -8.08
N ARG D 141 -15.65 32.24 -7.98
CA ARG D 141 -14.45 31.48 -8.22
C ARG D 141 -13.49 31.68 -7.07
N ALA D 142 -12.60 30.72 -6.87
CA ALA D 142 -11.55 30.85 -5.89
C ALA D 142 -10.25 30.98 -6.65
N VAL D 143 -9.46 31.98 -6.27
CA VAL D 143 -8.15 32.17 -6.88
C VAL D 143 -7.17 31.88 -5.77
N ILE D 144 -6.56 30.70 -5.84
CA ILE D 144 -5.58 30.32 -4.84
C ILE D 144 -4.20 30.61 -5.39
N THR D 145 -3.42 31.37 -4.63
CA THR D 145 -2.07 31.73 -5.04
C THR D 145 -1.00 30.99 -4.26
N LEU D 146 -0.14 30.28 -4.98
CA LEU D 146 1.01 29.59 -4.40
C LEU D 146 2.27 30.35 -4.83
N ASP D 147 2.99 30.88 -3.85
CA ASP D 147 4.04 31.86 -4.09
C ASP D 147 5.30 31.41 -3.37
N GLY D 148 6.19 30.75 -4.11
CA GLY D 148 7.39 30.18 -3.52
C GLY D 148 8.69 30.63 -4.16
N LYS D 149 9.71 30.76 -3.33
CA LYS D 149 11.07 31.06 -3.75
C LYS D 149 11.64 29.98 -4.69
N TYR D 150 12.25 30.38 -5.79
CA TYR D 150 13.04 29.43 -6.58
C TYR D 150 14.41 29.17 -5.96
N LEU D 151 14.69 27.89 -5.70
CA LEU D 151 15.98 27.47 -5.18
C LEU D 151 16.67 26.60 -6.23
N PRO D 152 17.78 27.10 -6.79
CA PRO D 152 18.39 26.32 -7.87
C PRO D 152 19.14 25.07 -7.41
N THR D 153 19.17 24.09 -8.30
CA THR D 153 20.11 22.99 -8.18
C THR D 153 21.32 23.32 -9.01
N LYS D 154 22.47 23.49 -8.37
CA LYS D 154 23.71 23.73 -9.10
C LYS D 154 24.73 22.62 -8.87
N PRO D 155 25.47 22.27 -9.93
CA PRO D 155 26.48 21.22 -9.83
C PRO D 155 27.58 21.60 -8.84
N PHE D 156 28.04 20.66 -8.03
CA PHE D 156 29.05 20.94 -7.00
C PHE D 156 30.21 19.94 -7.00
N THR E 2 36.14 -3.80 -7.74
CA THR E 2 34.92 -4.57 -8.01
C THR E 2 33.72 -3.68 -8.37
N GLN E 3 33.14 -3.96 -9.52
CA GLN E 3 32.01 -3.21 -10.05
C GLN E 3 30.74 -3.46 -9.23
N SER E 4 29.80 -2.53 -9.29
CA SER E 4 28.49 -2.72 -8.67
C SER E 4 27.37 -2.12 -9.50
N LEU E 5 26.15 -2.56 -9.22
CA LEU E 5 24.94 -2.09 -9.91
C LEU E 5 23.90 -1.62 -8.89
N HIS E 6 23.17 -0.58 -9.24
CA HIS E 6 22.15 -0.01 -8.36
C HIS E 6 20.72 -0.32 -8.86
N TYR E 7 20.63 -1.19 -9.86
CA TYR E 7 19.34 -1.62 -10.40
C TYR E 7 19.47 -3.11 -10.75
N SER E 8 18.35 -3.82 -10.80
CA SER E 8 18.40 -5.28 -10.82
C SER E 8 18.24 -5.94 -12.19
N SER E 9 17.78 -5.19 -13.19
CA SER E 9 17.44 -5.78 -14.49
C SER E 9 18.59 -6.51 -15.21
N PRO E 10 19.85 -6.03 -15.10
CA PRO E 10 20.91 -6.83 -15.75
C PRO E 10 21.15 -8.20 -15.12
N ARG E 11 21.16 -8.27 -13.79
CA ARG E 11 21.34 -9.54 -13.11
C ARG E 11 20.14 -10.45 -13.29
N GLU E 12 18.95 -9.84 -13.39
CA GLU E 12 17.74 -10.61 -13.62
C GLU E 12 17.81 -11.32 -14.97
N THR E 13 18.28 -10.60 -15.97
CA THR E 13 18.48 -11.18 -17.30
C THR E 13 19.50 -12.33 -17.26
N LEU E 14 20.61 -12.11 -16.58
CA LEU E 14 21.64 -13.13 -16.43
C LEU E 14 21.10 -14.36 -15.70
N THR E 15 20.38 -14.12 -14.62
CA THR E 15 19.79 -15.18 -13.82
C THR E 15 18.87 -16.03 -14.68
N ASP E 16 18.08 -15.37 -15.53
CA ASP E 16 17.20 -16.08 -16.44
C ASP E 16 17.97 -16.89 -17.48
N THR E 17 19.05 -16.33 -17.99
CA THR E 17 19.94 -17.06 -18.88
C THR E 17 20.45 -18.32 -18.16
N ILE E 18 20.87 -18.14 -16.92
CA ILE E 18 21.42 -19.23 -16.12
C ILE E 18 20.40 -20.34 -15.87
N MET E 19 19.19 -19.97 -15.47
CA MET E 19 18.17 -20.97 -15.18
C MET E 19 17.75 -21.71 -16.43
N MET E 20 17.63 -21.01 -17.56
CA MET E 20 17.28 -21.68 -18.81
C MET E 20 18.35 -22.71 -19.22
N ALA E 21 19.63 -22.37 -19.01
CA ALA E 21 20.70 -23.31 -19.28
C ALA E 21 20.63 -24.50 -18.30
N LYS E 22 20.38 -24.18 -17.04
CA LYS E 22 20.32 -25.19 -15.99
C LYS E 22 19.21 -26.19 -16.28
N ILE E 23 18.06 -25.68 -16.68
CA ILE E 23 16.91 -26.53 -17.00
C ILE E 23 17.12 -27.32 -18.29
N ARG E 24 17.73 -26.71 -19.30
CA ARG E 24 18.02 -27.39 -20.57
C ARG E 24 19.00 -28.55 -20.36
N LYS E 25 20.01 -28.34 -19.53
CA LYS E 25 21.03 -29.35 -19.31
C LYS E 25 20.64 -30.28 -18.15
N ASN E 26 19.49 -30.03 -17.55
CA ASN E 26 19.03 -30.78 -16.38
C ASN E 26 20.12 -30.86 -15.31
N LEU E 27 20.68 -29.72 -14.93
CA LEU E 27 21.68 -29.68 -13.87
C LEU E 27 21.08 -29.36 -12.50
N THR E 28 21.85 -29.62 -11.47
CA THR E 28 21.53 -29.22 -10.11
C THR E 28 22.47 -28.11 -9.68
N PHE E 29 22.08 -27.37 -8.64
CA PHE E 29 22.96 -26.35 -8.08
C PHE E 29 24.20 -26.99 -7.45
N GLU E 30 24.03 -28.17 -6.86
CA GLU E 30 25.16 -28.88 -6.27
C GLU E 30 26.23 -29.22 -7.32
N ALA E 31 25.78 -29.67 -8.50
CA ALA E 31 26.68 -29.99 -9.60
C ALA E 31 27.29 -28.75 -10.25
N ILE E 32 26.54 -27.65 -10.28
CA ILE E 32 27.09 -26.42 -10.83
C ILE E 32 28.18 -25.88 -9.91
N ASN E 33 27.97 -26.03 -8.61
CA ASN E 33 28.89 -25.54 -7.58
C ASN E 33 30.17 -26.38 -7.40
N GLN E 34 30.22 -27.57 -7.99
CA GLN E 34 31.39 -28.42 -7.84
C GLN E 34 32.64 -27.75 -8.41
N GLY E 35 33.61 -27.47 -7.55
CA GLY E 35 34.84 -26.86 -8.00
C GLY E 35 35.07 -25.41 -7.60
N THR E 36 34.04 -24.75 -7.07
CA THR E 36 34.13 -23.33 -6.75
C THR E 36 34.90 -23.10 -5.45
N GLY E 37 34.96 -24.12 -4.60
CA GLY E 37 35.52 -23.93 -3.28
C GLY E 37 34.68 -23.01 -2.41
N LEU E 38 33.38 -22.92 -2.70
CA LEU E 38 32.50 -22.07 -1.91
C LEU E 38 31.25 -22.84 -1.50
N SER E 39 30.51 -22.29 -0.54
N SER E 39 30.50 -22.30 -0.54
CA SER E 39 29.30 -22.95 -0.04
CA SER E 39 29.31 -22.97 -0.03
C SER E 39 28.17 -22.92 -1.06
C SER E 39 28.17 -22.92 -1.05
N LEU E 40 27.41 -24.00 -1.12
CA LEU E 40 26.28 -24.12 -2.04
C LEU E 40 25.29 -22.95 -1.95
N ALA E 41 24.94 -22.57 -0.72
CA ALA E 41 23.97 -21.49 -0.50
C ALA E 41 24.49 -20.14 -0.98
N PHE E 42 25.78 -19.88 -0.79
CA PHE E 42 26.33 -18.60 -1.24
C PHE E 42 26.37 -18.51 -2.76
N VAL E 43 26.83 -19.59 -3.40
CA VAL E 43 26.94 -19.63 -4.85
C VAL E 43 25.56 -19.69 -5.53
N THR E 44 24.63 -20.43 -4.93
CA THR E 44 23.28 -20.44 -5.48
C THR E 44 22.67 -19.03 -5.46
N ALA E 45 22.85 -18.33 -4.34
CA ALA E 45 22.32 -16.98 -4.20
C ALA E 45 22.97 -16.04 -5.22
N ALA E 46 24.26 -16.23 -5.48
CA ALA E 46 24.95 -15.47 -6.51
C ALA E 46 24.36 -15.74 -7.91
N LEU E 47 24.16 -17.01 -8.25
CA LEU E 47 23.54 -17.37 -9.51
C LEU E 47 22.15 -16.75 -9.62
N LEU E 48 21.44 -16.69 -8.49
CA LEU E 48 20.09 -16.13 -8.48
C LEU E 48 20.11 -14.60 -8.32
N GLY E 49 21.29 -14.00 -8.49
CA GLY E 49 21.43 -12.57 -8.57
C GLY E 49 21.58 -11.82 -7.26
N GLN E 50 22.05 -12.47 -6.20
CA GLN E 50 22.07 -11.83 -4.87
C GLN E 50 23.47 -11.60 -4.31
N HIS E 51 24.48 -12.09 -5.02
CA HIS E 51 25.88 -11.89 -4.63
C HIS E 51 26.77 -11.81 -5.84
N PRO E 52 27.95 -11.19 -5.70
CA PRO E 52 28.98 -11.34 -6.72
C PRO E 52 29.80 -12.62 -6.48
N LEU E 53 30.29 -13.23 -7.55
CA LEU E 53 31.28 -14.30 -7.42
C LEU E 53 32.68 -13.74 -7.68
N PRO E 54 33.67 -14.22 -6.92
CA PRO E 54 35.08 -13.99 -7.28
C PRO E 54 35.36 -14.68 -8.62
N GLU E 55 36.30 -14.13 -9.39
CA GLU E 55 36.48 -14.55 -10.79
C GLU E 55 36.65 -16.06 -11.00
N GLN E 56 37.42 -16.71 -10.12
CA GLN E 56 37.62 -18.16 -10.21
C GLN E 56 36.28 -18.92 -10.17
N ALA E 57 35.44 -18.57 -9.21
CA ALA E 57 34.16 -19.25 -9.08
C ALA E 57 33.23 -18.87 -10.23
N ALA E 58 33.33 -17.63 -10.69
CA ALA E 58 32.52 -17.20 -11.83
C ALA E 58 32.86 -18.01 -13.09
N ARG E 59 34.15 -18.26 -13.32
CA ARG E 59 34.55 -19.08 -14.47
C ARG E 59 34.13 -20.53 -14.31
N VAL E 60 34.23 -21.06 -13.10
CA VAL E 60 33.82 -22.44 -12.87
C VAL E 60 32.34 -22.65 -13.21
N VAL E 61 31.45 -21.78 -12.72
CA VAL E 61 30.02 -21.97 -13.02
C VAL E 61 29.73 -21.61 -14.47
N ALA E 62 30.52 -20.73 -15.05
CA ALA E 62 30.31 -20.33 -16.44
C ALA E 62 30.56 -21.47 -17.43
N GLU E 63 31.56 -22.31 -17.13
CA GLU E 63 31.86 -23.46 -17.98
C GLU E 63 30.69 -24.45 -17.99
N LYS E 64 30.09 -24.68 -16.82
CA LYS E 64 29.02 -25.65 -16.72
C LYS E 64 27.76 -25.20 -17.44
N LEU E 65 27.63 -23.90 -17.65
CA LEU E 65 26.38 -23.30 -18.13
C LEU E 65 26.51 -22.67 -19.51
N ASP E 66 27.69 -22.79 -20.12
CA ASP E 66 27.99 -22.14 -21.42
C ASP E 66 27.83 -20.62 -21.39
N LEU E 67 28.38 -19.98 -20.37
CA LEU E 67 28.25 -18.53 -20.23
C LEU E 67 29.45 -17.83 -20.88
N ASP E 68 29.18 -16.73 -21.59
CA ASP E 68 30.25 -15.98 -22.24
C ASP E 68 30.95 -15.00 -21.30
N GLU E 69 31.85 -14.20 -21.87
CA GLU E 69 32.70 -13.31 -21.09
C GLU E 69 31.94 -12.11 -20.52
N ASP E 70 30.93 -11.62 -21.23
CA ASP E 70 30.07 -10.57 -20.66
C ASP E 70 29.39 -11.12 -19.40
N ALA E 71 28.88 -12.35 -19.51
CA ALA E 71 28.20 -13.01 -18.39
C ALA E 71 29.14 -13.24 -17.20
N ILE E 72 30.38 -13.60 -17.48
CA ILE E 72 31.40 -13.79 -16.44
C ILE E 72 31.75 -12.48 -15.71
N ARG E 73 31.83 -11.37 -16.45
CA ARG E 73 32.06 -10.04 -15.86
C ARG E 73 30.86 -9.62 -14.99
N LEU E 74 29.66 -9.83 -15.51
CA LEU E 74 28.44 -9.51 -14.79
C LEU E 74 28.28 -10.36 -13.50
N LEU E 75 28.68 -11.62 -13.57
CA LEU E 75 28.63 -12.49 -12.38
C LEU E 75 29.50 -11.97 -11.24
N GLN E 76 30.52 -11.19 -11.60
CA GLN E 76 31.44 -10.60 -10.63
C GLN E 76 31.02 -9.24 -10.08
N THR E 77 29.93 -8.67 -10.60
CA THR E 77 29.47 -7.37 -10.11
C THR E 77 28.58 -7.51 -8.88
N ILE E 78 28.78 -6.61 -7.92
CA ILE E 78 27.92 -6.53 -6.76
C ILE E 78 26.52 -6.12 -7.24
N PRO E 79 25.52 -6.92 -6.88
CA PRO E 79 24.17 -6.60 -7.38
C PRO E 79 23.36 -5.67 -6.47
N LEU E 80 22.26 -5.16 -6.99
CA LEU E 80 21.21 -4.61 -6.15
C LEU E 80 20.40 -5.79 -5.60
N ARG E 81 20.49 -6.01 -4.30
CA ARG E 81 19.99 -7.25 -3.68
C ARG E 81 18.51 -7.20 -3.31
N GLY E 82 17.90 -8.37 -3.16
CA GLY E 82 16.49 -8.46 -2.83
C GLY E 82 15.88 -9.45 -3.78
N SER E 83 15.36 -10.56 -3.27
CA SER E 83 14.95 -11.65 -4.14
C SER E 83 13.44 -11.83 -4.16
N ILE E 84 12.74 -11.01 -3.39
CA ILE E 84 11.27 -11.05 -3.35
C ILE E 84 10.68 -9.73 -3.86
N PRO E 85 10.27 -9.69 -5.13
CA PRO E 85 9.68 -8.46 -5.68
C PRO E 85 8.49 -7.98 -4.84
N GLY E 86 8.54 -6.72 -4.41
CA GLY E 86 7.48 -6.18 -3.58
C GLY E 86 7.62 -6.47 -2.09
N GLY E 87 8.57 -7.33 -1.73
CA GLY E 87 8.79 -7.65 -0.32
C GLY E 87 7.92 -8.79 0.22
N VAL E 88 6.69 -8.89 -0.27
CA VAL E 88 5.77 -9.90 0.25
C VAL E 88 5.59 -11.04 -0.75
N PRO E 89 6.04 -12.24 -0.38
CA PRO E 89 5.94 -13.40 -1.28
C PRO E 89 4.55 -14.04 -1.24
N THR E 90 4.13 -14.62 -2.36
N THR E 90 4.14 -14.61 -2.36
CA THR E 90 2.90 -15.42 -2.38
CA THR E 90 2.92 -15.40 -2.42
C THR E 90 3.21 -16.89 -2.59
C THR E 90 3.25 -16.88 -2.52
N ASP E 91 4.39 -17.18 -3.12
CA ASP E 91 4.82 -18.57 -3.29
C ASP E 91 4.86 -19.25 -1.93
N PRO E 92 4.15 -20.37 -1.78
CA PRO E 92 4.08 -21.02 -0.46
C PRO E 92 5.45 -21.36 0.12
N THR E 93 6.39 -21.79 -0.73
CA THR E 93 7.69 -22.25 -0.22
C THR E 93 8.43 -21.08 0.41
N ILE E 94 8.51 -19.95 -0.30
CA ILE E 94 9.12 -18.76 0.24
C ILE E 94 8.29 -18.20 1.39
N TYR E 95 6.96 -18.22 1.24
CA TYR E 95 6.11 -17.63 2.27
C TYR E 95 6.32 -18.26 3.68
N ARG E 96 6.60 -19.56 3.75
CA ARG E 96 6.76 -20.20 5.07
C ARG E 96 7.95 -19.58 5.83
N PHE E 97 9.02 -19.23 5.12
CA PHE E 97 10.14 -18.58 5.79
C PHE E 97 9.80 -17.15 6.22
N TYR E 98 9.06 -16.45 5.37
CA TYR E 98 8.50 -15.14 5.70
C TYR E 98 7.62 -15.23 6.96
N GLU E 99 6.78 -16.25 7.03
CA GLU E 99 5.87 -16.43 8.17
C GLU E 99 6.63 -16.71 9.47
N MET E 100 7.73 -17.48 9.39
CA MET E 100 8.57 -17.73 10.57
C MET E 100 9.02 -16.39 11.21
N VAL E 101 9.42 -15.43 10.38
CA VAL E 101 9.79 -14.11 10.90
C VAL E 101 8.59 -13.31 11.41
N GLN E 102 7.47 -13.36 10.68
CA GLN E 102 6.24 -12.71 11.14
C GLN E 102 5.86 -13.18 12.55
N ILE E 103 5.87 -14.50 12.75
CA ILE E 103 5.44 -15.08 14.03
C ILE E 103 6.50 -14.94 15.14
N TYR E 104 7.76 -15.21 14.83
CA TYR E 104 8.75 -15.29 15.90
C TYR E 104 9.65 -14.06 15.98
N GLY E 105 9.36 -13.05 15.17
CA GLY E 105 10.16 -11.83 15.16
C GLY E 105 10.33 -11.16 16.50
N SER E 106 9.23 -11.00 17.23
CA SER E 106 9.27 -10.37 18.54
C SER E 106 10.03 -11.27 19.53
N THR E 107 9.93 -12.58 19.35
CA THR E 107 10.63 -13.52 20.22
C THR E 107 12.12 -13.47 19.95
N LEU E 108 12.50 -13.37 18.69
CA LEU E 108 13.90 -13.27 18.33
C LEU E 108 14.51 -11.99 18.89
N LYS E 109 13.77 -10.89 18.83
CA LYS E 109 14.25 -9.64 19.39
C LYS E 109 14.46 -9.77 20.91
N ALA E 110 13.45 -10.27 21.60
CA ALA E 110 13.48 -10.36 23.05
C ALA E 110 14.66 -11.19 23.53
N LEU E 111 14.90 -12.31 22.87
CA LEU E 111 15.96 -13.24 23.26
C LEU E 111 17.35 -12.75 22.82
N VAL E 112 17.41 -12.03 21.70
CA VAL E 112 18.70 -11.43 21.32
C VAL E 112 19.13 -10.40 22.38
N HIS E 113 18.20 -9.55 22.81
CA HIS E 113 18.50 -8.56 23.83
C HIS E 113 18.77 -9.19 25.19
N GLU E 114 18.09 -10.30 25.49
CA GLU E 114 18.34 -10.99 26.74
C GLU E 114 19.71 -11.66 26.76
N GLN E 115 20.03 -12.39 25.70
CA GLN E 115 21.22 -13.23 25.72
C GLN E 115 22.46 -12.51 25.21
N PHE E 116 22.28 -11.43 24.47
CA PHE E 116 23.45 -10.72 23.95
C PHE E 116 23.53 -9.28 24.43
N GLY E 117 22.41 -8.57 24.35
CA GLY E 117 22.35 -7.18 24.75
C GLY E 117 21.70 -6.33 23.67
N ASP E 118 21.74 -5.02 23.85
CA ASP E 118 21.24 -4.10 22.83
C ASP E 118 22.04 -4.22 21.53
N GLY E 119 21.33 -4.25 20.42
CA GLY E 119 21.98 -4.33 19.13
C GLY E 119 21.25 -5.26 18.19
N ILE E 120 22.02 -5.93 17.34
CA ILE E 120 21.44 -6.72 16.26
C ILE E 120 22.29 -7.95 16.03
N ILE E 121 21.67 -8.96 15.44
CA ILE E 121 22.40 -10.06 14.83
C ILE E 121 22.54 -9.68 13.37
N SER E 122 23.78 -9.63 12.89
CA SER E 122 24.03 -9.07 11.56
C SER E 122 23.51 -9.98 10.46
N ALA E 123 23.03 -9.38 9.38
CA ALA E 123 22.62 -10.14 8.21
C ALA E 123 23.72 -10.05 7.15
N ILE E 124 24.84 -9.43 7.51
CA ILE E 124 25.96 -9.24 6.58
C ILE E 124 27.19 -10.06 7.00
N ASN E 125 27.63 -9.90 8.23
CA ASN E 125 28.58 -10.83 8.81
C ASN E 125 27.77 -12.08 9.14
N PHE E 126 27.59 -12.96 8.16
CA PHE E 126 26.46 -13.87 8.24
C PHE E 126 26.62 -15.07 7.31
N LYS E 127 26.28 -16.26 7.82
CA LYS E 127 26.22 -17.44 6.98
C LYS E 127 24.87 -18.13 7.13
N LEU E 128 24.40 -18.69 6.02
CA LEU E 128 23.19 -19.49 5.97
C LEU E 128 23.58 -20.88 5.48
N ASP E 129 22.95 -21.92 6.00
CA ASP E 129 23.00 -23.21 5.32
C ASP E 129 21.72 -23.98 5.58
N ILE E 130 21.40 -24.86 4.65
CA ILE E 130 20.21 -25.68 4.78
C ILE E 130 20.64 -27.14 4.75
N LYS E 131 20.10 -27.92 5.67
CA LYS E 131 20.47 -29.31 5.83
C LYS E 131 19.24 -30.21 5.84
N LYS E 132 19.33 -31.39 5.22
CA LYS E 132 18.20 -32.32 5.23
C LYS E 132 18.45 -33.44 6.22
N VAL E 133 17.53 -33.65 7.16
CA VAL E 133 17.66 -34.76 8.11
C VAL E 133 16.34 -35.54 8.15
N PRO E 134 16.44 -36.86 8.32
CA PRO E 134 15.23 -37.68 8.39
C PRO E 134 14.39 -37.34 9.62
N ASP E 135 13.08 -37.41 9.46
CA ASP E 135 12.17 -37.28 10.59
C ASP E 135 11.95 -38.70 11.11
N PRO E 136 12.04 -38.87 12.43
CA PRO E 136 11.82 -40.21 13.02
C PRO E 136 10.46 -40.80 12.66
N ASP E 137 9.45 -39.95 12.51
CA ASP E 137 8.09 -40.40 12.22
C ASP E 137 7.90 -40.74 10.75
N GLY E 138 8.99 -40.81 10.02
CA GLY E 138 8.94 -40.98 8.58
C GLY E 138 8.98 -39.59 7.95
N GLY E 139 9.43 -39.51 6.70
CA GLY E 139 9.54 -38.22 6.03
C GLY E 139 10.84 -37.51 6.37
N GLU E 140 10.93 -36.23 5.99
CA GLU E 140 12.16 -35.44 6.05
C GLU E 140 11.95 -34.07 6.70
N ARG E 141 12.99 -33.56 7.34
CA ARG E 141 12.98 -32.21 7.89
C ARG E 141 14.11 -31.36 7.27
N ALA E 142 13.88 -30.07 7.18
CA ALA E 142 14.94 -29.15 6.82
C ALA E 142 15.40 -28.39 8.04
N VAL E 143 16.71 -28.42 8.30
CA VAL E 143 17.29 -27.65 9.36
C VAL E 143 18.04 -26.50 8.70
N ILE E 144 17.50 -25.29 8.86
CA ILE E 144 18.11 -24.12 8.30
C ILE E 144 18.82 -23.36 9.41
N THR E 145 20.09 -23.06 9.20
CA THR E 145 20.91 -22.41 10.20
C THR E 145 21.18 -20.97 9.81
N LEU E 146 20.81 -20.04 10.69
CA LEU E 146 21.10 -18.61 10.47
C LEU E 146 22.17 -18.19 11.47
N ASP E 147 23.34 -17.85 10.95
CA ASP E 147 24.51 -17.66 11.77
C ASP E 147 25.09 -16.26 11.58
N GLY E 148 24.75 -15.35 12.49
CA GLY E 148 25.18 -13.97 12.35
C GLY E 148 25.94 -13.44 13.55
N LYS E 149 26.85 -12.52 13.30
CA LYS E 149 27.60 -11.85 14.35
C LYS E 149 26.71 -10.92 15.19
N TYR E 150 26.90 -10.94 16.51
CA TYR E 150 26.27 -9.92 17.32
C TYR E 150 27.04 -8.61 17.21
N LEU E 151 26.31 -7.54 16.89
CA LEU E 151 26.84 -6.17 16.86
C LEU E 151 26.13 -5.30 17.91
N PRO E 152 26.85 -4.84 18.94
CA PRO E 152 26.14 -4.10 19.98
C PRO E 152 25.77 -2.66 19.59
N THR E 153 24.65 -2.20 20.13
CA THR E 153 24.34 -0.79 20.17
C THR E 153 24.83 -0.22 21.49
N LYS E 154 25.76 0.73 21.42
CA LYS E 154 26.30 1.38 22.61
C LYS E 154 26.17 2.90 22.54
N PRO E 155 25.98 3.54 23.69
CA PRO E 155 25.87 5.01 23.72
C PRO E 155 27.07 5.72 23.09
N PHE E 156 26.87 6.92 22.57
CA PHE E 156 27.98 7.67 21.99
C PHE E 156 27.88 9.14 22.35
N THR F 2 19.74 -6.37 30.59
CA THR F 2 18.97 -5.20 30.20
C THR F 2 17.64 -5.59 29.53
N GLN F 3 16.55 -5.02 30.05
CA GLN F 3 15.19 -5.29 29.57
C GLN F 3 14.97 -4.73 28.17
N SER F 4 13.93 -5.22 27.49
CA SER F 4 13.59 -4.75 26.16
C SER F 4 12.10 -4.90 25.90
N LEU F 5 11.60 -4.13 24.93
CA LEU F 5 10.20 -4.17 24.54
C LEU F 5 10.08 -4.41 23.03
N HIS F 6 9.06 -5.17 22.63
CA HIS F 6 8.81 -5.49 21.23
C HIS F 6 7.64 -4.68 20.66
N TYR F 7 7.13 -3.74 21.44
CA TYR F 7 6.02 -2.91 20.99
C TYR F 7 6.25 -1.49 21.50
N SER F 8 5.71 -0.50 20.79
CA SER F 8 6.16 0.88 20.98
C SER F 8 5.34 1.73 21.96
N SER F 9 4.08 1.36 22.24
CA SER F 9 3.20 2.26 23.01
C SER F 9 3.68 2.67 24.43
N PRO F 10 4.37 1.79 25.18
CA PRO F 10 4.85 2.28 26.49
C PRO F 10 5.88 3.40 26.39
N ARG F 11 6.83 3.29 25.45
CA ARG F 11 7.83 4.33 25.23
C ARG F 11 7.22 5.57 24.64
N GLU F 12 6.22 5.40 23.78
CA GLU F 12 5.49 6.52 23.22
C GLU F 12 4.78 7.33 24.32
N THR F 13 4.19 6.61 25.28
CA THR F 13 3.57 7.22 26.43
C THR F 13 4.60 7.97 27.27
N LEU F 14 5.77 7.36 27.47
CA LEU F 14 6.84 8.00 28.21
C LEU F 14 7.36 9.24 27.48
N THR F 15 7.56 9.10 26.17
CA THR F 15 8.04 10.20 25.36
C THR F 15 7.10 11.40 25.45
N ASP F 16 5.80 11.13 25.46
CA ASP F 16 4.80 12.19 25.58
C ASP F 16 4.86 12.85 26.96
N THR F 17 5.00 12.04 28.00
CA THR F 17 5.23 12.54 29.36
C THR F 17 6.44 13.47 29.36
N ILE F 18 7.53 12.99 28.79
CA ILE F 18 8.76 13.76 28.70
C ILE F 18 8.58 15.09 27.95
N MET F 19 7.93 15.05 26.80
CA MET F 19 7.78 16.25 25.98
C MET F 19 6.88 17.30 26.63
N MET F 20 5.81 16.85 27.27
CA MET F 20 4.91 17.78 27.97
C MET F 20 5.64 18.50 29.10
N ALA F 21 6.53 17.78 29.78
CA ALA F 21 7.33 18.35 30.84
C ALA F 21 8.34 19.34 30.27
N LYS F 22 9.04 18.92 29.22
CA LYS F 22 10.00 19.80 28.54
C LYS F 22 9.33 21.09 28.10
N ILE F 23 8.15 20.99 27.52
CA ILE F 23 7.40 22.16 27.08
C ILE F 23 6.90 23.00 28.26
N ARG F 24 6.45 22.35 29.34
CA ARG F 24 5.92 23.06 30.49
C ARG F 24 7.02 23.88 31.18
N LYS F 25 8.21 23.29 31.26
CA LYS F 25 9.36 23.91 31.92
C LYS F 25 10.17 24.77 30.96
N ASN F 26 9.73 24.82 29.70
CA ASN F 26 10.44 25.49 28.62
C ASN F 26 11.94 25.13 28.57
N LEU F 27 12.24 23.84 28.59
CA LEU F 27 13.62 23.37 28.53
C LEU F 27 14.08 23.07 27.10
N THR F 28 15.40 22.97 26.92
CA THR F 28 15.98 22.49 25.70
C THR F 28 16.54 21.08 25.88
N PHE F 29 16.88 20.42 24.77
CA PHE F 29 17.52 19.12 24.86
C PHE F 29 18.96 19.28 25.36
N GLU F 30 19.63 20.34 24.92
CA GLU F 30 20.98 20.65 25.40
C GLU F 30 21.01 20.78 26.93
N ALA F 31 20.07 21.52 27.48
CA ALA F 31 19.95 21.66 28.94
C ALA F 31 19.64 20.33 29.63
N ILE F 32 18.73 19.55 29.05
CA ILE F 32 18.34 18.28 29.64
C ILE F 32 19.50 17.31 29.64
N ASN F 33 20.39 17.43 28.65
CA ASN F 33 21.51 16.52 28.48
C ASN F 33 22.75 16.85 29.33
N GLN F 34 22.73 17.99 29.99
CA GLN F 34 23.90 18.42 30.77
C GLN F 34 24.17 17.47 31.94
N GLY F 35 25.34 16.84 31.93
CA GLY F 35 25.72 15.95 33.02
C GLY F 35 25.57 14.46 32.74
N THR F 36 24.94 14.11 31.62
CA THR F 36 24.77 12.70 31.26
C THR F 36 26.11 12.12 30.84
N GLY F 37 26.99 12.98 30.34
CA GLY F 37 28.26 12.50 29.82
C GLY F 37 28.10 11.77 28.49
N LEU F 38 27.01 12.07 27.79
CA LEU F 38 26.71 11.41 26.51
C LEU F 38 26.40 12.45 25.44
N SER F 39 26.42 12.03 24.17
N SER F 39 26.41 12.05 24.18
CA SER F 39 26.20 12.94 23.05
CA SER F 39 26.21 12.97 23.07
C SER F 39 24.73 13.39 22.99
C SER F 39 24.74 13.40 22.99
N LEU F 40 24.52 14.63 22.57
CA LEU F 40 23.18 15.20 22.48
C LEU F 40 22.27 14.38 21.56
N ALA F 41 22.80 13.91 20.42
CA ALA F 41 21.98 13.17 19.46
C ALA F 41 21.53 11.84 20.02
N PHE F 42 22.41 11.15 20.77
CA PHE F 42 22.06 9.85 21.35
C PHE F 42 20.99 10.03 22.44
N VAL F 43 21.19 10.99 23.33
CA VAL F 43 20.26 11.20 24.45
C VAL F 43 18.92 11.76 23.99
N THR F 44 18.94 12.69 23.02
CA THR F 44 17.67 13.15 22.44
C THR F 44 16.90 11.96 21.84
N ALA F 45 17.59 11.11 21.09
CA ALA F 45 16.96 9.94 20.49
C ALA F 45 16.34 9.02 21.54
N ALA F 46 17.04 8.82 22.66
CA ALA F 46 16.51 8.01 23.74
C ALA F 46 15.26 8.65 24.37
N LEU F 47 15.29 9.96 24.61
CA LEU F 47 14.12 10.64 25.17
C LEU F 47 12.95 10.51 24.21
N LEU F 48 13.24 10.47 22.91
CA LEU F 48 12.20 10.36 21.90
C LEU F 48 11.88 8.89 21.59
N GLY F 49 12.37 7.99 22.43
CA GLY F 49 11.94 6.61 22.41
C GLY F 49 12.75 5.66 21.54
N GLN F 50 13.97 6.04 21.16
CA GLN F 50 14.72 5.27 20.17
C GLN F 50 15.95 4.55 20.70
N HIS F 51 16.26 4.78 21.97
CA HIS F 51 17.39 4.12 22.63
C HIS F 51 17.12 3.90 24.12
N PRO F 52 17.82 2.93 24.71
CA PRO F 52 17.83 2.89 26.18
C PRO F 52 18.94 3.79 26.72
N LEU F 53 18.71 4.46 27.84
CA LEU F 53 19.79 5.15 28.54
C LEU F 53 20.37 4.27 29.64
N PRO F 54 21.70 4.32 29.83
CA PRO F 54 22.21 3.71 31.07
C PRO F 54 21.64 4.46 32.27
N GLU F 55 21.64 3.81 33.44
CA GLU F 55 20.89 4.31 34.59
C GLU F 55 21.31 5.69 35.08
N GLN F 56 22.60 5.98 35.08
CA GLN F 56 23.07 7.30 35.51
C GLN F 56 22.51 8.41 34.61
N ALA F 57 22.57 8.22 33.30
CA ALA F 57 22.01 9.21 32.37
C ALA F 57 20.48 9.29 32.53
N ALA F 58 19.87 8.15 32.77
CA ALA F 58 18.42 8.09 32.98
C ALA F 58 18.01 8.92 34.19
N ARG F 59 18.79 8.83 35.28
CA ARG F 59 18.49 9.60 36.49
C ARG F 59 18.77 11.08 36.30
N VAL F 60 19.83 11.41 35.58
CA VAL F 60 20.09 12.81 35.25
C VAL F 60 18.91 13.45 34.50
N VAL F 61 18.41 12.83 33.43
CA VAL F 61 17.31 13.46 32.68
C VAL F 61 16.02 13.44 33.49
N ALA F 62 15.87 12.42 34.33
CA ALA F 62 14.66 12.29 35.12
C ALA F 62 14.53 13.40 36.16
N GLU F 63 15.66 13.85 36.71
CA GLU F 63 15.59 14.94 37.68
C GLU F 63 15.13 16.22 36.99
N LYS F 64 15.69 16.49 35.82
CA LYS F 64 15.32 17.72 35.12
C LYS F 64 13.84 17.74 34.75
N LEU F 65 13.26 16.56 34.54
CA LEU F 65 11.93 16.47 33.97
C LEU F 65 10.86 16.01 34.96
N ASP F 66 11.25 15.79 36.22
CA ASP F 66 10.37 15.23 37.27
C ASP F 66 9.83 13.83 36.94
N LEU F 67 10.69 12.92 36.50
CA LEU F 67 10.22 11.60 36.14
C LEU F 67 10.35 10.64 37.32
N ASP F 68 9.35 9.78 37.52
CA ASP F 68 9.37 8.87 38.67
C ASP F 68 10.15 7.59 38.39
N GLU F 69 10.19 6.71 39.38
CA GLU F 69 10.99 5.50 39.30
C GLU F 69 10.47 4.53 38.23
N ASP F 70 9.17 4.54 37.95
CA ASP F 70 8.67 3.73 36.84
C ASP F 70 9.25 4.27 35.53
N ALA F 71 9.14 5.58 35.32
CA ALA F 71 9.69 6.24 34.14
C ALA F 71 11.19 5.97 33.96
N ILE F 72 11.95 6.02 35.05
CA ILE F 72 13.39 5.77 35.02
C ILE F 72 13.71 4.34 34.58
N ARG F 73 12.94 3.36 35.07
CA ARG F 73 13.07 1.98 34.64
C ARG F 73 12.80 1.84 33.13
N LEU F 74 11.71 2.42 32.67
CA LEU F 74 11.33 2.38 31.26
C LEU F 74 12.37 3.05 30.34
N LEU F 75 12.97 4.13 30.80
CA LEU F 75 14.03 4.80 30.04
C LEU F 75 15.24 3.90 29.85
N GLN F 76 15.38 2.89 30.70
CA GLN F 76 16.52 1.99 30.60
C GLN F 76 16.26 0.77 29.71
N THR F 77 15.04 0.64 29.18
CA THR F 77 14.71 -0.53 28.37
C THR F 77 14.97 -0.31 26.90
N ILE F 78 15.45 -1.37 26.25
CA ILE F 78 15.65 -1.33 24.82
C ILE F 78 14.28 -1.24 24.15
N PRO F 79 14.05 -0.19 23.36
CA PRO F 79 12.74 -0.06 22.73
C PRO F 79 12.59 -0.84 21.41
N LEU F 80 11.36 -0.89 20.92
CA LEU F 80 11.09 -1.22 19.53
C LEU F 80 11.37 0.06 18.71
N ARG F 81 12.42 0.06 17.90
CA ARG F 81 12.87 1.31 17.27
C ARG F 81 12.15 1.64 15.97
N GLY F 82 12.15 2.91 15.60
CA GLY F 82 11.45 3.41 14.42
C GLY F 82 10.74 4.69 14.82
N SER F 83 11.08 5.81 14.18
CA SER F 83 10.55 7.09 14.64
C SER F 83 9.56 7.71 13.65
N ILE F 84 9.36 7.03 12.52
CA ILE F 84 8.40 7.51 11.50
C ILE F 84 7.29 6.48 11.27
N PRO F 85 6.13 6.67 11.91
CA PRO F 85 5.02 5.73 11.74
C PRO F 85 4.68 5.60 10.26
N GLY F 86 4.62 4.36 9.78
CA GLY F 86 4.37 4.09 8.37
C GLY F 86 5.60 4.15 7.48
N GLY F 87 6.71 4.63 8.02
CA GLY F 87 7.96 4.71 7.27
C GLY F 87 8.11 5.96 6.40
N VAL F 88 7.00 6.50 5.92
CA VAL F 88 7.05 7.64 5.00
C VAL F 88 6.58 8.89 5.72
N PRO F 89 7.47 9.87 5.94
CA PRO F 89 7.10 11.11 6.64
C PRO F 89 6.40 12.12 5.74
N THR F 90 5.55 12.96 6.33
N THR F 90 5.54 12.95 6.31
CA THR F 90 4.91 14.08 5.64
CA THR F 90 4.93 14.09 5.62
C THR F 90 5.44 15.41 6.19
C THR F 90 5.44 15.41 6.19
N ASP F 91 5.90 15.39 7.44
CA ASP F 91 6.53 16.57 8.01
C ASP F 91 7.72 16.99 7.12
N PRO F 92 7.71 18.23 6.64
CA PRO F 92 8.74 18.70 5.71
C PRO F 92 10.16 18.56 6.28
N THR F 93 10.35 18.90 7.55
CA THR F 93 11.67 18.84 8.16
C THR F 93 12.25 17.41 8.09
N ILE F 94 11.48 16.42 8.58
CA ILE F 94 11.89 15.03 8.45
C ILE F 94 11.98 14.58 6.97
N TYR F 95 11.00 14.98 6.17
CA TYR F 95 10.97 14.56 4.77
C TYR F 95 12.25 14.92 4.00
N ARG F 96 12.81 16.10 4.27
CA ARG F 96 14.03 16.51 3.57
C ARG F 96 15.14 15.48 3.74
N PHE F 97 15.26 14.91 4.93
CA PHE F 97 16.27 13.88 5.15
C PHE F 97 15.87 12.57 4.45
N TYR F 98 14.59 12.23 4.51
CA TYR F 98 14.07 11.11 3.72
C TYR F 98 14.42 11.35 2.24
N GLU F 99 14.22 12.59 1.78
CA GLU F 99 14.43 12.91 0.37
C GLU F 99 15.90 12.73 -0.05
N MET F 100 16.84 13.13 0.83
CA MET F 100 18.26 12.97 0.54
C MET F 100 18.59 11.51 0.23
N VAL F 101 17.97 10.58 0.96
CA VAL F 101 18.22 9.15 0.71
C VAL F 101 17.55 8.67 -0.59
N GLN F 102 16.32 9.13 -0.86
CA GLN F 102 15.68 8.76 -2.11
C GLN F 102 16.55 9.15 -3.30
N ILE F 103 17.07 10.37 -3.27
CA ILE F 103 17.83 10.86 -4.41
C ILE F 103 19.27 10.32 -4.44
N TYR F 104 19.96 10.27 -3.31
CA TYR F 104 21.36 9.86 -3.37
C TYR F 104 21.64 8.41 -2.98
N GLY F 105 20.61 7.63 -2.67
CA GLY F 105 20.78 6.23 -2.30
C GLY F 105 21.64 5.38 -3.24
N SER F 106 21.40 5.48 -4.55
CA SER F 106 22.15 4.71 -5.53
C SER F 106 23.60 5.21 -5.64
N THR F 107 23.80 6.51 -5.44
CA THR F 107 25.14 7.08 -5.38
C THR F 107 25.89 6.60 -4.15
N LEU F 108 25.20 6.57 -3.02
CA LEU F 108 25.80 6.14 -1.77
C LEU F 108 26.22 4.67 -1.92
N LYS F 109 25.39 3.87 -2.57
CA LYS F 109 25.72 2.46 -2.82
C LYS F 109 26.93 2.31 -3.74
N ALA F 110 26.88 3.01 -4.87
CA ALA F 110 27.96 2.96 -5.85
C ALA F 110 29.32 3.31 -5.24
N LEU F 111 29.37 4.40 -4.48
CA LEU F 111 30.64 4.87 -3.91
C LEU F 111 31.10 4.04 -2.70
N VAL F 112 30.16 3.54 -1.92
CA VAL F 112 30.56 2.62 -0.85
C VAL F 112 31.26 1.40 -1.47
N HIS F 113 30.63 0.82 -2.49
CA HIS F 113 31.21 -0.34 -3.14
C HIS F 113 32.55 -0.01 -3.80
N GLU F 114 32.64 1.16 -4.44
CA GLU F 114 33.90 1.58 -5.05
C GLU F 114 35.02 1.82 -4.04
N GLN F 115 34.72 2.53 -2.95
CA GLN F 115 35.75 2.94 -2.00
C GLN F 115 35.96 1.96 -0.85
N PHE F 116 35.05 1.02 -0.66
CA PHE F 116 35.19 0.07 0.44
C PHE F 116 35.19 -1.36 -0.05
N GLY F 117 34.16 -1.70 -0.83
CA GLY F 117 33.99 -3.05 -1.34
C GLY F 117 32.56 -3.50 -1.13
N ASP F 118 32.33 -4.78 -1.37
CA ASP F 118 31.02 -5.34 -1.11
C ASP F 118 30.74 -5.32 0.39
N GLY F 119 29.51 -5.03 0.75
CA GLY F 119 29.12 -4.88 2.13
C GLY F 119 28.24 -3.67 2.37
N ILE F 120 28.30 -3.16 3.58
CA ILE F 120 27.43 -2.08 4.02
C ILE F 120 28.20 -1.11 4.90
N ILE F 121 27.66 0.09 5.03
CA ILE F 121 28.05 1.00 6.10
C ILE F 121 27.03 0.79 7.20
N SER F 122 27.49 0.58 8.43
CA SER F 122 26.57 0.12 9.47
C SER F 122 25.71 1.25 10.03
N ALA F 123 24.47 0.90 10.36
CA ALA F 123 23.55 1.82 11.03
C ALA F 123 23.51 1.51 12.52
N ILE F 124 24.30 0.52 12.94
CA ILE F 124 24.36 0.14 14.37
C ILE F 124 25.70 0.53 15.01
N ASN F 125 26.80 0.08 14.41
CA ASN F 125 28.12 0.62 14.72
C ASN F 125 28.21 1.97 14.03
N PHE F 126 27.69 3.00 14.69
CA PHE F 126 27.28 4.19 13.98
C PHE F 126 27.11 5.39 14.89
N LYS F 127 27.55 6.56 14.42
CA LYS F 127 27.33 7.79 15.18
C LYS F 127 26.78 8.89 14.28
N LEU F 128 25.92 9.71 14.85
CA LEU F 128 25.30 10.83 14.14
C LEU F 128 25.54 12.09 14.96
N ASP F 129 25.81 13.21 14.30
CA ASP F 129 25.77 14.48 14.99
C ASP F 129 25.39 15.57 14.02
N ILE F 130 24.81 16.64 14.57
CA ILE F 130 24.41 17.77 13.74
C ILE F 130 25.09 19.03 14.26
N LYS F 131 25.67 19.81 13.37
CA LYS F 131 26.35 21.06 13.72
C LYS F 131 25.80 22.23 12.93
N LYS F 132 25.66 23.38 13.58
CA LYS F 132 25.26 24.58 12.86
C LYS F 132 26.50 25.38 12.49
N VAL F 133 26.58 25.83 11.24
CA VAL F 133 27.68 26.69 10.78
C VAL F 133 27.08 27.81 9.94
N PRO F 134 27.73 28.98 9.92
CA PRO F 134 27.19 30.09 9.13
C PRO F 134 27.34 29.87 7.64
N ASP F 135 26.35 30.28 6.88
CA ASP F 135 26.48 30.33 5.44
C ASP F 135 27.15 31.66 5.10
N PRO F 136 28.19 31.62 4.27
CA PRO F 136 28.88 32.88 3.90
C PRO F 136 27.94 33.91 3.27
N ASP F 137 26.99 33.44 2.47
CA ASP F 137 26.04 34.34 1.82
C ASP F 137 24.99 34.88 2.79
N GLY F 138 25.17 34.66 4.07
CA GLY F 138 24.17 35.03 5.04
C GLY F 138 23.32 33.80 5.34
N GLY F 139 22.77 33.72 6.54
CA GLY F 139 22.02 32.56 6.93
C GLY F 139 22.86 31.47 7.56
N GLU F 140 22.25 30.29 7.75
CA GLU F 140 22.88 29.19 8.46
C GLU F 140 22.77 27.87 7.70
N ARG F 141 23.69 26.97 7.97
CA ARG F 141 23.72 25.65 7.37
C ARG F 141 23.80 24.59 8.44
N ALA F 142 23.21 23.44 8.16
CA ALA F 142 23.35 22.29 9.05
C ALA F 142 24.28 21.28 8.41
N VAL F 143 25.29 20.87 9.16
CA VAL F 143 26.18 19.83 8.68
C VAL F 143 25.91 18.60 9.53
N ILE F 144 25.27 17.61 8.91
CA ILE F 144 24.93 16.37 9.59
C ILE F 144 25.93 15.30 9.19
N THR F 145 26.53 14.66 10.17
CA THR F 145 27.56 13.67 9.95
C THR F 145 26.99 12.30 10.26
N LEU F 146 27.10 11.39 9.29
CA LEU F 146 26.72 10.01 9.47
C LEU F 146 28.00 9.21 9.39
N ASP F 147 28.28 8.46 10.45
CA ASP F 147 29.60 7.88 10.64
C ASP F 147 29.46 6.41 11.04
N GLY F 148 29.63 5.52 10.08
CA GLY F 148 29.40 4.11 10.32
C GLY F 148 30.55 3.24 9.87
N LYS F 149 30.68 2.10 10.54
CA LYS F 149 31.68 1.11 10.24
C LYS F 149 31.37 0.40 8.95
N TYR F 150 32.40 0.18 8.14
CA TYR F 150 32.26 -0.66 6.97
C TYR F 150 32.26 -2.13 7.39
N LEU F 151 31.23 -2.85 6.98
CA LEU F 151 31.11 -4.29 7.20
C LEU F 151 31.12 -5.00 5.86
N PRO F 152 32.19 -5.73 5.56
CA PRO F 152 32.27 -6.37 4.24
C PRO F 152 31.33 -7.55 4.10
N THR F 153 30.81 -7.74 2.88
CA THR F 153 30.20 -8.99 2.48
C THR F 153 31.24 -9.81 1.74
N LYS F 154 31.61 -10.97 2.29
CA LYS F 154 32.53 -11.84 1.57
C LYS F 154 32.00 -13.28 1.49
N PRO F 155 32.44 -14.03 0.48
CA PRO F 155 31.91 -15.39 0.27
C PRO F 155 32.07 -16.30 1.49
N PHE F 156 31.22 -17.32 1.59
CA PHE F 156 31.35 -18.32 2.64
C PHE F 156 31.05 -19.72 2.10
N THR G 2 -9.57 -26.37 23.87
CA THR G 2 -8.87 -25.10 24.06
C THR G 2 -9.50 -23.95 23.26
N GLN G 3 -9.61 -22.81 23.93
CA GLN G 3 -10.24 -21.61 23.40
C GLN G 3 -9.33 -20.88 22.42
N SER G 4 -9.92 -20.14 21.50
CA SER G 4 -9.11 -19.31 20.61
C SER G 4 -9.74 -17.94 20.39
N LEU G 5 -8.92 -17.02 19.89
CA LEU G 5 -9.33 -15.65 19.63
C LEU G 5 -8.96 -15.25 18.20
N HIS G 6 -9.80 -14.44 17.55
CA HIS G 6 -9.60 -14.08 16.15
C HIS G 6 -9.17 -12.61 16.00
N TYR G 7 -8.89 -11.96 17.12
CA TYR G 7 -8.41 -10.58 17.14
C TYR G 7 -7.39 -10.48 18.26
N SER G 8 -6.51 -9.48 18.18
CA SER G 8 -5.32 -9.54 19.01
C SER G 8 -5.31 -8.64 20.24
N SER G 9 -6.25 -7.70 20.35
CA SER G 9 -6.11 -6.67 21.40
C SER G 9 -6.13 -7.18 22.85
N PRO G 10 -7.03 -8.14 23.20
CA PRO G 10 -6.97 -8.63 24.59
C PRO G 10 -5.62 -9.25 24.96
N ARG G 11 -5.08 -10.00 24.01
CA ARG G 11 -3.80 -10.65 24.19
C ARG G 11 -2.67 -9.63 24.20
N GLU G 12 -2.82 -8.58 23.39
CA GLU G 12 -1.92 -7.45 23.43
C GLU G 12 -1.91 -6.81 24.81
N THR G 13 -3.10 -6.64 25.39
CA THR G 13 -3.24 -6.11 26.74
C THR G 13 -2.53 -6.99 27.77
N LEU G 14 -2.77 -8.29 27.68
CA LEU G 14 -2.10 -9.26 28.55
C LEU G 14 -0.57 -9.17 28.43
N THR G 15 -0.09 -9.20 27.19
CA THR G 15 1.34 -9.13 26.93
C THR G 15 1.92 -7.86 27.58
N ASP G 16 1.19 -6.75 27.49
CA ASP G 16 1.66 -5.52 28.09
C ASP G 16 1.74 -5.68 29.60
N THR G 17 0.71 -6.28 30.19
CA THR G 17 0.69 -6.56 31.63
C THR G 17 1.90 -7.39 32.01
N ILE G 18 2.20 -8.38 31.18
CA ILE G 18 3.29 -9.30 31.45
C ILE G 18 4.66 -8.61 31.37
N MET G 19 4.84 -7.78 30.34
CA MET G 19 6.11 -7.11 30.15
C MET G 19 6.34 -6.06 31.23
N MET G 20 5.28 -5.38 31.68
CA MET G 20 5.44 -4.36 32.72
C MET G 20 5.83 -5.01 34.05
N ALA G 21 5.26 -6.18 34.34
CA ALA G 21 5.63 -6.92 35.55
C ALA G 21 7.06 -7.46 35.42
N LYS G 22 7.38 -8.01 34.26
CA LYS G 22 8.74 -8.49 34.02
C LYS G 22 9.77 -7.35 34.22
N ILE G 23 9.52 -6.19 33.63
CA ILE G 23 10.43 -5.04 33.78
C ILE G 23 10.48 -4.53 35.22
N ARG G 24 9.32 -4.39 35.84
CA ARG G 24 9.21 -3.99 37.25
C ARG G 24 9.98 -4.89 38.22
N LYS G 25 9.97 -6.20 37.95
CA LYS G 25 10.60 -7.20 38.80
C LYS G 25 12.00 -7.52 38.32
N ASN G 26 12.37 -6.94 37.19
CA ASN G 26 13.65 -7.19 36.54
C ASN G 26 13.91 -8.68 36.25
N LEU G 27 12.91 -9.38 35.73
CA LEU G 27 13.05 -10.79 35.44
C LEU G 27 13.62 -11.03 34.04
N THR G 28 14.25 -12.18 33.85
CA THR G 28 14.59 -12.63 32.51
C THR G 28 13.54 -13.64 32.05
N PHE G 29 13.48 -13.88 30.75
CA PHE G 29 12.61 -14.92 30.22
C PHE G 29 13.12 -16.27 30.69
N GLU G 30 14.44 -16.43 30.72
CA GLU G 30 15.04 -17.67 31.20
C GLU G 30 14.57 -17.99 32.62
N ALA G 31 14.57 -16.99 33.50
CA ALA G 31 14.07 -17.20 34.86
C ALA G 31 12.57 -17.49 34.87
N ILE G 32 11.82 -16.75 34.05
CA ILE G 32 10.36 -16.92 34.03
C ILE G 32 10.00 -18.33 33.54
N ASN G 33 10.82 -18.89 32.66
CA ASN G 33 10.56 -20.20 32.06
C ASN G 33 10.96 -21.40 32.95
N GLN G 34 11.57 -21.12 34.09
CA GLN G 34 12.02 -22.21 34.95
C GLN G 34 10.83 -22.99 35.48
N GLY G 35 10.82 -24.30 35.24
CA GLY G 35 9.79 -25.16 35.78
C GLY G 35 8.53 -25.27 34.94
N THR G 36 8.52 -24.66 33.76
CA THR G 36 7.35 -24.75 32.88
C THR G 36 7.30 -26.06 32.13
N GLY G 37 8.45 -26.71 31.99
CA GLY G 37 8.55 -27.92 31.20
C GLY G 37 8.57 -27.71 29.70
N LEU G 38 8.82 -26.47 29.28
CA LEU G 38 8.79 -26.10 27.87
C LEU G 38 10.07 -25.33 27.49
N SER G 39 10.33 -25.26 26.18
N SER G 39 10.33 -25.26 26.18
CA SER G 39 11.53 -24.57 25.69
CA SER G 39 11.53 -24.58 25.68
C SER G 39 11.41 -23.07 25.81
C SER G 39 11.41 -23.06 25.78
N LEU G 40 12.54 -22.40 25.97
CA LEU G 40 12.59 -20.94 26.13
C LEU G 40 11.94 -20.19 24.95
N ALA G 41 12.22 -20.63 23.73
CA ALA G 41 11.68 -19.97 22.55
C ALA G 41 10.15 -20.06 22.52
N PHE G 42 9.62 -21.22 22.88
CA PHE G 42 8.17 -21.41 22.80
C PHE G 42 7.48 -20.58 23.87
N VAL G 43 7.97 -20.63 25.10
CA VAL G 43 7.32 -19.88 26.17
C VAL G 43 7.49 -18.38 26.00
N THR G 44 8.63 -17.93 25.50
CA THR G 44 8.81 -16.51 25.26
C THR G 44 7.77 -16.06 24.23
N ALA G 45 7.64 -16.81 23.15
CA ALA G 45 6.67 -16.51 22.11
C ALA G 45 5.25 -16.41 22.67
N ALA G 46 4.90 -17.31 23.58
CA ALA G 46 3.57 -17.31 24.19
C ALA G 46 3.36 -16.11 25.13
N LEU G 47 4.37 -15.78 25.94
CA LEU G 47 4.30 -14.58 26.76
C LEU G 47 4.12 -13.34 25.87
N LEU G 48 4.70 -13.37 24.66
CA LEU G 48 4.62 -12.20 23.77
C LEU G 48 3.38 -12.26 22.88
N GLY G 49 2.51 -13.22 23.16
CA GLY G 49 1.20 -13.27 22.53
C GLY G 49 1.07 -14.09 21.26
N GLN G 50 1.98 -15.04 21.02
CA GLN G 50 1.99 -15.78 19.75
C GLN G 50 1.63 -17.27 19.88
N HIS G 51 1.43 -17.75 21.11
CA HIS G 51 1.07 -19.16 21.38
C HIS G 51 0.24 -19.27 22.65
N PRO G 52 -0.60 -20.32 22.74
CA PRO G 52 -1.20 -20.65 24.02
C PRO G 52 -0.19 -21.38 24.88
N LEU G 53 -0.36 -21.32 26.19
CA LEU G 53 0.38 -22.22 27.08
C LEU G 53 -0.60 -23.25 27.64
N PRO G 54 -0.13 -24.50 27.79
CA PRO G 54 -0.92 -25.46 28.55
C PRO G 54 -1.18 -24.93 29.96
N GLU G 55 -2.23 -25.42 30.61
CA GLU G 55 -2.65 -24.83 31.88
C GLU G 55 -1.52 -24.74 32.92
N GLN G 56 -0.78 -25.82 33.13
CA GLN G 56 0.21 -25.79 34.21
C GLN G 56 1.36 -24.83 33.94
N ALA G 57 1.91 -24.84 32.71
CA ALA G 57 2.92 -23.82 32.36
C ALA G 57 2.40 -22.41 32.61
N ALA G 58 1.13 -22.21 32.29
CA ALA G 58 0.50 -20.90 32.46
C ALA G 58 0.51 -20.47 33.93
N ARG G 59 0.19 -21.40 34.82
CA ARG G 59 0.10 -21.07 36.25
C ARG G 59 1.49 -20.80 36.79
N VAL G 60 2.46 -21.55 36.29
CA VAL G 60 3.85 -21.36 36.69
C VAL G 60 4.35 -19.96 36.37
N VAL G 61 4.12 -19.49 35.15
CA VAL G 61 4.60 -18.15 34.79
C VAL G 61 3.77 -17.11 35.53
N ALA G 62 2.48 -17.41 35.71
CA ALA G 62 1.58 -16.44 36.34
C ALA G 62 1.96 -16.17 37.79
N GLU G 63 2.38 -17.21 38.50
CA GLU G 63 2.87 -17.06 39.86
C GLU G 63 4.04 -16.06 39.88
N LYS G 64 4.96 -16.21 38.93
CA LYS G 64 6.14 -15.34 38.90
C LYS G 64 5.86 -13.89 38.53
N LEU G 65 4.76 -13.65 37.81
CA LEU G 65 4.44 -12.32 37.29
C LEU G 65 3.16 -11.76 37.91
N ASP G 66 2.67 -12.42 38.96
CA ASP G 66 1.49 -11.96 39.72
C ASP G 66 0.21 -11.86 38.89
N LEU G 67 0.05 -12.73 37.91
CA LEU G 67 -1.13 -12.68 37.05
C LEU G 67 -2.33 -13.35 37.73
N ASP G 68 -3.53 -12.79 37.51
CA ASP G 68 -4.72 -13.39 38.11
C ASP G 68 -5.33 -14.47 37.21
N GLU G 69 -6.45 -15.02 37.66
CA GLU G 69 -7.10 -16.15 36.98
C GLU G 69 -7.63 -15.80 35.59
N ASP G 70 -8.07 -14.56 35.41
CA ASP G 70 -8.47 -14.07 34.09
C ASP G 70 -7.27 -14.08 33.12
N ALA G 71 -6.11 -13.63 33.58
CA ALA G 71 -4.90 -13.67 32.77
C ALA G 71 -4.44 -15.11 32.50
N ILE G 72 -4.59 -15.98 33.49
CA ILE G 72 -4.19 -17.38 33.33
C ILE G 72 -5.07 -18.05 32.27
N ARG G 73 -6.35 -17.71 32.28
CA ARG G 73 -7.30 -18.23 31.30
C ARG G 73 -6.95 -17.74 29.87
N LEU G 74 -6.58 -16.48 29.78
CA LEU G 74 -6.21 -15.86 28.50
C LEU G 74 -4.88 -16.37 27.95
N LEU G 75 -3.92 -16.63 28.84
CA LEU G 75 -2.65 -17.24 28.44
C LEU G 75 -2.85 -18.60 27.78
N GLN G 76 -3.96 -19.26 28.07
CA GLN G 76 -4.24 -20.57 27.52
C GLN G 76 -4.99 -20.52 26.18
N THR G 77 -5.41 -19.33 25.78
CA THR G 77 -6.18 -19.19 24.54
C THR G 77 -5.25 -19.18 23.35
N ILE G 78 -5.68 -19.79 22.25
CA ILE G 78 -4.96 -19.73 21.00
C ILE G 78 -5.16 -18.34 20.41
N PRO G 79 -4.04 -17.63 20.13
CA PRO G 79 -4.15 -16.24 19.68
C PRO G 79 -4.28 -16.07 18.17
N LEU G 80 -4.67 -14.87 17.75
CA LEU G 80 -4.47 -14.41 16.37
C LEU G 80 -2.99 -14.06 16.25
N ARG G 81 -2.24 -14.85 15.47
CA ARG G 81 -0.77 -14.75 15.47
C ARG G 81 -0.25 -13.70 14.51
N GLY G 82 0.97 -13.24 14.76
CA GLY G 82 1.62 -12.19 14.00
C GLY G 82 2.23 -11.19 14.98
N SER G 83 3.55 -11.02 14.93
CA SER G 83 4.20 -10.17 15.92
C SER G 83 4.81 -8.91 15.30
N ILE G 84 4.59 -8.72 14.01
CA ILE G 84 5.05 -7.49 13.33
C ILE G 84 3.85 -6.75 12.75
N PRO G 85 3.33 -5.75 13.48
CA PRO G 85 2.15 -5.03 12.97
C PRO G 85 2.45 -4.41 11.60
N GLY G 86 1.59 -4.67 10.62
CA GLY G 86 1.81 -4.15 9.29
C GLY G 86 2.75 -5.02 8.46
N GLY G 87 3.41 -5.99 9.11
CA GLY G 87 4.22 -6.96 8.39
C GLY G 87 5.65 -6.56 8.09
N VAL G 88 5.91 -5.26 7.94
CA VAL G 88 7.25 -4.76 7.65
C VAL G 88 7.83 -4.12 8.89
N PRO G 89 8.86 -4.73 9.47
CA PRO G 89 9.46 -4.19 10.69
C PRO G 89 10.36 -3.00 10.40
N THR G 90 10.38 -2.03 11.32
N THR G 90 10.41 -2.03 11.31
CA THR G 90 11.35 -0.93 11.27
CA THR G 90 11.40 -0.97 11.22
C THR G 90 12.47 -1.15 12.29
C THR G 90 12.51 -1.20 12.27
N ASP G 91 12.17 -1.83 13.38
CA ASP G 91 13.16 -2.12 14.42
C ASP G 91 14.31 -2.90 13.82
N PRO G 92 15.54 -2.36 13.94
CA PRO G 92 16.71 -2.99 13.30
C PRO G 92 16.91 -4.45 13.70
N THR G 93 16.63 -4.79 14.95
CA THR G 93 16.91 -6.17 15.41
C THR G 93 16.00 -7.14 14.67
N ILE G 94 14.70 -6.82 14.61
CA ILE G 94 13.78 -7.64 13.85
C ILE G 94 14.04 -7.54 12.35
N TYR G 95 14.37 -6.34 11.86
CA TYR G 95 14.56 -6.16 10.42
C TYR G 95 15.66 -7.06 9.87
N ARG G 96 16.72 -7.29 10.63
CA ARG G 96 17.82 -8.12 10.15
C ARG G 96 17.33 -9.52 9.76
N PHE G 97 16.41 -10.09 10.54
CA PHE G 97 15.88 -11.40 10.21
C PHE G 97 14.92 -11.32 9.03
N TYR G 98 14.13 -10.27 8.98
CA TYR G 98 13.33 -9.94 7.81
C TYR G 98 14.21 -9.86 6.55
N GLU G 99 15.37 -9.21 6.68
CA GLU G 99 16.30 -9.06 5.57
C GLU G 99 16.89 -10.38 5.08
N MET G 100 17.19 -11.29 6.00
CA MET G 100 17.76 -12.59 5.61
C MET G 100 16.80 -13.31 4.65
N VAL G 101 15.51 -13.21 4.91
CA VAL G 101 14.52 -13.82 4.04
C VAL G 101 14.36 -13.05 2.72
N GLN G 102 14.43 -11.72 2.79
CA GLN G 102 14.41 -10.92 1.57
C GLN G 102 15.55 -11.32 0.64
N ILE G 103 16.75 -11.47 1.19
CA ILE G 103 17.92 -11.77 0.39
C ILE G 103 18.01 -13.24 -0.06
N TYR G 104 17.75 -14.17 0.85
CA TYR G 104 17.95 -15.59 0.60
C TYR G 104 16.67 -16.36 0.29
N GLY G 105 15.55 -15.65 0.17
CA GLY G 105 14.26 -16.26 -0.11
C GLY G 105 14.24 -17.15 -1.34
N SER G 106 14.72 -16.64 -2.48
CA SER G 106 14.74 -17.42 -3.71
C SER G 106 15.76 -18.59 -3.63
N THR G 107 16.86 -18.39 -2.91
CA THR G 107 17.83 -19.45 -2.70
C THR G 107 17.25 -20.58 -1.84
N LEU G 108 16.50 -20.20 -0.82
CA LEU G 108 15.85 -21.17 0.05
C LEU G 108 14.83 -22.00 -0.73
N LYS G 109 14.11 -21.36 -1.63
CA LYS G 109 13.14 -22.06 -2.46
C LYS G 109 13.86 -23.04 -3.38
N ALA G 110 14.90 -22.54 -4.03
CA ALA G 110 15.68 -23.36 -4.99
C ALA G 110 16.29 -24.62 -4.36
N LEU G 111 16.86 -24.49 -3.17
CA LEU G 111 17.56 -25.61 -2.56
C LEU G 111 16.58 -26.55 -1.87
N VAL G 112 15.44 -26.02 -1.42
CA VAL G 112 14.39 -26.89 -0.90
C VAL G 112 13.88 -27.81 -2.01
N HIS G 113 13.58 -27.24 -3.17
CA HIS G 113 13.06 -28.03 -4.28
C HIS G 113 14.13 -29.00 -4.79
N GLU G 114 15.39 -28.58 -4.79
CA GLU G 114 16.48 -29.46 -5.21
C GLU G 114 16.70 -30.64 -4.24
N GLN G 115 16.66 -30.36 -2.95
CA GLN G 115 17.07 -31.33 -1.94
C GLN G 115 15.92 -32.14 -1.36
N PHE G 116 14.71 -31.60 -1.45
CA PHE G 116 13.52 -32.27 -0.93
C PHE G 116 12.55 -32.60 -2.04
N GLY G 117 12.20 -31.59 -2.85
CA GLY G 117 11.26 -31.78 -3.93
C GLY G 117 10.24 -30.64 -3.96
N ASP G 118 9.18 -30.82 -4.73
CA ASP G 118 8.08 -29.85 -4.73
C ASP G 118 7.37 -29.87 -3.38
N GLY G 119 6.98 -28.70 -2.91
CA GLY G 119 6.37 -28.56 -1.61
C GLY G 119 6.98 -27.45 -0.77
N ILE G 120 6.88 -27.58 0.54
CA ILE G 120 7.26 -26.52 1.46
C ILE G 120 8.03 -27.09 2.66
N ILE G 121 8.82 -26.23 3.29
CA ILE G 121 9.27 -26.49 4.64
C ILE G 121 8.26 -25.84 5.55
N SER G 122 7.65 -26.62 6.43
CA SER G 122 6.52 -26.14 7.24
C SER G 122 6.92 -25.15 8.32
N ALA G 123 6.06 -24.16 8.55
CA ALA G 123 6.25 -23.22 9.65
C ALA G 123 5.42 -23.62 10.87
N ILE G 124 4.75 -24.78 10.79
CA ILE G 124 3.87 -25.23 11.87
C ILE G 124 4.39 -26.50 12.55
N ASN G 125 4.70 -27.51 11.75
CA ASN G 125 5.49 -28.64 12.23
C ASN G 125 6.94 -28.17 12.21
N PHE G 126 7.30 -27.45 13.27
CA PHE G 126 8.42 -26.53 13.23
C PHE G 126 8.91 -26.17 14.61
N LYS G 127 10.22 -26.06 14.76
CA LYS G 127 10.80 -25.60 16.02
C LYS G 127 11.89 -24.61 15.70
N LEU G 128 12.04 -23.64 16.60
CA LEU G 128 13.09 -22.64 16.49
C LEU G 128 13.91 -22.61 17.77
N ASP G 129 15.22 -22.45 17.65
CA ASP G 129 15.98 -22.04 18.83
C ASP G 129 17.16 -21.14 18.44
N ILE G 130 17.67 -20.41 19.43
CA ILE G 130 18.83 -19.57 19.23
C ILE G 130 19.92 -19.92 20.24
N LYS G 131 21.15 -20.08 19.76
CA LYS G 131 22.29 -20.27 20.63
C LYS G 131 23.27 -19.12 20.48
N LYS G 132 23.98 -18.85 21.56
CA LYS G 132 25.06 -17.89 21.55
C LYS G 132 26.39 -18.65 21.49
N VAL G 133 27.16 -18.38 20.45
CA VAL G 133 28.44 -19.06 20.23
C VAL G 133 29.54 -18.01 20.08
N PRO G 134 30.74 -18.30 20.62
CA PRO G 134 31.87 -17.36 20.44
C PRO G 134 32.34 -17.25 18.99
N ASP G 135 32.75 -16.05 18.58
CA ASP G 135 33.36 -15.86 17.25
C ASP G 135 34.87 -15.99 17.38
N PRO G 136 35.49 -16.79 16.49
CA PRO G 136 36.94 -17.01 16.54
C PRO G 136 37.75 -15.72 16.36
N ASP G 137 37.22 -14.77 15.61
CA ASP G 137 37.90 -13.50 15.40
C ASP G 137 37.55 -12.51 16.51
N GLY G 138 37.04 -13.03 17.62
CA GLY G 138 36.61 -12.19 18.72
C GLY G 138 35.14 -11.81 18.59
N GLY G 139 34.48 -11.65 19.74
CA GLY G 139 33.07 -11.29 19.78
C GLY G 139 32.16 -12.50 19.89
N GLU G 140 30.86 -12.28 19.73
CA GLU G 140 29.86 -13.34 19.82
C GLU G 140 28.95 -13.42 18.58
N ARG G 141 28.48 -14.63 18.30
CA ARG G 141 27.54 -14.89 17.21
C ARG G 141 26.26 -15.53 17.74
N ALA G 142 25.17 -15.34 17.01
CA ALA G 142 23.93 -16.05 17.28
C ALA G 142 23.71 -17.06 16.19
N VAL G 143 23.44 -18.30 16.59
CA VAL G 143 23.06 -19.33 15.65
C VAL G 143 21.59 -19.64 15.86
N ILE G 144 20.78 -19.25 14.89
CA ILE G 144 19.36 -19.49 14.93
C ILE G 144 19.05 -20.66 14.03
N THR G 145 18.36 -21.65 14.60
CA THR G 145 18.01 -22.88 13.89
C THR G 145 16.53 -22.90 13.54
N LEU G 146 16.23 -23.00 12.25
CA LEU G 146 14.86 -23.19 11.79
C LEU G 146 14.70 -24.65 11.38
N ASP G 147 13.87 -25.39 12.11
CA ASP G 147 13.75 -26.84 11.95
C ASP G 147 12.32 -27.20 11.52
N GLY G 148 12.08 -27.35 10.22
CA GLY G 148 10.75 -27.58 9.71
C GLY G 148 10.59 -28.88 8.93
N LYS G 149 9.43 -29.49 9.08
CA LYS G 149 9.08 -30.70 8.36
C LYS G 149 8.87 -30.39 6.87
N TYR G 150 9.40 -31.23 6.00
CA TYR G 150 9.11 -31.08 4.59
C TYR G 150 7.76 -31.69 4.27
N LEU G 151 6.90 -30.89 3.63
CA LEU G 151 5.58 -31.34 3.19
C LEU G 151 5.52 -31.32 1.67
N PRO G 152 5.44 -32.50 1.06
CA PRO G 152 5.50 -32.50 -0.41
C PRO G 152 4.19 -32.09 -1.09
N THR G 153 4.34 -31.44 -2.24
CA THR G 153 3.26 -31.22 -3.18
C THR G 153 3.24 -32.35 -4.19
N LYS G 154 2.15 -33.09 -4.22
CA LYS G 154 2.03 -34.20 -5.17
C LYS G 154 0.80 -34.04 -6.03
N PRO G 155 0.89 -34.53 -7.27
CA PRO G 155 -0.28 -34.44 -8.15
C PRO G 155 -1.46 -35.24 -7.57
N PHE G 156 -2.65 -34.64 -7.53
CA PHE G 156 -3.85 -35.35 -7.09
C PHE G 156 -4.86 -35.49 -8.24
N THR H 2 13.72 -32.85 -9.98
CA THR H 2 12.80 -31.89 -10.61
C THR H 2 13.26 -30.42 -10.44
N GLN H 3 13.32 -29.71 -11.56
CA GLN H 3 13.78 -28.32 -11.61
C GLN H 3 12.77 -27.34 -11.02
N SER H 4 13.24 -26.14 -10.66
CA SER H 4 12.33 -25.10 -10.18
C SER H 4 12.76 -23.69 -10.58
N LEU H 5 11.82 -22.75 -10.58
CA LEU H 5 12.09 -21.35 -10.90
C LEU H 5 11.63 -20.46 -9.74
N HIS H 6 12.33 -19.34 -9.53
CA HIS H 6 12.02 -18.46 -8.42
C HIS H 6 11.36 -17.18 -8.90
N TYR H 7 11.02 -17.13 -10.19
CA TYR H 7 10.43 -15.96 -10.83
C TYR H 7 9.46 -16.47 -11.88
N SER H 8 8.42 -15.70 -12.15
CA SER H 8 7.28 -16.22 -12.88
C SER H 8 7.28 -16.01 -14.40
N SER H 9 8.12 -15.13 -14.92
CA SER H 9 7.97 -14.71 -16.32
C SER H 9 8.09 -15.85 -17.37
N PRO H 10 9.08 -16.76 -17.23
CA PRO H 10 9.12 -17.82 -18.26
C PRO H 10 7.88 -18.71 -18.25
N ARG H 11 7.40 -19.01 -17.05
CA ARG H 11 6.19 -19.79 -16.91
C ARG H 11 4.96 -19.02 -17.38
N GLU H 12 4.93 -17.72 -17.11
CA GLU H 12 3.84 -16.86 -17.58
C GLU H 12 3.76 -16.91 -19.10
N THR H 13 4.94 -16.92 -19.75
CA THR H 13 5.04 -17.02 -21.20
C THR H 13 4.50 -18.37 -21.72
N LEU H 14 4.88 -19.45 -21.05
CA LEU H 14 4.38 -20.77 -21.40
C LEU H 14 2.85 -20.83 -21.26
N THR H 15 2.34 -20.31 -20.14
CA THR H 15 0.90 -20.28 -19.90
C THR H 15 0.17 -19.52 -21.01
N ASP H 16 0.76 -18.43 -21.49
CA ASP H 16 0.15 -17.69 -22.59
C ASP H 16 0.13 -18.54 -23.86
N THR H 17 1.27 -19.17 -24.18
CA THR H 17 1.34 -20.10 -25.29
C THR H 17 0.27 -21.19 -25.20
N ILE H 18 0.13 -21.77 -24.00
CA ILE H 18 -0.87 -22.80 -23.76
C ILE H 18 -2.29 -22.26 -23.97
N MET H 19 -2.59 -21.12 -23.36
CA MET H 19 -3.93 -20.53 -23.50
C MET H 19 -4.26 -20.13 -24.94
N MET H 20 -3.27 -19.64 -25.69
CA MET H 20 -3.54 -19.24 -27.08
C MET H 20 -3.79 -20.47 -27.95
N ALA H 21 -3.06 -21.55 -27.67
CA ALA H 21 -3.27 -22.82 -28.35
C ALA H 21 -4.68 -23.36 -28.08
N LYS H 22 -5.05 -23.37 -26.80
CA LYS H 22 -6.36 -23.84 -26.37
C LYS H 22 -7.50 -23.04 -26.99
N ILE H 23 -7.35 -21.73 -27.03
CA ILE H 23 -8.41 -20.90 -27.61
C ILE H 23 -8.49 -21.11 -29.13
N ARG H 24 -7.33 -21.18 -29.78
CA ARG H 24 -7.26 -21.40 -31.22
C ARG H 24 -7.93 -22.71 -31.62
N LYS H 25 -7.67 -23.77 -30.86
CA LYS H 25 -8.20 -25.10 -31.17
C LYS H 25 -9.56 -25.31 -30.50
N ASN H 26 -10.01 -24.32 -29.74
CA ASN H 26 -11.28 -24.39 -29.02
C ASN H 26 -11.41 -25.64 -28.14
N LEU H 27 -10.36 -25.97 -27.40
CA LEU H 27 -10.42 -27.10 -26.47
C LEU H 27 -11.00 -26.71 -25.11
N THR H 28 -11.46 -27.71 -24.36
CA THR H 28 -11.77 -27.53 -22.94
C THR H 28 -10.62 -28.09 -22.12
N PHE H 29 -10.52 -27.71 -20.85
CA PHE H 29 -9.52 -28.33 -19.97
C PHE H 29 -9.82 -29.81 -19.75
N GLU H 30 -11.10 -30.15 -19.69
CA GLU H 30 -11.51 -31.55 -19.57
C GLU H 30 -10.96 -32.40 -20.70
N ALA H 31 -10.99 -31.86 -21.92
CA ALA H 31 -10.50 -32.60 -23.09
C ALA H 31 -8.98 -32.64 -23.13
N ILE H 32 -8.34 -31.58 -22.66
CA ILE H 32 -6.89 -31.55 -22.61
C ILE H 32 -6.42 -32.58 -21.58
N ASN H 33 -7.14 -32.67 -20.47
CA ASN H 33 -6.79 -33.60 -19.40
C ASN H 33 -6.97 -35.10 -19.72
N GLN H 34 -7.61 -35.42 -20.85
CA GLN H 34 -7.80 -36.83 -21.22
C GLN H 34 -6.50 -37.62 -21.33
N GLY H 35 -6.38 -38.65 -20.50
CA GLY H 35 -5.23 -39.54 -20.57
C GLY H 35 -4.06 -39.18 -19.66
N THR H 36 -4.22 -38.15 -18.84
CA THR H 36 -3.17 -37.79 -17.88
C THR H 36 -3.21 -38.72 -16.69
N GLY H 37 -4.40 -39.24 -16.38
CA GLY H 37 -4.60 -40.02 -15.17
C GLY H 37 -4.62 -39.17 -13.92
N LEU H 38 -4.69 -37.85 -14.07
CA LEU H 38 -4.68 -36.93 -12.92
C LEU H 38 -5.97 -36.12 -12.85
N SER H 39 -6.21 -35.46 -11.73
CA SER H 39 -7.48 -34.75 -11.55
CA SER H 39 -7.47 -34.74 -11.54
C SER H 39 -7.52 -33.47 -12.38
N LEU H 40 -8.72 -33.06 -12.76
CA LEU H 40 -8.90 -31.86 -13.58
C LEU H 40 -8.36 -30.58 -12.92
N ALA H 41 -8.69 -30.35 -11.64
CA ALA H 41 -8.25 -29.13 -10.96
C ALA H 41 -6.74 -29.05 -10.88
N PHE H 42 -6.09 -30.20 -10.69
CA PHE H 42 -4.64 -30.17 -10.55
C PHE H 42 -3.98 -29.86 -11.90
N VAL H 43 -4.42 -30.54 -12.95
CA VAL H 43 -3.82 -30.35 -14.25
C VAL H 43 -4.14 -28.95 -14.80
N THR H 44 -5.36 -28.49 -14.59
CA THR H 44 -5.70 -27.11 -14.99
C THR H 44 -4.77 -26.10 -14.32
N ALA H 45 -4.60 -26.22 -13.00
CA ALA H 45 -3.68 -25.34 -12.28
C ALA H 45 -2.26 -25.39 -12.86
N ALA H 46 -1.77 -26.58 -13.20
CA ALA H 46 -0.45 -26.70 -13.82
C ALA H 46 -0.37 -25.97 -15.17
N LEU H 47 -1.41 -26.12 -15.99
CA LEU H 47 -1.46 -25.44 -17.29
C LEU H 47 -1.44 -23.93 -17.09
N LEU H 48 -2.11 -23.46 -16.04
CA LEU H 48 -2.17 -22.03 -15.73
C LEU H 48 -0.95 -21.55 -14.91
N GLY H 49 0.02 -22.43 -14.72
CA GLY H 49 1.30 -22.04 -14.17
C GLY H 49 1.53 -22.22 -12.68
N GLN H 50 0.69 -23.02 -12.02
CA GLN H 50 0.76 -23.14 -10.57
C GLN H 50 1.32 -24.47 -10.04
N HIS H 51 1.56 -25.44 -10.93
CA HIS H 51 2.12 -26.74 -10.53
C HIS H 51 3.01 -27.31 -11.63
N PRO H 52 3.96 -28.18 -11.26
CA PRO H 52 4.63 -28.98 -12.29
C PRO H 52 3.74 -30.14 -12.73
N LEU H 53 3.92 -30.62 -13.95
CA LEU H 53 3.35 -31.89 -14.36
C LEU H 53 4.47 -32.93 -14.40
N PRO H 54 4.16 -34.16 -13.98
CA PRO H 54 5.07 -35.28 -14.28
C PRO H 54 5.21 -35.43 -15.80
N GLU H 55 6.34 -35.97 -16.25
CA GLU H 55 6.69 -35.95 -17.67
C GLU H 55 5.60 -36.56 -18.57
N GLN H 56 5.09 -37.72 -18.19
CA GLN H 56 4.04 -38.39 -18.97
C GLN H 56 2.80 -37.50 -19.18
N ALA H 57 2.31 -36.90 -18.09
CA ALA H 57 1.18 -36.00 -18.19
C ALA H 57 1.53 -34.77 -19.04
N ALA H 58 2.76 -34.28 -18.88
CA ALA H 58 3.21 -33.15 -19.69
C ALA H 58 3.21 -33.51 -21.18
N ARG H 59 3.64 -34.72 -21.52
CA ARG H 59 3.64 -35.13 -22.93
C ARG H 59 2.22 -35.31 -23.46
N VAL H 60 1.33 -35.83 -22.63
CA VAL H 60 -0.07 -35.97 -23.01
C VAL H 60 -0.72 -34.62 -23.36
N VAL H 61 -0.58 -33.61 -22.50
CA VAL H 61 -1.23 -32.31 -22.78
C VAL H 61 -0.51 -31.58 -23.91
N ALA H 62 0.80 -31.82 -24.02
CA ALA H 62 1.61 -31.17 -25.05
C ALA H 62 1.21 -31.62 -26.44
N GLU H 63 0.88 -32.90 -26.56
CA GLU H 63 0.47 -33.44 -27.84
C GLU H 63 -0.80 -32.73 -28.33
N LYS H 64 -1.69 -32.40 -27.40
CA LYS H 64 -2.97 -31.77 -27.75
C LYS H 64 -2.86 -30.28 -28.02
N LEU H 65 -1.82 -29.64 -27.50
CA LEU H 65 -1.67 -28.20 -27.64
C LEU H 65 -0.49 -27.85 -28.56
N ASP H 66 0.11 -28.89 -29.14
CA ASP H 66 1.25 -28.72 -30.06
C ASP H 66 2.41 -27.96 -29.42
N LEU H 67 2.81 -28.38 -28.23
CA LEU H 67 3.94 -27.77 -27.55
C LEU H 67 5.22 -28.50 -27.92
N ASP H 68 6.33 -27.76 -28.05
CA ASP H 68 7.62 -28.38 -28.35
C ASP H 68 8.33 -28.89 -27.10
N GLU H 69 9.54 -29.40 -27.28
CA GLU H 69 10.31 -29.99 -26.19
C GLU H 69 10.72 -28.98 -25.13
N ASP H 70 11.01 -27.75 -25.54
CA ASP H 70 11.34 -26.72 -24.57
C ASP H 70 10.17 -26.47 -23.63
N ALA H 71 8.96 -26.49 -24.18
CA ALA H 71 7.74 -26.27 -23.41
C ALA H 71 7.48 -27.45 -22.48
N ILE H 72 7.65 -28.67 -23.00
CA ILE H 72 7.38 -29.87 -22.22
C ILE H 72 8.29 -29.91 -21.02
N ARG H 73 9.52 -29.47 -21.23
CA ARG H 73 10.52 -29.44 -20.17
C ARG H 73 10.15 -28.39 -19.10
N LEU H 74 9.70 -27.21 -19.53
CA LEU H 74 9.36 -26.13 -18.61
C LEU H 74 8.07 -26.45 -17.84
N LEU H 75 7.18 -27.19 -18.51
CA LEU H 75 5.93 -27.63 -17.91
C LEU H 75 6.20 -28.59 -16.72
N GLN H 76 7.40 -29.16 -16.68
CA GLN H 76 7.81 -30.07 -15.60
C GLN H 76 8.54 -29.35 -14.47
N THR H 77 8.81 -28.07 -14.66
CA THR H 77 9.51 -27.31 -13.63
C THR H 77 8.52 -26.81 -12.58
N ILE H 78 8.97 -26.80 -11.33
CA ILE H 78 8.24 -26.22 -10.22
C ILE H 78 8.18 -24.69 -10.33
N PRO H 79 6.98 -24.11 -10.31
CA PRO H 79 6.99 -22.66 -10.54
C PRO H 79 7.03 -21.80 -9.27
N LEU H 80 7.24 -20.49 -9.46
CA LEU H 80 6.94 -19.52 -8.41
C LEU H 80 5.43 -19.36 -8.41
N ARG H 81 4.77 -19.83 -7.36
CA ARG H 81 3.31 -19.87 -7.34
C ARG H 81 2.66 -18.56 -6.95
N GLY H 82 1.41 -18.38 -7.40
CA GLY H 82 0.60 -17.22 -7.10
C GLY H 82 -0.18 -16.87 -8.37
N SER H 83 -1.50 -16.86 -8.31
CA SER H 83 -2.25 -16.67 -9.56
C SER H 83 -2.97 -15.33 -9.60
N ILE H 84 -2.83 -14.53 -8.54
CA ILE H 84 -3.46 -13.22 -8.48
C ILE H 84 -2.41 -12.12 -8.30
N PRO H 85 -2.01 -11.45 -9.39
CA PRO H 85 -1.00 -10.40 -9.30
C PRO H 85 -1.43 -9.31 -8.32
N GLY H 86 -0.58 -9.02 -7.34
CA GLY H 86 -0.90 -8.02 -6.34
C GLY H 86 -1.75 -8.54 -5.18
N GLY H 87 -2.17 -9.80 -5.26
CA GLY H 87 -2.93 -10.42 -4.19
C GLY H 87 -4.42 -10.11 -4.12
N VAL H 88 -4.83 -8.94 -4.60
CA VAL H 88 -6.23 -8.56 -4.53
C VAL H 88 -6.85 -8.58 -5.93
N PRO H 89 -7.78 -9.51 -6.15
CA PRO H 89 -8.38 -9.60 -7.49
C PRO H 89 -9.48 -8.58 -7.71
N THR H 90 -9.67 -8.15 -8.96
N THR H 90 -9.67 -8.18 -8.96
CA THR H 90 -10.76 -7.28 -9.32
CA THR H 90 -10.78 -7.29 -9.30
C THR H 90 -11.81 -8.02 -10.16
C THR H 90 -11.82 -8.06 -10.11
N ASP H 91 -11.37 -9.09 -10.81
CA ASP H 91 -12.27 -9.92 -11.59
C ASP H 91 -13.36 -10.50 -10.69
N PRO H 92 -14.65 -10.25 -11.02
CA PRO H 92 -15.73 -10.68 -10.12
C PRO H 92 -15.71 -12.16 -9.78
N THR H 93 -15.39 -13.01 -10.74
CA THR H 93 -15.44 -14.45 -10.53
C THR H 93 -14.43 -14.85 -9.45
N ILE H 94 -13.18 -14.43 -9.62
CA ILE H 94 -12.16 -14.70 -8.62
C ILE H 94 -12.47 -13.98 -7.30
N TYR H 95 -12.94 -12.74 -7.39
CA TYR H 95 -13.19 -11.97 -6.17
C TYR H 95 -14.18 -12.63 -5.21
N ARG H 96 -15.18 -13.32 -5.74
CA ARG H 96 -16.16 -13.98 -4.87
C ARG H 96 -15.48 -14.97 -3.94
N PHE H 97 -14.51 -15.72 -4.45
CA PHE H 97 -13.79 -16.68 -3.62
C PHE H 97 -12.91 -15.96 -2.62
N TYR H 98 -12.29 -14.88 -3.07
CA TYR H 98 -11.54 -13.99 -2.20
C TYR H 98 -12.47 -13.49 -1.09
N GLU H 99 -13.71 -13.13 -1.45
CA GLU H 99 -14.66 -12.58 -0.49
C GLU H 99 -15.09 -13.60 0.57
N MET H 100 -15.25 -14.87 0.16
CA MET H 100 -15.63 -15.93 1.11
C MET H 100 -14.61 -16.00 2.27
N VAL H 101 -13.34 -15.90 1.96
CA VAL H 101 -12.30 -15.92 2.99
C VAL H 101 -12.32 -14.65 3.84
N GLN H 102 -12.57 -13.50 3.21
CA GLN H 102 -12.65 -12.23 3.94
C GLN H 102 -13.76 -12.27 4.97
N ILE H 103 -14.92 -12.78 4.57
CA ILE H 103 -16.06 -12.85 5.48
C ILE H 103 -15.94 -13.99 6.51
N TYR H 104 -15.52 -15.17 6.06
CA TYR H 104 -15.59 -16.36 6.94
C TYR H 104 -14.25 -16.76 7.56
N GLY H 105 -13.21 -15.99 7.26
CA GLY H 105 -11.89 -16.29 7.77
C GLY H 105 -11.83 -16.51 9.28
N SER H 106 -12.46 -15.62 10.04
CA SER H 106 -12.42 -15.73 11.49
C SER H 106 -13.25 -16.92 11.99
N THR H 107 -14.33 -17.23 11.29
CA THR H 107 -15.15 -18.42 11.58
C THR H 107 -14.38 -19.70 11.31
N LEU H 108 -13.67 -19.73 10.18
CA LEU H 108 -12.82 -20.87 9.84
C LEU H 108 -11.79 -21.13 10.94
N LYS H 109 -11.07 -20.08 11.33
CA LYS H 109 -10.10 -20.21 12.40
C LYS H 109 -10.74 -20.76 13.66
N ALA H 110 -11.86 -20.15 14.05
CA ALA H 110 -12.57 -20.53 15.27
C ALA H 110 -13.01 -21.99 15.27
N LEU H 111 -13.59 -22.45 14.16
CA LEU H 111 -14.08 -23.82 14.09
C LEU H 111 -12.93 -24.84 13.90
N VAL H 112 -11.86 -24.44 13.21
CA VAL H 112 -10.63 -25.26 13.17
C VAL H 112 -10.11 -25.53 14.59
N HIS H 113 -9.92 -24.48 15.40
CA HIS H 113 -9.37 -24.67 16.74
C HIS H 113 -10.34 -25.44 17.67
N GLU H 114 -11.63 -25.22 17.49
CA GLU H 114 -12.61 -25.95 18.28
C GLU H 114 -12.66 -27.44 17.91
N GLN H 115 -12.70 -27.73 16.62
CA GLN H 115 -12.88 -29.10 16.14
C GLN H 115 -11.58 -29.87 15.98
N PHE H 116 -10.46 -29.17 15.80
CA PHE H 116 -9.21 -29.87 15.60
C PHE H 116 -8.22 -29.50 16.71
N GLY H 117 -8.13 -28.23 17.03
CA GLY H 117 -7.16 -27.78 18.02
C GLY H 117 -6.25 -26.75 17.42
N ASP H 118 -5.16 -26.45 18.12
CA ASP H 118 -4.21 -25.45 17.64
C ASP H 118 -3.50 -25.97 16.39
N GLY H 119 -3.17 -25.07 15.49
CA GLY H 119 -2.54 -25.43 14.23
C GLY H 119 -3.32 -24.95 13.02
N ILE H 120 -3.13 -25.63 11.90
CA ILE H 120 -3.70 -25.18 10.63
C ILE H 120 -4.34 -26.33 9.88
N ILE H 121 -5.20 -25.97 8.94
CA ILE H 121 -5.55 -26.83 7.84
C ILE H 121 -4.58 -26.52 6.74
N SER H 122 -3.88 -27.55 6.25
CA SER H 122 -2.80 -27.34 5.29
C SER H 122 -3.30 -26.92 3.92
N ALA H 123 -2.54 -26.04 3.26
CA ALA H 123 -2.80 -25.68 1.88
C ALA H 123 -1.85 -26.45 0.95
N ILE H 124 -1.07 -27.37 1.53
CA ILE H 124 -0.11 -28.16 0.74
C ILE H 124 -0.49 -29.65 0.72
N ASN H 125 -0.69 -30.23 1.89
CA ASN H 125 -1.28 -31.55 1.96
C ASN H 125 -2.77 -31.31 1.77
N PHE H 126 -3.18 -31.23 0.51
CA PHE H 126 -4.39 -30.50 0.17
C PHE H 126 -4.89 -30.88 -1.20
N LYS H 127 -6.20 -31.04 -1.31
CA LYS H 127 -6.83 -31.27 -2.60
C LYS H 127 -8.00 -30.34 -2.79
N LEU H 128 -8.21 -29.91 -4.03
CA LEU H 128 -9.28 -29.02 -4.39
C LEU H 128 -10.11 -29.66 -5.50
N ASP H 129 -11.43 -29.53 -5.42
CA ASP H 129 -12.22 -29.87 -6.61
C ASP H 129 -13.48 -29.05 -6.66
N ILE H 130 -14.07 -29.01 -7.86
CA ILE H 130 -15.30 -28.25 -8.04
C ILE H 130 -16.31 -29.15 -8.73
N LYS H 131 -17.55 -29.10 -8.24
CA LYS H 131 -18.62 -29.90 -8.77
C LYS H 131 -19.81 -29.03 -9.11
N LYS H 132 -20.42 -29.30 -10.27
CA LYS H 132 -21.65 -28.65 -10.65
C LYS H 132 -22.85 -29.50 -10.24
N VAL H 133 -23.82 -28.89 -9.57
CA VAL H 133 -25.04 -29.60 -9.17
C VAL H 133 -26.25 -28.69 -9.39
N PRO H 134 -27.40 -29.27 -9.77
CA PRO H 134 -28.61 -28.48 -10.03
C PRO H 134 -29.15 -27.81 -8.78
N ASP H 135 -29.64 -26.57 -8.91
CA ASP H 135 -30.39 -25.93 -7.85
C ASP H 135 -31.86 -26.32 -7.99
N PRO H 136 -32.50 -26.73 -6.88
CA PRO H 136 -33.91 -27.15 -6.86
C PRO H 136 -34.82 -26.10 -7.49
N ASP H 137 -34.54 -24.83 -7.21
CA ASP H 137 -35.32 -23.73 -7.76
C ASP H 137 -34.92 -23.36 -9.19
N GLY H 138 -34.28 -24.29 -9.88
CA GLY H 138 -33.80 -24.05 -11.22
C GLY H 138 -32.42 -23.41 -11.16
N GLY H 139 -31.66 -23.55 -12.24
CA GLY H 139 -30.31 -23.04 -12.26
C GLY H 139 -29.37 -24.01 -11.60
N GLU H 140 -28.14 -23.56 -11.36
CA GLU H 140 -27.04 -24.43 -11.00
C GLU H 140 -26.23 -23.87 -9.84
N ARG H 141 -25.64 -24.77 -9.06
CA ARG H 141 -24.78 -24.42 -7.95
C ARG H 141 -23.40 -25.03 -8.17
N ALA H 142 -22.39 -24.39 -7.60
CA ALA H 142 -21.05 -24.96 -7.61
C ALA H 142 -20.71 -25.37 -6.19
N VAL H 143 -20.20 -26.58 -6.06
CA VAL H 143 -19.77 -27.07 -4.77
C VAL H 143 -18.26 -27.21 -4.85
N ILE H 144 -17.57 -26.30 -4.19
CA ILE H 144 -16.12 -26.32 -4.18
C ILE H 144 -15.71 -26.92 -2.86
N THR H 145 -14.83 -27.91 -2.93
CA THR H 145 -14.38 -28.63 -1.74
C THR H 145 -12.92 -28.38 -1.48
N LEU H 146 -12.60 -27.90 -0.28
CA LEU H 146 -11.24 -27.70 0.16
C LEU H 146 -10.90 -28.77 1.22
N ASP H 147 -9.95 -29.63 0.90
CA ASP H 147 -9.69 -30.82 1.70
C ASP H 147 -8.22 -30.85 2.09
N GLY H 148 -7.91 -30.35 3.30
CA GLY H 148 -6.55 -30.19 3.74
C GLY H 148 -6.26 -30.94 5.04
N LYS H 149 -5.02 -31.37 5.21
CA LYS H 149 -4.57 -32.06 6.40
C LYS H 149 -4.55 -31.13 7.62
N TYR H 150 -4.96 -31.62 8.78
CA TYR H 150 -4.78 -30.87 10.00
C TYR H 150 -3.38 -31.10 10.53
N LEU H 151 -2.63 -30.01 10.69
CA LEU H 151 -1.31 -30.02 11.30
C LEU H 151 -1.33 -29.29 12.61
N PRO H 152 -1.15 -30.02 13.71
CA PRO H 152 -1.23 -29.36 15.02
C PRO H 152 -0.05 -28.45 15.31
N THR H 153 -0.31 -27.41 16.07
CA THR H 153 0.75 -26.67 16.74
C THR H 153 0.89 -27.23 18.14
N LYS H 154 2.06 -27.79 18.45
CA LYS H 154 2.28 -28.31 19.79
C LYS H 154 3.43 -27.63 20.50
N PRO H 155 3.26 -27.37 21.80
CA PRO H 155 4.33 -26.77 22.60
C PRO H 155 5.59 -27.60 22.55
N PHE H 156 6.74 -26.97 22.32
CA PHE H 156 8.03 -27.65 22.29
C PHE H 156 9.00 -27.03 23.30
N THR I 2 -17.67 -21.66 -23.97
CA THR I 2 -17.05 -20.36 -24.14
C THR I 2 -15.71 -20.26 -23.39
N GLN I 3 -14.68 -19.85 -24.11
CA GLN I 3 -13.32 -19.74 -23.59
C GLN I 3 -13.15 -18.56 -22.65
N SER I 4 -12.13 -18.64 -21.79
CA SER I 4 -11.83 -17.55 -20.85
C SER I 4 -10.32 -17.37 -20.59
N LEU I 5 -9.95 -16.18 -20.13
CA LEU I 5 -8.56 -15.86 -19.81
C LEU I 5 -8.43 -15.41 -18.36
N HIS I 6 -7.33 -15.78 -17.71
CA HIS I 6 -7.12 -15.45 -16.31
C HIS I 6 -6.10 -14.32 -16.14
N TYR I 7 -5.77 -13.69 -17.25
CA TYR I 7 -4.82 -12.58 -17.26
C TYR I 7 -5.27 -11.64 -18.37
N SER I 8 -4.85 -10.39 -18.31
CA SER I 8 -5.47 -9.37 -19.14
C SER I 8 -4.67 -8.97 -20.39
N SER I 9 -3.38 -9.30 -20.45
CA SER I 9 -2.51 -8.77 -21.52
C SER I 9 -2.95 -9.05 -22.99
N PRO I 10 -3.45 -10.26 -23.30
CA PRO I 10 -3.88 -10.43 -24.71
C PRO I 10 -5.11 -9.61 -25.04
N ARG I 11 -5.99 -9.45 -24.07
CA ARG I 11 -7.19 -8.65 -24.24
C ARG I 11 -6.86 -7.15 -24.28
N GLU I 12 -5.86 -6.73 -23.51
CA GLU I 12 -5.43 -5.34 -23.52
C GLU I 12 -4.86 -4.98 -24.89
N THR I 13 -4.05 -5.88 -25.43
CA THR I 13 -3.54 -5.73 -26.78
C THR I 13 -4.69 -5.64 -27.80
N LEU I 14 -5.70 -6.47 -27.65
CA LEU I 14 -6.84 -6.42 -28.57
C LEU I 14 -7.56 -5.08 -28.45
N THR I 15 -7.75 -4.63 -27.22
CA THR I 15 -8.44 -3.36 -26.97
C THR I 15 -7.65 -2.22 -27.62
N ASP I 16 -6.33 -2.31 -27.58
CA ASP I 16 -5.51 -1.28 -28.21
C ASP I 16 -5.68 -1.30 -29.72
N THR I 17 -5.69 -2.48 -30.32
CA THR I 17 -5.93 -2.61 -31.75
C THR I 17 -7.30 -2.03 -32.11
N ILE I 18 -8.29 -2.34 -31.30
CA ILE I 18 -9.62 -1.79 -31.52
C ILE I 18 -9.59 -0.26 -31.45
N MET I 19 -8.93 0.30 -30.44
CA MET I 19 -8.95 1.74 -30.26
C MET I 19 -8.15 2.45 -31.34
N MET I 20 -7.04 1.85 -31.78
CA MET I 20 -6.23 2.50 -32.82
C MET I 20 -7.00 2.55 -34.14
N ALA I 21 -7.87 1.57 -34.35
CA ALA I 21 -8.68 1.54 -35.56
C ALA I 21 -9.82 2.53 -35.44
N LYS I 22 -10.43 2.60 -34.26
CA LYS I 22 -11.52 3.55 -34.03
C LYS I 22 -11.04 4.98 -34.22
N ILE I 23 -9.85 5.29 -33.71
CA ILE I 23 -9.30 6.62 -33.85
C ILE I 23 -8.89 6.93 -35.30
N ARG I 24 -8.24 5.96 -35.94
CA ARG I 24 -7.86 6.10 -37.34
C ARG I 24 -9.07 6.32 -38.25
N LYS I 25 -10.17 5.59 -37.99
CA LYS I 25 -11.36 5.68 -38.83
C LYS I 25 -12.32 6.75 -38.34
N ASN I 26 -11.97 7.39 -37.23
CA ASN I 26 -12.83 8.37 -36.57
C ASN I 26 -14.27 7.89 -36.37
N LEU I 27 -14.44 6.69 -35.81
CA LEU I 27 -15.77 6.14 -35.53
C LEU I 27 -16.27 6.47 -34.12
N THR I 28 -17.58 6.35 -33.93
CA THR I 28 -18.14 6.38 -32.58
C THR I 28 -18.50 4.96 -32.14
N PHE I 29 -18.64 4.76 -30.84
CA PHE I 29 -19.11 3.47 -30.33
C PHE I 29 -20.54 3.22 -30.80
N GLU I 30 -21.33 4.29 -30.87
CA GLU I 30 -22.70 4.17 -31.36
C GLU I 30 -22.71 3.59 -32.78
N ALA I 31 -21.79 4.06 -33.61
CA ALA I 31 -21.70 3.59 -34.99
C ALA I 31 -21.18 2.16 -35.05
N ILE I 32 -20.14 1.85 -34.28
CA ILE I 32 -19.58 0.51 -34.27
C ILE I 32 -20.66 -0.49 -33.85
N ASN I 33 -21.53 -0.05 -32.96
CA ASN I 33 -22.55 -0.93 -32.40
C ASN I 33 -23.74 -1.22 -33.32
N GLN I 34 -23.90 -0.44 -34.37
CA GLN I 34 -25.07 -0.59 -35.27
C GLN I 34 -25.18 -2.02 -35.79
N GLY I 35 -26.32 -2.64 -35.49
CA GLY I 35 -26.59 -3.98 -36.01
C GLY I 35 -26.17 -5.13 -35.11
N THR I 36 -25.70 -4.85 -33.90
CA THR I 36 -25.34 -5.93 -32.99
C THR I 36 -26.58 -6.49 -32.31
N GLY I 37 -27.64 -5.70 -32.23
CA GLY I 37 -28.80 -6.09 -31.45
C GLY I 37 -28.49 -6.11 -29.96
N LEU I 38 -27.50 -5.33 -29.56
CA LEU I 38 -27.05 -5.28 -28.17
C LEU I 38 -26.91 -3.85 -27.67
N SER I 39 -27.11 -3.66 -26.37
CA SER I 39 -27.04 -2.33 -25.79
CA SER I 39 -27.04 -2.31 -25.78
C SER I 39 -25.65 -1.69 -25.93
N LEU I 40 -25.63 -0.38 -26.13
CA LEU I 40 -24.37 0.36 -26.28
C LEU I 40 -23.40 0.15 -25.09
N ALA I 41 -23.92 0.20 -23.87
CA ALA I 41 -23.08 0.02 -22.69
C ALA I 41 -22.39 -1.35 -22.67
N PHE I 42 -23.11 -2.41 -23.05
CA PHE I 42 -22.52 -3.74 -23.04
C PHE I 42 -21.43 -3.89 -24.08
N VAL I 43 -21.73 -3.50 -25.32
CA VAL I 43 -20.78 -3.70 -26.39
C VAL I 43 -19.55 -2.79 -26.21
N THR I 44 -19.74 -1.59 -25.68
CA THR I 44 -18.60 -0.70 -25.46
C THR I 44 -17.67 -1.35 -24.45
N ALA I 45 -18.25 -1.84 -23.36
CA ALA I 45 -17.48 -2.52 -22.32
C ALA I 45 -16.72 -3.73 -22.89
N ALA I 46 -17.35 -4.47 -23.79
CA ALA I 46 -16.69 -5.61 -24.39
C ALA I 46 -15.55 -5.16 -25.29
N LEU I 47 -15.78 -4.10 -26.06
CA LEU I 47 -14.71 -3.56 -26.89
C LEU I 47 -13.55 -3.10 -26.02
N LEU I 48 -13.85 -2.59 -24.82
CA LEU I 48 -12.81 -2.12 -23.92
C LEU I 48 -12.29 -3.25 -23.01
N GLY I 49 -12.69 -4.48 -23.32
CA GLY I 49 -12.05 -5.64 -22.73
C GLY I 49 -12.70 -6.20 -21.47
N GLN I 50 -13.96 -5.85 -21.23
CA GLN I 50 -14.63 -6.25 -19.99
C GLN I 50 -15.71 -7.30 -20.15
N HIS I 51 -15.99 -7.71 -21.39
CA HIS I 51 -17.02 -8.70 -21.68
C HIS I 51 -16.69 -9.51 -22.93
N PRO I 52 -17.22 -10.74 -23.02
CA PRO I 52 -17.17 -11.42 -24.32
C PRO I 52 -18.32 -10.95 -25.19
N LEU I 53 -18.14 -10.92 -26.50
CA LEU I 53 -19.27 -10.74 -27.40
C LEU I 53 -19.70 -12.07 -27.97
N PRO I 54 -21.02 -12.27 -28.09
CA PRO I 54 -21.50 -13.38 -28.93
C PRO I 54 -20.91 -13.24 -30.34
N GLU I 55 -20.79 -14.36 -31.05
CA GLU I 55 -20.02 -14.41 -32.29
C GLU I 55 -20.55 -13.42 -33.31
N GLN I 56 -21.88 -13.33 -33.38
CA GLN I 56 -22.54 -12.47 -34.35
C GLN I 56 -22.13 -11.02 -34.14
N ALA I 57 -22.23 -10.55 -32.89
CA ALA I 57 -21.85 -9.18 -32.57
C ALA I 57 -20.35 -8.95 -32.83
N ALA I 58 -19.52 -9.93 -32.46
CA ALA I 58 -18.09 -9.86 -32.72
C ALA I 58 -17.77 -9.60 -34.20
N ARG I 59 -18.46 -10.33 -35.08
CA ARG I 59 -18.18 -10.22 -36.51
C ARG I 59 -18.72 -8.92 -37.09
N VAL I 60 -19.84 -8.45 -36.58
CA VAL I 60 -20.35 -7.13 -36.95
C VAL I 60 -19.36 -6.02 -36.59
N VAL I 61 -18.84 -6.01 -35.36
CA VAL I 61 -17.95 -4.92 -34.97
C VAL I 61 -16.60 -5.09 -35.65
N ALA I 62 -16.20 -6.34 -35.89
CA ALA I 62 -14.92 -6.60 -36.54
C ALA I 62 -14.87 -6.05 -37.98
N GLU I 63 -16.01 -6.08 -38.67
CA GLU I 63 -16.06 -5.62 -40.05
C GLU I 63 -15.82 -4.12 -40.12
N LYS I 64 -16.32 -3.40 -39.12
CA LYS I 64 -16.20 -1.96 -39.06
C LYS I 64 -14.80 -1.50 -38.68
N LEU I 65 -14.06 -2.36 -37.99
CA LEU I 65 -12.74 -2.02 -37.46
C LEU I 65 -11.63 -2.80 -38.14
N ASP I 66 -11.98 -3.57 -39.16
CA ASP I 66 -11.01 -4.36 -39.91
C ASP I 66 -10.19 -5.32 -39.04
N LEU I 67 -10.88 -6.08 -38.20
CA LEU I 67 -10.22 -7.07 -37.34
C LEU I 67 -10.15 -8.47 -38.00
N ASP I 68 -9.00 -9.12 -37.93
CA ASP I 68 -8.87 -10.47 -38.48
C ASP I 68 -9.54 -11.54 -37.59
N GLU I 69 -9.46 -12.79 -38.03
CA GLU I 69 -10.13 -13.89 -37.35
C GLU I 69 -9.61 -14.18 -35.94
N ASP I 70 -8.31 -14.04 -35.71
CA ASP I 70 -7.76 -14.22 -34.37
C ASP I 70 -8.30 -13.19 -33.38
N ALA I 71 -8.54 -11.98 -33.87
CA ALA I 71 -9.15 -10.90 -33.08
C ALA I 71 -10.62 -11.21 -32.78
N ILE I 72 -11.30 -11.73 -33.78
CA ILE I 72 -12.71 -12.10 -33.67
C ILE I 72 -12.88 -13.22 -32.64
N ARG I 73 -11.97 -14.18 -32.68
CA ARG I 73 -12.00 -15.29 -31.75
C ARG I 73 -11.75 -14.81 -30.31
N LEU I 74 -10.82 -13.87 -30.15
CA LEU I 74 -10.43 -13.37 -28.83
C LEU I 74 -11.50 -12.45 -28.20
N LEU I 75 -12.27 -11.80 -29.06
CA LEU I 75 -13.37 -10.94 -28.68
C LEU I 75 -14.50 -11.75 -28.04
N GLN I 76 -14.51 -13.04 -28.35
CA GLN I 76 -15.52 -13.96 -27.84
C GLN I 76 -15.12 -14.64 -26.53
N THR I 77 -13.88 -14.41 -26.10
CA THR I 77 -13.41 -14.98 -24.83
C THR I 77 -13.83 -14.14 -23.63
N ILE I 78 -14.05 -14.82 -22.52
CA ILE I 78 -14.36 -14.22 -21.24
C ILE I 78 -13.07 -13.63 -20.65
N PRO I 79 -13.09 -12.34 -20.33
CA PRO I 79 -11.78 -11.78 -19.93
C PRO I 79 -11.58 -11.81 -18.44
N LEU I 80 -10.36 -11.54 -17.99
CA LEU I 80 -10.13 -11.15 -16.61
C LEU I 80 -10.58 -9.71 -16.45
N ARG I 81 -11.61 -9.48 -15.66
CA ARG I 81 -12.25 -8.16 -15.63
C ARG I 81 -11.59 -7.18 -14.64
N GLY I 82 -11.78 -5.90 -14.93
CA GLY I 82 -11.34 -4.79 -14.11
C GLY I 82 -10.81 -3.73 -15.05
N SER I 83 -11.32 -2.51 -14.98
CA SER I 83 -10.94 -1.50 -15.99
C SER I 83 -10.08 -0.38 -15.41
N ILE I 84 -9.81 -0.45 -14.11
CA ILE I 84 -8.97 0.54 -13.42
C ILE I 84 -7.76 -0.13 -12.79
N PRO I 85 -6.59 -0.05 -13.46
CA PRO I 85 -5.38 -0.67 -12.93
C PRO I 85 -5.04 -0.14 -11.55
N GLY I 86 -4.89 -1.05 -10.58
CA GLY I 86 -4.56 -0.68 -9.22
C GLY I 86 -5.78 -0.30 -8.41
N GLY I 87 -6.94 -0.18 -9.07
CA GLY I 87 -8.18 0.05 -8.37
C GLY I 87 -8.58 1.50 -8.12
N VAL I 88 -7.58 2.37 -7.99
CA VAL I 88 -7.84 3.76 -7.68
C VAL I 88 -7.53 4.61 -8.91
N PRO I 89 -8.55 5.19 -9.52
CA PRO I 89 -8.32 5.97 -10.74
C PRO I 89 -7.78 7.37 -10.41
N THR I 90 -7.02 7.94 -11.33
N THR I 90 -7.01 7.94 -11.33
CA THR I 90 -6.57 9.32 -11.21
CA THR I 90 -6.53 9.31 -11.24
C THR I 90 -7.28 10.19 -12.24
C THR I 90 -7.21 10.20 -12.27
N ASP I 91 -7.68 9.58 -13.36
CA ASP I 91 -8.41 10.30 -14.38
C ASP I 91 -9.67 10.91 -13.77
N PRO I 92 -9.88 12.21 -13.97
CA PRO I 92 -11.00 12.87 -13.28
C PRO I 92 -12.38 12.34 -13.67
N THR I 93 -12.56 11.92 -14.91
CA THR I 93 -13.87 11.47 -15.37
C THR I 93 -14.26 10.18 -14.61
N ILE I 94 -13.34 9.22 -14.62
CA ILE I 94 -13.55 7.99 -13.88
C ILE I 94 -13.63 8.27 -12.38
N TYR I 95 -12.77 9.14 -11.86
CA TYR I 95 -12.72 9.35 -10.41
C TYR I 95 -14.05 9.86 -9.86
N ARG I 96 -14.76 10.72 -10.59
CA ARG I 96 -16.03 11.22 -10.07
C ARG I 96 -16.98 10.05 -9.74
N PHE I 97 -16.99 9.00 -10.55
CA PHE I 97 -17.87 7.86 -10.28
C PHE I 97 -17.37 7.07 -9.07
N TYR I 98 -16.05 6.88 -9.01
CA TYR I 98 -15.38 6.36 -7.82
C TYR I 98 -15.75 7.16 -6.57
N GLU I 99 -15.77 8.48 -6.71
CA GLU I 99 -16.08 9.36 -5.57
C GLU I 99 -17.53 9.22 -5.11
N MET I 100 -18.46 9.01 -6.03
CA MET I 100 -19.87 8.84 -5.66
C MET I 100 -19.99 7.64 -4.70
N VAL I 101 -19.26 6.58 -4.99
CA VAL I 101 -19.31 5.40 -4.14
C VAL I 101 -18.60 5.67 -2.80
N GLN I 102 -17.47 6.37 -2.83
CA GLN I 102 -16.80 6.76 -1.59
C GLN I 102 -17.74 7.56 -0.67
N ILE I 103 -18.50 8.48 -1.24
CA ILE I 103 -19.36 9.35 -0.43
C ILE I 103 -20.65 8.65 0.00
N TYR I 104 -21.28 7.96 -0.94
CA TYR I 104 -22.63 7.42 -0.71
C TYR I 104 -22.65 5.92 -0.42
N GLY I 105 -21.47 5.32 -0.32
CA GLY I 105 -21.38 3.90 -0.02
C GLY I 105 -22.18 3.45 1.18
N SER I 106 -22.00 4.12 2.32
CA SER I 106 -22.68 3.73 3.55
C SER I 106 -24.20 3.97 3.48
N THR I 107 -24.61 5.02 2.78
CA THR I 107 -26.02 5.33 2.55
C THR I 107 -26.67 4.25 1.67
N LEU I 108 -25.98 3.88 0.60
CA LEU I 108 -26.42 2.78 -0.24
C LEU I 108 -26.59 1.49 0.56
N LYS I 109 -25.63 1.16 1.43
CA LYS I 109 -25.78 -0.01 2.29
C LYS I 109 -27.01 0.14 3.19
N ALA I 110 -27.11 1.30 3.84
CA ALA I 110 -28.19 1.54 4.80
C ALA I 110 -29.57 1.42 4.17
N LEU I 111 -29.78 2.06 3.01
CA LEU I 111 -31.09 2.04 2.35
C LEU I 111 -31.38 0.71 1.66
N VAL I 112 -30.36 0.01 1.15
CA VAL I 112 -30.57 -1.35 0.63
C VAL I 112 -31.12 -2.26 1.72
N HIS I 113 -30.53 -2.21 2.92
CA HIS I 113 -30.99 -3.11 3.98
C HIS I 113 -32.33 -2.67 4.53
N GLU I 114 -32.60 -1.38 4.47
CA GLU I 114 -33.88 -0.86 4.93
C GLU I 114 -35.00 -1.26 3.96
N GLN I 115 -34.73 -1.15 2.67
CA GLN I 115 -35.79 -1.31 1.67
C GLN I 115 -35.87 -2.72 1.09
N PHE I 116 -34.79 -3.48 1.21
CA PHE I 116 -34.79 -4.83 0.66
C PHE I 116 -34.58 -5.88 1.74
N GLY I 117 -33.62 -5.64 2.61
CA GLY I 117 -33.21 -6.61 3.61
C GLY I 117 -31.72 -6.89 3.56
N ASP I 118 -31.29 -7.86 4.34
CA ASP I 118 -29.90 -8.29 4.34
C ASP I 118 -29.57 -8.91 3.00
N GLY I 119 -28.32 -8.74 2.58
CA GLY I 119 -27.88 -9.17 1.26
C GLY I 119 -27.26 -8.04 0.45
N ILE I 120 -27.34 -8.17 -0.87
CA ILE I 120 -26.67 -7.23 -1.78
C ILE I 120 -27.55 -6.87 -2.96
N ILE I 121 -27.17 -5.78 -3.63
CA ILE I 121 -27.59 -5.51 -4.98
C ILE I 121 -26.51 -6.07 -5.90
N SER I 122 -26.90 -6.95 -6.80
CA SER I 122 -25.91 -7.66 -7.63
C SER I 122 -25.24 -6.76 -8.64
N ALA I 123 -23.95 -7.01 -8.86
CA ALA I 123 -23.23 -6.33 -9.95
C ALA I 123 -23.09 -7.28 -11.15
N ILE I 124 -23.73 -8.44 -11.08
CA ILE I 124 -23.67 -9.43 -12.16
C ILE I 124 -25.04 -9.57 -12.85
N ASN I 125 -26.08 -9.85 -12.06
CA ASN I 125 -27.45 -9.77 -12.58
C ASN I 125 -27.78 -8.29 -12.56
N PHE I 126 -27.35 -7.60 -13.60
CA PHE I 126 -27.13 -6.18 -13.50
C PHE I 126 -27.05 -5.56 -14.87
N LYS I 127 -27.64 -4.37 -15.01
CA LYS I 127 -27.54 -3.61 -16.25
C LYS I 127 -27.15 -2.18 -15.94
N LEU I 128 -26.36 -1.60 -16.82
CA LEU I 128 -25.95 -0.22 -16.68
C LEU I 128 -26.39 0.54 -17.92
N ASP I 129 -26.79 1.80 -17.77
CA ASP I 129 -26.98 2.63 -18.95
C ASP I 129 -26.80 4.09 -18.61
N ILE I 130 -26.50 4.89 -19.62
CA ILE I 130 -26.30 6.32 -19.40
C ILE I 130 -27.12 7.12 -20.40
N LYS I 131 -27.78 8.16 -19.91
CA LYS I 131 -28.64 8.99 -20.74
C LYS I 131 -28.27 10.46 -20.60
N LYS I 132 -28.26 11.17 -21.72
CA LYS I 132 -28.02 12.60 -21.71
C LYS I 132 -29.36 13.34 -21.61
N VAL I 133 -29.51 14.20 -20.61
CA VAL I 133 -30.74 14.98 -20.45
C VAL I 133 -30.41 16.45 -20.22
N PRO I 134 -31.33 17.34 -20.64
CA PRO I 134 -31.13 18.78 -20.44
C PRO I 134 -31.20 19.18 -18.97
N ASP I 135 -30.34 20.12 -18.58
CA ASP I 135 -30.44 20.73 -17.26
C ASP I 135 -31.34 21.96 -17.37
N PRO I 136 -32.38 22.04 -16.52
CA PRO I 136 -33.37 23.12 -16.60
C PRO I 136 -32.75 24.49 -16.38
N ASP I 137 -31.61 24.51 -15.71
CA ASP I 137 -30.91 25.75 -15.40
C ASP I 137 -29.84 26.02 -16.43
N GLY I 138 -29.86 25.25 -17.51
CA GLY I 138 -28.88 25.40 -18.58
C GLY I 138 -27.83 24.31 -18.52
N GLY I 139 -27.39 23.84 -19.68
CA GLY I 139 -26.37 22.81 -19.74
C GLY I 139 -26.99 21.43 -19.87
N GLU I 140 -26.21 20.40 -19.57
CA GLU I 140 -26.69 19.03 -19.65
C GLU I 140 -26.33 18.22 -18.41
N ARG I 141 -27.08 17.14 -18.20
CA ARG I 141 -26.84 16.21 -17.12
C ARG I 141 -26.74 14.81 -17.69
N ALA I 142 -25.93 13.97 -17.05
CA ALA I 142 -25.92 12.55 -17.34
C ALA I 142 -26.69 11.84 -16.26
N VAL I 143 -27.60 10.97 -16.67
CA VAL I 143 -28.35 10.15 -15.75
C VAL I 143 -27.87 8.72 -15.92
N ILE I 144 -27.11 8.23 -14.96
CA ILE I 144 -26.56 6.88 -15.05
C ILE I 144 -27.41 5.98 -14.19
N THR I 145 -27.92 4.91 -14.79
CA THR I 145 -28.81 3.99 -14.09
C THR I 145 -28.11 2.68 -13.78
N LEU I 146 -28.11 2.32 -12.49
CA LEU I 146 -27.53 1.05 -12.03
C LEU I 146 -28.66 0.13 -11.59
N ASP I 147 -28.87 -0.93 -12.35
CA ASP I 147 -30.05 -1.77 -12.20
C ASP I 147 -29.63 -3.20 -11.83
N GLY I 148 -29.69 -3.53 -10.54
CA GLY I 148 -29.21 -4.81 -10.05
C GLY I 148 -30.27 -5.58 -9.28
N LYS I 149 -30.21 -6.90 -9.38
CA LYS I 149 -31.08 -7.81 -8.65
C LYS I 149 -30.75 -7.85 -7.17
N TYR I 150 -31.78 -7.78 -6.32
CA TYR I 150 -31.55 -8.00 -4.90
C TYR I 150 -31.37 -9.51 -4.62
N LEU I 151 -30.24 -9.85 -4.03
CA LEU I 151 -29.97 -11.21 -3.57
C LEU I 151 -29.93 -11.23 -2.05
N PRO I 152 -30.90 -11.90 -1.42
CA PRO I 152 -30.92 -11.90 0.05
C PRO I 152 -29.80 -12.74 0.67
N THR I 153 -29.36 -12.29 1.84
CA THR I 153 -28.58 -13.10 2.74
C THR I 153 -29.54 -13.65 3.77
N LYS I 154 -29.70 -14.97 3.83
CA LYS I 154 -30.54 -15.52 4.90
C LYS I 154 -29.79 -16.56 5.72
N PRO I 155 -30.18 -16.68 6.99
CA PRO I 155 -29.55 -17.66 7.89
C PRO I 155 -29.64 -19.09 7.36
N PHE I 156 -28.53 -19.83 7.43
CA PHE I 156 -28.53 -21.25 7.09
C PHE I 156 -27.99 -22.08 8.25
N THR J 2 -21.37 29.09 7.90
CA THR J 2 -21.53 27.65 7.99
C THR J 2 -20.23 26.94 8.39
N GLN J 3 -20.25 26.33 9.57
CA GLN J 3 -19.09 25.67 10.14
C GLN J 3 -18.72 24.41 9.39
N SER J 4 -17.44 24.05 9.46
CA SER J 4 -16.97 22.81 8.88
C SER J 4 -15.87 22.17 9.74
N LEU J 5 -15.57 20.91 9.47
CA LEU J 5 -14.50 20.19 10.16
C LEU J 5 -13.55 19.55 9.16
N HIS J 6 -12.28 19.42 9.53
CA HIS J 6 -11.29 18.83 8.64
C HIS J 6 -10.88 17.43 9.10
N TYR J 7 -11.60 16.91 10.07
CA TYR J 7 -11.32 15.57 10.59
C TYR J 7 -12.65 14.95 10.98
N SER J 8 -12.70 13.61 11.01
CA SER J 8 -14.00 12.94 11.08
C SER J 8 -14.43 12.42 12.45
N SER J 9 -13.53 12.34 13.44
CA SER J 9 -13.89 11.69 14.71
C SER J 9 -15.12 12.30 15.46
N PRO J 10 -15.29 13.64 15.48
CA PRO J 10 -16.49 14.12 16.18
C PRO J 10 -17.78 13.71 15.49
N ARG J 11 -17.78 13.76 14.16
CA ARG J 11 -18.94 13.38 13.38
C ARG J 11 -19.18 11.86 13.47
N GLU J 12 -18.11 11.10 13.56
CA GLU J 12 -18.21 9.65 13.73
C GLU J 12 -18.91 9.31 15.06
N THR J 13 -18.53 10.03 16.11
CA THR J 13 -19.18 9.89 17.41
C THR J 13 -20.66 10.27 17.34
N LEU J 14 -20.97 11.38 16.69
CA LEU J 14 -22.37 11.79 16.52
C LEU J 14 -23.13 10.71 15.77
N THR J 15 -22.54 10.21 14.68
CA THR J 15 -23.18 9.16 13.88
C THR J 15 -23.42 7.91 14.72
N ASP J 16 -22.49 7.61 15.64
CA ASP J 16 -22.70 6.44 16.48
C ASP J 16 -23.88 6.69 17.42
N THR J 17 -23.89 7.84 18.06
CA THR J 17 -25.02 8.25 18.88
C THR J 17 -26.35 8.17 18.09
N ILE J 18 -26.33 8.62 16.84
CA ILE J 18 -27.55 8.55 16.04
C ILE J 18 -27.98 7.09 15.79
N MET J 19 -27.02 6.25 15.43
CA MET J 19 -27.34 4.88 15.11
C MET J 19 -27.80 4.11 16.34
N MET J 20 -27.16 4.35 17.49
CA MET J 20 -27.55 3.65 18.71
C MET J 20 -28.98 4.02 19.13
N ALA J 21 -29.39 5.24 18.80
CA ALA J 21 -30.73 5.70 19.13
C ALA J 21 -31.74 5.10 18.18
N LYS J 22 -31.38 5.04 16.90
CA LYS J 22 -32.23 4.46 15.88
C LYS J 22 -32.50 2.98 16.14
N ILE J 23 -31.45 2.26 16.57
CA ILE J 23 -31.58 0.84 16.86
C ILE J 23 -32.43 0.61 18.11
N ARG J 24 -32.14 1.37 19.16
CA ARG J 24 -32.90 1.30 20.41
C ARG J 24 -34.39 1.57 20.19
N LYS J 25 -34.73 2.50 19.30
CA LYS J 25 -36.11 2.89 19.08
C LYS J 25 -36.71 2.13 17.91
N ASN J 26 -35.90 1.25 17.32
CA ASN J 26 -36.27 0.52 16.13
C ASN J 26 -36.90 1.42 15.08
N LEU J 27 -36.24 2.51 14.74
CA LEU J 27 -36.73 3.42 13.70
C LEU J 27 -36.17 3.08 12.31
N THR J 28 -36.87 3.52 11.29
CA THR J 28 -36.35 3.48 9.92
C THR J 28 -35.91 4.87 9.50
N PHE J 29 -35.01 4.94 8.52
CA PHE J 29 -34.56 6.23 8.01
C PHE J 29 -35.73 6.98 7.42
N GLU J 30 -36.61 6.26 6.72
CA GLU J 30 -37.79 6.88 6.16
C GLU J 30 -38.61 7.57 7.24
N ALA J 31 -38.75 6.93 8.39
CA ALA J 31 -39.52 7.51 9.50
C ALA J 31 -38.78 8.70 10.11
N ILE J 32 -37.48 8.55 10.30
CA ILE J 32 -36.67 9.65 10.81
C ILE J 32 -36.81 10.86 9.87
N ASN J 33 -36.92 10.60 8.57
CA ASN J 33 -36.95 11.67 7.58
C ASN J 33 -38.31 12.40 7.44
N GLN J 34 -39.36 11.88 8.04
CA GLN J 34 -40.68 12.53 7.97
C GLN J 34 -40.63 13.97 8.48
N GLY J 35 -40.96 14.91 7.60
CA GLY J 35 -41.06 16.29 8.02
C GLY J 35 -39.84 17.16 7.74
N THR J 36 -38.80 16.58 7.14
CA THR J 36 -37.62 17.37 6.82
C THR J 36 -37.82 18.20 5.56
N GLY J 37 -38.58 17.67 4.62
CA GLY J 37 -38.74 18.32 3.33
C GLY J 37 -37.64 17.95 2.36
N LEU J 38 -36.77 17.03 2.77
CA LEU J 38 -35.60 16.67 1.98
C LEU J 38 -35.65 15.21 1.54
N SER J 39 -34.94 14.89 0.47
CA SER J 39 -34.94 13.54 -0.06
C SER J 39 -34.36 12.53 0.95
N LEU J 40 -34.85 11.29 0.93
CA LEU J 40 -34.39 10.28 1.87
C LEU J 40 -32.87 10.05 1.78
N ALA J 41 -32.35 9.98 0.55
CA ALA J 41 -30.94 9.75 0.32
C ALA J 41 -30.05 10.85 0.91
N PHE J 42 -30.48 12.11 0.78
CA PHE J 42 -29.67 13.21 1.30
C PHE J 42 -29.62 13.17 2.80
N VAL J 43 -30.79 13.02 3.42
CA VAL J 43 -30.84 13.07 4.87
C VAL J 43 -30.18 11.83 5.48
N THR J 44 -30.30 10.67 4.83
CA THR J 44 -29.64 9.46 5.36
C THR J 44 -28.12 9.64 5.32
N ALA J 45 -27.61 10.23 4.24
CA ALA J 45 -26.18 10.50 4.13
C ALA J 45 -25.72 11.47 5.22
N ALA J 46 -26.51 12.52 5.45
CA ALA J 46 -26.20 13.46 6.53
C ALA J 46 -26.15 12.78 7.90
N LEU J 47 -27.15 11.95 8.20
CA LEU J 47 -27.15 11.23 9.48
C LEU J 47 -25.93 10.31 9.62
N LEU J 48 -25.49 9.75 8.50
CA LEU J 48 -24.33 8.85 8.49
C LEU J 48 -23.01 9.64 8.38
N GLY J 49 -23.09 10.96 8.52
CA GLY J 49 -21.90 11.80 8.65
C GLY J 49 -21.32 12.36 7.37
N GLN J 50 -22.11 12.46 6.31
CA GLN J 50 -21.57 12.81 5.00
C GLN J 50 -22.07 14.16 4.48
N HIS J 51 -23.04 14.76 5.17
CA HIS J 51 -23.57 16.07 4.80
C HIS J 51 -24.00 16.86 6.03
N PRO J 52 -24.05 18.20 5.91
CA PRO J 52 -24.71 18.97 6.96
C PRO J 52 -26.22 19.01 6.72
N LEU J 53 -26.99 19.18 7.79
CA LEU J 53 -28.41 19.46 7.62
C LEU J 53 -28.66 20.94 7.88
N PRO J 54 -29.60 21.53 7.12
CA PRO J 54 -30.22 22.81 7.50
C PRO J 54 -30.79 22.68 8.90
N GLU J 55 -30.85 23.79 9.64
CA GLU J 55 -31.18 23.71 11.06
C GLU J 55 -32.56 23.08 11.28
N GLN J 56 -33.51 23.43 10.42
CA GLN J 56 -34.86 22.90 10.50
C GLN J 56 -34.90 21.37 10.42
N ALA J 57 -34.21 20.81 9.44
CA ALA J 57 -34.15 19.36 9.30
C ALA J 57 -33.42 18.73 10.47
N ALA J 58 -32.37 19.39 10.94
CA ALA J 58 -31.59 18.88 12.07
C ALA J 58 -32.46 18.73 13.32
N ARG J 59 -33.33 19.72 13.56
CA ARG J 59 -34.15 19.74 14.77
C ARG J 59 -35.29 18.75 14.68
N VAL J 60 -35.82 18.57 13.47
CA VAL J 60 -36.80 17.53 13.20
C VAL J 60 -36.24 16.15 13.52
N VAL J 61 -35.12 15.79 12.88
CA VAL J 61 -34.57 14.44 13.11
C VAL J 61 -34.08 14.30 14.54
N ALA J 62 -33.64 15.40 15.15
CA ALA J 62 -33.17 15.38 16.54
C ALA J 62 -34.26 15.02 17.55
N GLU J 63 -35.49 15.47 17.26
CA GLU J 63 -36.60 15.20 18.16
C GLU J 63 -36.93 13.72 18.16
N LYS J 64 -36.77 13.07 17.00
CA LYS J 64 -37.07 11.64 16.90
C LYS J 64 -36.01 10.77 17.55
N LEU J 65 -34.79 11.29 17.64
CA LEU J 65 -33.67 10.50 18.13
C LEU J 65 -33.19 10.98 19.49
N ASP J 66 -33.91 11.93 20.09
CA ASP J 66 -33.56 12.47 21.41
C ASP J 66 -32.14 13.04 21.44
N LEU J 67 -31.79 13.83 20.43
CA LEU J 67 -30.46 14.43 20.37
C LEU J 67 -30.42 15.76 21.09
N ASP J 68 -29.36 16.03 21.85
CA ASP J 68 -29.26 17.30 22.56
C ASP J 68 -28.77 18.44 21.64
N GLU J 69 -28.61 19.64 22.22
CA GLU J 69 -28.31 20.83 21.42
C GLU J 69 -26.92 20.80 20.78
N ASP J 70 -25.94 20.25 21.50
CA ASP J 70 -24.60 20.12 20.95
C ASP J 70 -24.59 19.21 19.73
N ALA J 71 -25.44 18.19 19.75
CA ALA J 71 -25.57 17.27 18.63
C ALA J 71 -26.24 17.95 17.43
N ILE J 72 -27.22 18.80 17.71
CA ILE J 72 -27.97 19.52 16.69
C ILE J 72 -27.04 20.50 15.96
N ARG J 73 -26.15 21.11 16.72
CA ARG J 73 -25.16 22.03 16.19
C ARG J 73 -24.15 21.30 15.28
N LEU J 74 -23.71 20.13 15.73
CA LEU J 74 -22.72 19.35 15.00
C LEU J 74 -23.29 18.79 13.70
N LEU J 75 -24.58 18.47 13.73
CA LEU J 75 -25.31 17.96 12.58
C LEU J 75 -25.40 19.00 11.46
N GLN J 76 -25.23 20.27 11.82
CA GLN J 76 -25.30 21.35 10.83
C GLN J 76 -23.93 21.73 10.28
N THR J 77 -22.87 21.11 10.79
CA THR J 77 -21.52 21.35 10.31
C THR J 77 -21.19 20.53 9.08
N ILE J 78 -20.43 21.12 8.18
CA ILE J 78 -19.91 20.45 7.00
C ILE J 78 -18.84 19.44 7.41
N PRO J 79 -19.00 18.18 6.99
CA PRO J 79 -18.04 17.20 7.50
C PRO J 79 -16.82 17.00 6.58
N LEU J 80 -15.81 16.32 7.10
CA LEU J 80 -14.79 15.72 6.26
C LEU J 80 -15.39 14.46 5.67
N ARG J 81 -15.64 14.45 4.37
CA ARG J 81 -16.43 13.39 3.74
C ARG J 81 -15.63 12.16 3.32
N GLY J 82 -16.34 11.04 3.25
CA GLY J 82 -15.77 9.77 2.81
C GLY J 82 -16.36 8.72 3.73
N SER J 83 -17.01 7.70 3.18
CA SER J 83 -17.77 6.78 4.04
C SER J 83 -17.16 5.38 4.10
N ILE J 84 -16.07 5.17 3.35
CA ILE J 84 -15.35 3.90 3.34
C ILE J 84 -13.91 4.09 3.84
N PRO J 85 -13.63 3.73 5.11
CA PRO J 85 -12.26 3.91 5.63
C PRO J 85 -11.23 3.15 4.79
N GLY J 86 -10.21 3.86 4.32
CA GLY J 86 -9.17 3.26 3.50
C GLY J 86 -9.54 3.16 2.02
N GLY J 87 -10.78 3.53 1.70
CA GLY J 87 -11.19 3.60 0.30
C GLY J 87 -11.71 2.29 -0.28
N VAL J 88 -11.18 1.17 0.19
CA VAL J 88 -11.53 -0.13 -0.37
C VAL J 88 -12.47 -0.90 0.58
N PRO J 89 -13.74 -1.06 0.18
CA PRO J 89 -14.72 -1.72 1.03
C PRO J 89 -14.52 -3.24 1.07
N THR J 90 -14.89 -3.89 2.17
N THR J 90 -14.91 -3.87 2.18
CA THR J 90 -14.88 -5.34 2.25
CA THR J 90 -14.87 -5.33 2.32
C THR J 90 -16.31 -5.88 2.36
C THR J 90 -16.28 -5.90 2.43
N ASP J 91 -17.17 -5.10 3.02
CA ASP J 91 -18.58 -5.45 3.13
C ASP J 91 -19.19 -5.70 1.76
N PRO J 92 -19.83 -6.88 1.57
CA PRO J 92 -20.28 -7.22 0.22
C PRO J 92 -21.27 -6.21 -0.37
N THR J 93 -22.15 -5.64 0.45
CA THR J 93 -23.19 -4.75 -0.05
C THR J 93 -22.55 -3.51 -0.65
N ILE J 94 -21.57 -2.95 0.06
CA ILE J 94 -20.90 -1.77 -0.47
C ILE J 94 -19.98 -2.16 -1.62
N TYR J 95 -19.29 -3.30 -1.49
CA TYR J 95 -18.35 -3.72 -2.53
C TYR J 95 -19.01 -3.85 -3.91
N ARG J 96 -20.26 -4.33 -4.00
CA ARG J 96 -20.88 -4.51 -5.30
C ARG J 96 -20.93 -3.18 -6.07
N PHE J 97 -21.18 -2.09 -5.35
CA PHE J 97 -21.20 -0.76 -5.97
C PHE J 97 -19.82 -0.30 -6.35
N TYR J 98 -18.86 -0.53 -5.46
CA TYR J 98 -17.44 -0.40 -5.78
C TYR J 98 -17.09 -1.18 -7.05
N GLU J 99 -17.56 -2.42 -7.14
CA GLU J 99 -17.27 -3.28 -8.29
C GLU J 99 -17.85 -2.72 -9.62
N MET J 100 -19.02 -2.11 -9.55
CA MET J 100 -19.63 -1.58 -10.79
C MET J 100 -18.69 -0.54 -11.41
N VAL J 101 -18.10 0.31 -10.58
CA VAL J 101 -17.17 1.31 -11.09
C VAL J 101 -15.86 0.67 -11.60
N GLN J 102 -15.36 -0.36 -10.90
CA GLN J 102 -14.17 -1.08 -11.36
C GLN J 102 -14.35 -1.68 -12.76
N ILE J 103 -15.51 -2.27 -12.98
CA ILE J 103 -15.76 -2.94 -14.26
C ILE J 103 -16.11 -1.94 -15.35
N TYR J 104 -17.00 -1.00 -15.04
CA TYR J 104 -17.57 -0.10 -16.06
C TYR J 104 -16.96 1.29 -16.11
N GLY J 105 -15.95 1.52 -15.28
CA GLY J 105 -15.24 2.79 -15.26
C GLY J 105 -14.78 3.31 -16.61
N SER J 106 -14.04 2.49 -17.36
CA SER J 106 -13.58 2.91 -18.67
C SER J 106 -14.73 3.12 -19.68
N THR J 107 -15.78 2.32 -19.54
CA THR J 107 -16.98 2.47 -20.38
C THR J 107 -17.70 3.77 -20.06
N LEU J 108 -17.81 4.09 -18.77
CA LEU J 108 -18.43 5.35 -18.37
C LEU J 108 -17.62 6.51 -18.93
N LYS J 109 -16.30 6.44 -18.80
CA LYS J 109 -15.45 7.47 -19.39
C LYS J 109 -15.64 7.58 -20.89
N ALA J 110 -15.59 6.45 -21.60
CA ALA J 110 -15.70 6.43 -23.05
C ALA J 110 -17.00 7.06 -23.52
N LEU J 111 -18.11 6.69 -22.90
CA LEU J 111 -19.42 7.17 -23.33
C LEU J 111 -19.71 8.61 -22.86
N VAL J 112 -19.13 9.04 -21.74
CA VAL J 112 -19.24 10.44 -21.32
C VAL J 112 -18.61 11.33 -22.39
N HIS J 113 -17.41 10.96 -22.82
CA HIS J 113 -16.70 11.74 -23.82
C HIS J 113 -17.38 11.66 -25.17
N GLU J 114 -17.98 10.51 -25.47
CA GLU J 114 -18.67 10.37 -26.74
C GLU J 114 -19.93 11.23 -26.79
N GLN J 115 -20.72 11.18 -25.73
CA GLN J 115 -22.03 11.81 -25.71
C GLN J 115 -22.04 13.24 -25.19
N PHE J 116 -21.00 13.62 -24.45
CA PHE J 116 -20.97 14.95 -23.87
C PHE J 116 -19.78 15.73 -24.40
N GLY J 117 -18.61 15.10 -24.37
CA GLY J 117 -17.37 15.77 -24.74
C GLY J 117 -16.37 15.61 -23.62
N ASP J 118 -15.27 16.34 -23.72
CA ASP J 118 -14.26 16.32 -22.67
C ASP J 118 -14.78 16.97 -21.42
N GLY J 119 -14.34 16.44 -20.29
CA GLY J 119 -14.75 16.94 -18.99
C GLY J 119 -15.22 15.78 -18.11
N ILE J 120 -16.10 16.11 -17.18
CA ILE J 120 -16.58 15.15 -16.18
C ILE J 120 -18.10 15.19 -16.05
N ILE J 121 -18.63 14.15 -15.43
CA ILE J 121 -19.95 14.22 -14.83
C ILE J 121 -19.74 14.49 -13.34
N SER J 122 -20.33 15.58 -12.86
CA SER J 122 -20.06 16.05 -11.49
C SER J 122 -20.56 15.10 -10.41
N ALA J 123 -19.79 15.00 -9.32
CA ALA J 123 -20.21 14.29 -8.12
C ALA J 123 -20.73 15.27 -7.09
N ILE J 124 -20.72 16.56 -7.42
CA ILE J 124 -21.15 17.61 -6.49
C ILE J 124 -22.50 18.25 -6.91
N ASN J 125 -22.56 18.76 -8.14
CA ASN J 125 -23.83 19.12 -8.73
C ASN J 125 -24.44 17.80 -9.14
N PHE J 126 -25.12 17.16 -8.20
CA PHE J 126 -25.33 15.73 -8.29
C PHE J 126 -26.43 15.26 -7.34
N LYS J 127 -27.28 14.37 -7.85
CA LYS J 127 -28.35 13.78 -7.03
C LYS J 127 -28.31 12.26 -7.14
N LEU J 128 -28.62 11.60 -6.03
CA LEU J 128 -28.62 10.15 -5.97
C LEU J 128 -29.98 9.69 -5.52
N ASP J 129 -30.46 8.57 -6.02
CA ASP J 129 -31.65 7.98 -5.43
C ASP J 129 -31.73 6.51 -5.77
N ILE J 130 -32.41 5.76 -4.92
CA ILE J 130 -32.53 4.34 -5.12
C ILE J 130 -34.01 3.96 -5.10
N LYS J 131 -34.43 3.15 -6.08
CA LYS J 131 -35.82 2.73 -6.21
C LYS J 131 -35.93 1.22 -6.18
N LYS J 132 -36.95 0.71 -5.48
CA LYS J 132 -37.23 -0.72 -5.49
C LYS J 132 -38.25 -1.06 -6.56
N VAL J 133 -37.89 -1.98 -7.45
CA VAL J 133 -38.69 -2.35 -8.60
C VAL J 133 -38.86 -3.87 -8.64
N PRO J 134 -40.06 -4.34 -9.03
CA PRO J 134 -40.26 -5.78 -9.22
C PRO J 134 -39.40 -6.38 -10.33
N ASP J 135 -38.84 -7.57 -10.13
CA ASP J 135 -38.23 -8.31 -11.24
C ASP J 135 -39.31 -9.11 -11.92
N PRO J 136 -39.47 -8.94 -13.25
CA PRO J 136 -40.48 -9.66 -14.04
C PRO J 136 -40.35 -11.18 -13.90
N ASP J 137 -39.13 -11.65 -13.75
CA ASP J 137 -38.88 -13.09 -13.62
C ASP J 137 -38.83 -13.50 -12.15
N GLY J 138 -39.39 -12.67 -11.28
CA GLY J 138 -39.45 -12.99 -9.86
C GLY J 138 -38.37 -12.29 -9.05
N GLY J 139 -38.74 -11.87 -7.85
CA GLY J 139 -37.81 -11.17 -6.97
C GLY J 139 -37.91 -9.66 -7.12
N GLU J 140 -36.89 -8.96 -6.63
CA GLU J 140 -36.88 -7.50 -6.61
C GLU J 140 -35.58 -6.96 -7.16
N ARG J 141 -35.64 -5.74 -7.70
CA ARG J 141 -34.45 -5.08 -8.21
C ARG J 141 -34.30 -3.71 -7.58
N ALA J 142 -33.06 -3.25 -7.49
CA ALA J 142 -32.80 -1.88 -7.09
C ALA J 142 -32.37 -1.11 -8.31
N VAL J 143 -32.97 0.06 -8.51
CA VAL J 143 -32.56 0.94 -9.58
C VAL J 143 -31.94 2.17 -8.91
N ILE J 144 -30.63 2.27 -9.03
CA ILE J 144 -29.91 3.37 -8.43
C ILE J 144 -29.66 4.39 -9.52
N THR J 145 -30.08 5.62 -9.29
CA THR J 145 -29.90 6.67 -10.31
C THR J 145 -28.85 7.67 -9.87
N LEU J 146 -27.83 7.84 -10.70
CA LEU J 146 -26.75 8.78 -10.48
C LEU J 146 -26.90 9.94 -11.46
N ASP J 147 -27.32 11.09 -10.95
CA ASP J 147 -27.71 12.21 -11.80
C ASP J 147 -26.76 13.41 -11.60
N GLY J 148 -25.80 13.58 -12.53
CA GLY J 148 -24.78 14.61 -12.39
C GLY J 148 -24.69 15.56 -13.57
N LYS J 149 -24.32 16.80 -13.28
CA LYS J 149 -24.11 17.84 -14.27
C LYS J 149 -22.85 17.58 -15.11
N TYR J 150 -22.97 17.71 -16.42
CA TYR J 150 -21.77 17.66 -17.26
C TYR J 150 -20.97 18.96 -17.12
N LEU J 151 -19.69 18.85 -16.76
CA LEU J 151 -18.79 20.00 -16.70
C LEU J 151 -17.70 19.88 -17.76
N PRO J 152 -17.71 20.78 -18.74
CA PRO J 152 -16.73 20.60 -19.83
C PRO J 152 -15.29 20.95 -19.46
N THR J 153 -14.36 20.26 -20.10
CA THR J 153 -12.97 20.68 -20.10
C THR J 153 -12.71 21.45 -21.39
N LYS J 154 -12.48 22.76 -21.25
CA LYS J 154 -12.21 23.60 -22.42
C LYS J 154 -10.77 24.10 -22.44
N PRO J 155 -10.12 23.98 -23.60
CA PRO J 155 -8.78 24.52 -23.79
C PRO J 155 -8.69 25.98 -23.35
N PHE J 156 -7.63 26.33 -22.65
CA PHE J 156 -7.37 27.70 -22.27
C PHE J 156 -5.92 28.05 -22.59
C1 GOL K . 18.74 29.19 0.40
O1 GOL K . 18.85 28.93 -0.98
C2 GOL K . 18.13 30.57 0.64
O2 GOL K . 18.99 31.55 0.11
C3 GOL K . 16.80 30.66 -0.09
O3 GOL K . 15.88 31.38 0.70
C1 GOL L . 1.53 -34.70 6.73
O1 GOL L . 0.92 -33.53 6.22
C2 GOL L . 2.07 -34.52 8.15
O2 GOL L . 2.98 -35.56 8.40
C3 GOL L . 2.83 -33.21 8.30
O3 GOL L . 3.59 -33.23 9.49
C1 GOL M . -30.52 -13.95 -9.03
O1 GOL M . -30.22 -13.58 -10.36
C2 GOL M . -30.74 -15.46 -8.95
O2 GOL M . -32.09 -15.70 -8.60
C3 GOL M . -29.79 -16.08 -7.93
O3 GOL M . -30.36 -16.20 -6.63
C1 GOL N . -20.68 25.08 -12.84
O1 GOL N . -19.61 25.15 -13.77
C2 GOL N . -21.95 24.64 -13.57
O2 GOL N . -22.55 25.78 -14.14
C3 GOL N . -22.97 24.01 -12.62
O3 GOL N . -22.39 22.99 -11.84
#